data_2VFL
# 
_entry.id   2VFL 
# 
_audit_conform.dict_name       mmcif_pdbx.dic 
_audit_conform.dict_version    5.391 
_audit_conform.dict_location   http://mmcif.pdb.org/dictionaries/ascii/mmcif_pdbx.dic 
# 
loop_
_database_2.database_id 
_database_2.database_code 
_database_2.pdbx_database_accession 
_database_2.pdbx_DOI 
PDB   2VFL         pdb_00002vfl 10.2210/pdb2vfl/pdb 
PDBE  EBI-34342    ?            ?                   
WWPDB D_1290034342 ?            ?                   
# 
loop_
_pdbx_audit_revision_history.ordinal 
_pdbx_audit_revision_history.data_content_type 
_pdbx_audit_revision_history.major_revision 
_pdbx_audit_revision_history.minor_revision 
_pdbx_audit_revision_history.revision_date 
1 'Structure model' 1 0 2008-05-06 
2 'Structure model' 1 1 2011-05-08 
3 'Structure model' 1 2 2011-07-13 
4 'Structure model' 1 3 2024-05-01 
# 
_pdbx_audit_revision_details.ordinal             1 
_pdbx_audit_revision_details.revision_ordinal    1 
_pdbx_audit_revision_details.data_content_type   'Structure model' 
_pdbx_audit_revision_details.provider            repository 
_pdbx_audit_revision_details.type                'Initial release' 
_pdbx_audit_revision_details.description         ? 
_pdbx_audit_revision_details.details             ? 
# 
loop_
_pdbx_audit_revision_group.ordinal 
_pdbx_audit_revision_group.revision_ordinal 
_pdbx_audit_revision_group.data_content_type 
_pdbx_audit_revision_group.group 
1 2 'Structure model' 'Version format compliance' 
2 3 'Structure model' 'Version format compliance' 
3 4 'Structure model' 'Data collection'           
4 4 'Structure model' 'Database references'       
5 4 'Structure model' Other                       
6 4 'Structure model' 'Refinement description'    
# 
loop_
_pdbx_audit_revision_category.ordinal 
_pdbx_audit_revision_category.revision_ordinal 
_pdbx_audit_revision_category.data_content_type 
_pdbx_audit_revision_category.category 
1 4 'Structure model' chem_comp_atom                
2 4 'Structure model' chem_comp_bond                
3 4 'Structure model' database_2                    
4 4 'Structure model' pdbx_database_status          
5 4 'Structure model' pdbx_initial_refinement_model 
# 
loop_
_pdbx_audit_revision_item.ordinal 
_pdbx_audit_revision_item.revision_ordinal 
_pdbx_audit_revision_item.data_content_type 
_pdbx_audit_revision_item.item 
1 4 'Structure model' '_database_2.pdbx_DOI'                 
2 4 'Structure model' '_database_2.pdbx_database_accession'  
3 4 'Structure model' '_pdbx_database_status.status_code_sf' 
# 
_pdbx_database_status.status_code                     REL 
_pdbx_database_status.entry_id                        2VFL 
_pdbx_database_status.deposit_site                    PDBE 
_pdbx_database_status.process_site                    PDBE 
_pdbx_database_status.SG_entry                        . 
_pdbx_database_status.recvd_initial_deposition_date   2007-11-05 
_pdbx_database_status.pdb_format_compatible           Y 
_pdbx_database_status.status_code_sf                  REL 
_pdbx_database_status.status_code_mr                  ? 
_pdbx_database_status.status_code_cs                  ? 
_pdbx_database_status.methods_development_category    ? 
_pdbx_database_status.status_code_nmr_data            ? 
# 
loop_
_audit_author.name 
_audit_author.pdbx_ordinal 
'Gold, M.G.'  1 
'Smith, F.D.' 2 
'Scott, J.D.' 3 
'Barford, D.' 4 
# 
_citation.id                        primary 
_citation.title                     'Akap18 Contains a Phosphoesterase Domain that Binds AMP' 
_citation.journal_abbrev            J.Mol.Biol. 
_citation.journal_volume            375 
_citation.page_first                1329 
_citation.page_last                 ? 
_citation.year                      2008 
_citation.journal_id_ASTM           JMOBAK 
_citation.country                   UK 
_citation.journal_id_ISSN           0022-2836 
_citation.journal_id_CSD            0070 
_citation.book_publisher            ? 
_citation.pdbx_database_id_PubMed   18082768 
_citation.pdbx_database_id_DOI      10.1016/J.JMB.2007.11.037 
# 
loop_
_citation_author.citation_id 
_citation_author.name 
_citation_author.ordinal 
_citation_author.identifier_ORCID 
primary 'Gold, M.G.'  1 ? 
primary 'Smith, F.D.' 2 ? 
primary 'Scott, J.D.' 3 ? 
primary 'Barford, D.' 4 ? 
# 
loop_
_entity.id 
_entity.type 
_entity.src_method 
_entity.pdbx_description 
_entity.formula_weight 
_entity.pdbx_number_of_molecules 
_entity.pdbx_ec 
_entity.pdbx_mutation 
_entity.pdbx_fragment 
_entity.details 
1 polymer     man 'AKAP18 DELTA'              23226.936 1  ? ? 'RESIDUES 88-292' '2H PHOSPHOESTERASE DOMAIN' 
2 non-polymer syn "CYTIDINE-5'-MONOPHOSPHATE" 323.197   1  ? ? ?                 ?                           
3 water       nat water                       18.015    36 ? ? ?                 ?                           
# 
_entity_poly.entity_id                      1 
_entity_poly.type                           'polypeptide(L)' 
_entity_poly.nstd_linkage                   no 
_entity_poly.nstd_monomer                   no 
_entity_poly.pdbx_seq_one_letter_code       
;YQPNYFLSIPITNKKITAGIKVLQNSILRQDNRLTKAMVGDGSFHITLLVMQLLNEDEVNIGTDALLELKPFVEEILEGK
HLTLPFHGIGTFQGQVGFVKLADGDHVSALLEIAETAKRTFQEKGILAGESRTFKPHLTFMKLSKAPMLWKKGVRKIEPG
LYEQFIDHRFGEEILYQIDLCSMLKKKQSNGYYHCESSIVIGEKD
;
_entity_poly.pdbx_seq_one_letter_code_can   
;YQPNYFLSIPITNKKITAGIKVLQNSILRQDNRLTKAMVGDGSFHITLLVMQLLNEDEVNIGTDALLELKPFVEEILEGK
HLTLPFHGIGTFQGQVGFVKLADGDHVSALLEIAETAKRTFQEKGILAGESRTFKPHLTFMKLSKAPMLWKKGVRKIEPG
LYEQFIDHRFGEEILYQIDLCSMLKKKQSNGYYHCESSIVIGEKD
;
_entity_poly.pdbx_strand_id                 A 
_entity_poly.pdbx_target_identifier         ? 
# 
loop_
_pdbx_entity_nonpoly.entity_id 
_pdbx_entity_nonpoly.name 
_pdbx_entity_nonpoly.comp_id 
2 "CYTIDINE-5'-MONOPHOSPHATE" C5P 
3 water                       HOH 
# 
loop_
_entity_poly_seq.entity_id 
_entity_poly_seq.num 
_entity_poly_seq.mon_id 
_entity_poly_seq.hetero 
1 1   TYR n 
1 2   GLN n 
1 3   PRO n 
1 4   ASN n 
1 5   TYR n 
1 6   PHE n 
1 7   LEU n 
1 8   SER n 
1 9   ILE n 
1 10  PRO n 
1 11  ILE n 
1 12  THR n 
1 13  ASN n 
1 14  LYS n 
1 15  LYS n 
1 16  ILE n 
1 17  THR n 
1 18  ALA n 
1 19  GLY n 
1 20  ILE n 
1 21  LYS n 
1 22  VAL n 
1 23  LEU n 
1 24  GLN n 
1 25  ASN n 
1 26  SER n 
1 27  ILE n 
1 28  LEU n 
1 29  ARG n 
1 30  GLN n 
1 31  ASP n 
1 32  ASN n 
1 33  ARG n 
1 34  LEU n 
1 35  THR n 
1 36  LYS n 
1 37  ALA n 
1 38  MET n 
1 39  VAL n 
1 40  GLY n 
1 41  ASP n 
1 42  GLY n 
1 43  SER n 
1 44  PHE n 
1 45  HIS n 
1 46  ILE n 
1 47  THR n 
1 48  LEU n 
1 49  LEU n 
1 50  VAL n 
1 51  MET n 
1 52  GLN n 
1 53  LEU n 
1 54  LEU n 
1 55  ASN n 
1 56  GLU n 
1 57  ASP n 
1 58  GLU n 
1 59  VAL n 
1 60  ASN n 
1 61  ILE n 
1 62  GLY n 
1 63  THR n 
1 64  ASP n 
1 65  ALA n 
1 66  LEU n 
1 67  LEU n 
1 68  GLU n 
1 69  LEU n 
1 70  LYS n 
1 71  PRO n 
1 72  PHE n 
1 73  VAL n 
1 74  GLU n 
1 75  GLU n 
1 76  ILE n 
1 77  LEU n 
1 78  GLU n 
1 79  GLY n 
1 80  LYS n 
1 81  HIS n 
1 82  LEU n 
1 83  THR n 
1 84  LEU n 
1 85  PRO n 
1 86  PHE n 
1 87  HIS n 
1 88  GLY n 
1 89  ILE n 
1 90  GLY n 
1 91  THR n 
1 92  PHE n 
1 93  GLN n 
1 94  GLY n 
1 95  GLN n 
1 96  VAL n 
1 97  GLY n 
1 98  PHE n 
1 99  VAL n 
1 100 LYS n 
1 101 LEU n 
1 102 ALA n 
1 103 ASP n 
1 104 GLY n 
1 105 ASP n 
1 106 HIS n 
1 107 VAL n 
1 108 SER n 
1 109 ALA n 
1 110 LEU n 
1 111 LEU n 
1 112 GLU n 
1 113 ILE n 
1 114 ALA n 
1 115 GLU n 
1 116 THR n 
1 117 ALA n 
1 118 LYS n 
1 119 ARG n 
1 120 THR n 
1 121 PHE n 
1 122 GLN n 
1 123 GLU n 
1 124 LYS n 
1 125 GLY n 
1 126 ILE n 
1 127 LEU n 
1 128 ALA n 
1 129 GLY n 
1 130 GLU n 
1 131 SER n 
1 132 ARG n 
1 133 THR n 
1 134 PHE n 
1 135 LYS n 
1 136 PRO n 
1 137 HIS n 
1 138 LEU n 
1 139 THR n 
1 140 PHE n 
1 141 MET n 
1 142 LYS n 
1 143 LEU n 
1 144 SER n 
1 145 LYS n 
1 146 ALA n 
1 147 PRO n 
1 148 MET n 
1 149 LEU n 
1 150 TRP n 
1 151 LYS n 
1 152 LYS n 
1 153 GLY n 
1 154 VAL n 
1 155 ARG n 
1 156 LYS n 
1 157 ILE n 
1 158 GLU n 
1 159 PRO n 
1 160 GLY n 
1 161 LEU n 
1 162 TYR n 
1 163 GLU n 
1 164 GLN n 
1 165 PHE n 
1 166 ILE n 
1 167 ASP n 
1 168 HIS n 
1 169 ARG n 
1 170 PHE n 
1 171 GLY n 
1 172 GLU n 
1 173 GLU n 
1 174 ILE n 
1 175 LEU n 
1 176 TYR n 
1 177 GLN n 
1 178 ILE n 
1 179 ASP n 
1 180 LEU n 
1 181 CYS n 
1 182 SER n 
1 183 MET n 
1 184 LEU n 
1 185 LYS n 
1 186 LYS n 
1 187 LYS n 
1 188 GLN n 
1 189 SER n 
1 190 ASN n 
1 191 GLY n 
1 192 TYR n 
1 193 TYR n 
1 194 HIS n 
1 195 CYS n 
1 196 GLU n 
1 197 SER n 
1 198 SER n 
1 199 ILE n 
1 200 VAL n 
1 201 ILE n 
1 202 GLY n 
1 203 GLU n 
1 204 LYS n 
1 205 ASP n 
# 
_entity_src_gen.entity_id                          1 
_entity_src_gen.pdbx_src_id                        1 
_entity_src_gen.pdbx_alt_source_flag               sample 
_entity_src_gen.pdbx_seq_type                      ? 
_entity_src_gen.pdbx_beg_seq_num                   ? 
_entity_src_gen.pdbx_end_seq_num                   ? 
_entity_src_gen.gene_src_common_name               HUMAN 
_entity_src_gen.gene_src_genus                     ? 
_entity_src_gen.pdbx_gene_src_gene                 ? 
_entity_src_gen.gene_src_species                   ? 
_entity_src_gen.gene_src_strain                    ? 
_entity_src_gen.gene_src_tissue                    ? 
_entity_src_gen.gene_src_tissue_fraction           ? 
_entity_src_gen.gene_src_details                   ? 
_entity_src_gen.pdbx_gene_src_fragment             ? 
_entity_src_gen.pdbx_gene_src_scientific_name      'HOMO SAPIENS' 
_entity_src_gen.pdbx_gene_src_ncbi_taxonomy_id     9606 
_entity_src_gen.pdbx_gene_src_variant              ? 
_entity_src_gen.pdbx_gene_src_cell_line            ? 
_entity_src_gen.pdbx_gene_src_atcc                 ? 
_entity_src_gen.pdbx_gene_src_organ                ? 
_entity_src_gen.pdbx_gene_src_organelle            ? 
_entity_src_gen.pdbx_gene_src_cell                 ? 
_entity_src_gen.pdbx_gene_src_cellular_location    ? 
_entity_src_gen.host_org_common_name               ? 
_entity_src_gen.pdbx_host_org_scientific_name      'ESCHERICHIA COLI' 
_entity_src_gen.pdbx_host_org_ncbi_taxonomy_id     511693 
_entity_src_gen.host_org_genus                     ? 
_entity_src_gen.pdbx_host_org_gene                 ? 
_entity_src_gen.pdbx_host_org_organ                ? 
_entity_src_gen.host_org_species                   ? 
_entity_src_gen.pdbx_host_org_tissue               ? 
_entity_src_gen.pdbx_host_org_tissue_fraction      ? 
_entity_src_gen.pdbx_host_org_strain               BL21 
_entity_src_gen.pdbx_host_org_variant              ? 
_entity_src_gen.pdbx_host_org_cell_line            ? 
_entity_src_gen.pdbx_host_org_atcc                 ? 
_entity_src_gen.pdbx_host_org_culture_collection   ? 
_entity_src_gen.pdbx_host_org_cell                 ? 
_entity_src_gen.pdbx_host_org_organelle            ? 
_entity_src_gen.pdbx_host_org_cellular_location    ? 
_entity_src_gen.pdbx_host_org_vector_type          ? 
_entity_src_gen.pdbx_host_org_vector               ? 
_entity_src_gen.host_org_details                   ? 
_entity_src_gen.expression_system_id               ? 
_entity_src_gen.plasmid_name                       PGEX6P1 
_entity_src_gen.plasmid_details                    ? 
_entity_src_gen.pdbx_description                   ? 
# 
loop_
_chem_comp.id 
_chem_comp.type 
_chem_comp.mon_nstd_flag 
_chem_comp.name 
_chem_comp.pdbx_synonyms 
_chem_comp.formula 
_chem_comp.formula_weight 
ALA 'L-peptide linking' y ALANINE                     ? 'C3 H7 N O2'     89.093  
ARG 'L-peptide linking' y ARGININE                    ? 'C6 H15 N4 O2 1' 175.209 
ASN 'L-peptide linking' y ASPARAGINE                  ? 'C4 H8 N2 O3'    132.118 
ASP 'L-peptide linking' y 'ASPARTIC ACID'             ? 'C4 H7 N O4'     133.103 
C5P non-polymer         . "CYTIDINE-5'-MONOPHOSPHATE" ? 'C9 H14 N3 O8 P' 323.197 
CYS 'L-peptide linking' y CYSTEINE                    ? 'C3 H7 N O2 S'   121.158 
GLN 'L-peptide linking' y GLUTAMINE                   ? 'C5 H10 N2 O3'   146.144 
GLU 'L-peptide linking' y 'GLUTAMIC ACID'             ? 'C5 H9 N O4'     147.129 
GLY 'peptide linking'   y GLYCINE                     ? 'C2 H5 N O2'     75.067  
HIS 'L-peptide linking' y HISTIDINE                   ? 'C6 H10 N3 O2 1' 156.162 
HOH non-polymer         . WATER                       ? 'H2 O'           18.015  
ILE 'L-peptide linking' y ISOLEUCINE                  ? 'C6 H13 N O2'    131.173 
LEU 'L-peptide linking' y LEUCINE                     ? 'C6 H13 N O2'    131.173 
LYS 'L-peptide linking' y LYSINE                      ? 'C6 H15 N2 O2 1' 147.195 
MET 'L-peptide linking' y METHIONINE                  ? 'C5 H11 N O2 S'  149.211 
PHE 'L-peptide linking' y PHENYLALANINE               ? 'C9 H11 N O2'    165.189 
PRO 'L-peptide linking' y PROLINE                     ? 'C5 H9 N O2'     115.130 
SER 'L-peptide linking' y SERINE                      ? 'C3 H7 N O3'     105.093 
THR 'L-peptide linking' y THREONINE                   ? 'C4 H9 N O3'     119.119 
TRP 'L-peptide linking' y TRYPTOPHAN                  ? 'C11 H12 N2 O2'  204.225 
TYR 'L-peptide linking' y TYROSINE                    ? 'C9 H11 N O3'    181.189 
VAL 'L-peptide linking' y VALINE                      ? 'C5 H11 N O2'    117.146 
# 
loop_
_pdbx_poly_seq_scheme.asym_id 
_pdbx_poly_seq_scheme.entity_id 
_pdbx_poly_seq_scheme.seq_id 
_pdbx_poly_seq_scheme.mon_id 
_pdbx_poly_seq_scheme.ndb_seq_num 
_pdbx_poly_seq_scheme.pdb_seq_num 
_pdbx_poly_seq_scheme.auth_seq_num 
_pdbx_poly_seq_scheme.pdb_mon_id 
_pdbx_poly_seq_scheme.auth_mon_id 
_pdbx_poly_seq_scheme.pdb_strand_id 
_pdbx_poly_seq_scheme.pdb_ins_code 
_pdbx_poly_seq_scheme.hetero 
A 1 1   TYR 1   88  88  TYR TYR A . n 
A 1 2   GLN 2   89  89  GLN GLN A . n 
A 1 3   PRO 3   90  90  PRO PRO A . n 
A 1 4   ASN 4   91  91  ASN ASN A . n 
A 1 5   TYR 5   92  92  TYR TYR A . n 
A 1 6   PHE 6   93  93  PHE PHE A . n 
A 1 7   LEU 7   94  94  LEU LEU A . n 
A 1 8   SER 8   95  95  SER SER A . n 
A 1 9   ILE 9   96  96  ILE ILE A . n 
A 1 10  PRO 10  97  97  PRO PRO A . n 
A 1 11  ILE 11  98  98  ILE ILE A . n 
A 1 12  THR 12  99  99  THR THR A . n 
A 1 13  ASN 13  100 100 ASN ASN A . n 
A 1 14  LYS 14  101 101 LYS LYS A . n 
A 1 15  LYS 15  102 102 LYS LYS A . n 
A 1 16  ILE 16  103 103 ILE ILE A . n 
A 1 17  THR 17  104 104 THR THR A . n 
A 1 18  ALA 18  105 105 ALA ALA A . n 
A 1 19  GLY 19  106 106 GLY GLY A . n 
A 1 20  ILE 20  107 107 ILE ILE A . n 
A 1 21  LYS 21  108 108 LYS LYS A . n 
A 1 22  VAL 22  109 109 VAL VAL A . n 
A 1 23  LEU 23  110 110 LEU LEU A . n 
A 1 24  GLN 24  111 111 GLN GLN A . n 
A 1 25  ASN 25  112 112 ASN ASN A . n 
A 1 26  SER 26  113 113 SER SER A . n 
A 1 27  ILE 27  114 114 ILE ILE A . n 
A 1 28  LEU 28  115 115 LEU LEU A . n 
A 1 29  ARG 29  116 116 ARG ARG A . n 
A 1 30  GLN 30  117 117 GLN GLN A . n 
A 1 31  ASP 31  118 118 ASP ASP A . n 
A 1 32  ASN 32  119 119 ASN ASN A . n 
A 1 33  ARG 33  120 120 ARG ARG A . n 
A 1 34  LEU 34  121 121 LEU LEU A . n 
A 1 35  THR 35  122 122 THR THR A . n 
A 1 36  LYS 36  123 123 LYS LYS A . n 
A 1 37  ALA 37  124 124 ALA ALA A . n 
A 1 38  MET 38  125 125 MET MET A . n 
A 1 39  VAL 39  126 126 VAL VAL A . n 
A 1 40  GLY 40  127 127 GLY GLY A . n 
A 1 41  ASP 41  128 128 ASP ASP A . n 
A 1 42  GLY 42  129 129 GLY GLY A . n 
A 1 43  SER 43  130 130 SER SER A . n 
A 1 44  PHE 44  131 131 PHE PHE A . n 
A 1 45  HIS 45  132 132 HIS HIS A . n 
A 1 46  ILE 46  133 133 ILE ILE A . n 
A 1 47  THR 47  134 134 THR THR A . n 
A 1 48  LEU 48  135 135 LEU LEU A . n 
A 1 49  LEU 49  136 136 LEU LEU A . n 
A 1 50  VAL 50  137 137 VAL VAL A . n 
A 1 51  MET 51  138 138 MET MET A . n 
A 1 52  GLN 52  139 139 GLN GLN A . n 
A 1 53  LEU 53  140 140 LEU LEU A . n 
A 1 54  LEU 54  141 141 LEU LEU A . n 
A 1 55  ASN 55  142 142 ASN ASN A . n 
A 1 56  GLU 56  143 143 GLU GLU A . n 
A 1 57  ASP 57  144 144 ASP ASP A . n 
A 1 58  GLU 58  145 145 GLU GLU A . n 
A 1 59  VAL 59  146 146 VAL VAL A . n 
A 1 60  ASN 60  147 147 ASN ASN A . n 
A 1 61  ILE 61  148 148 ILE ILE A . n 
A 1 62  GLY 62  149 149 GLY GLY A . n 
A 1 63  THR 63  150 150 THR THR A . n 
A 1 64  ASP 64  151 151 ASP ASP A . n 
A 1 65  ALA 65  152 152 ALA ALA A . n 
A 1 66  LEU 66  153 153 LEU LEU A . n 
A 1 67  LEU 67  154 154 LEU LEU A . n 
A 1 68  GLU 68  155 155 GLU GLU A . n 
A 1 69  LEU 69  156 156 LEU LEU A . n 
A 1 70  LYS 70  157 157 LYS LYS A . n 
A 1 71  PRO 71  158 158 PRO PRO A . n 
A 1 72  PHE 72  159 159 PHE PHE A . n 
A 1 73  VAL 73  160 160 VAL VAL A . n 
A 1 74  GLU 74  161 161 GLU GLU A . n 
A 1 75  GLU 75  162 162 GLU GLU A . n 
A 1 76  ILE 76  163 163 ILE ILE A . n 
A 1 77  LEU 77  164 164 LEU LEU A . n 
A 1 78  GLU 78  165 165 GLU GLU A . n 
A 1 79  GLY 79  166 166 GLY GLY A . n 
A 1 80  LYS 80  167 167 LYS LYS A . n 
A 1 81  HIS 81  168 168 HIS HIS A . n 
A 1 82  LEU 82  169 169 LEU LEU A . n 
A 1 83  THR 83  170 170 THR THR A . n 
A 1 84  LEU 84  171 171 LEU LEU A . n 
A 1 85  PRO 85  172 172 PRO PRO A . n 
A 1 86  PHE 86  173 173 PHE PHE A . n 
A 1 87  HIS 87  174 174 HIS HIS A . n 
A 1 88  GLY 88  175 175 GLY GLY A . n 
A 1 89  ILE 89  176 176 ILE ILE A . n 
A 1 90  GLY 90  177 177 GLY GLY A . n 
A 1 91  THR 91  178 178 THR THR A . n 
A 1 92  PHE 92  179 179 PHE PHE A . n 
A 1 93  GLN 93  180 180 GLN GLN A . n 
A 1 94  GLY 94  181 181 GLY GLY A . n 
A 1 95  GLN 95  182 182 GLN GLN A . n 
A 1 96  VAL 96  183 183 VAL VAL A . n 
A 1 97  GLY 97  184 184 GLY GLY A . n 
A 1 98  PHE 98  185 185 PHE PHE A . n 
A 1 99  VAL 99  186 186 VAL VAL A . n 
A 1 100 LYS 100 187 187 LYS LYS A . n 
A 1 101 LEU 101 188 188 LEU LEU A . n 
A 1 102 ALA 102 189 189 ALA ALA A . n 
A 1 103 ASP 103 190 190 ASP ASP A . n 
A 1 104 GLY 104 191 191 GLY GLY A . n 
A 1 105 ASP 105 192 192 ASP ASP A . n 
A 1 106 HIS 106 193 193 HIS HIS A . n 
A 1 107 VAL 107 194 194 VAL VAL A . n 
A 1 108 SER 108 195 195 SER SER A . n 
A 1 109 ALA 109 196 196 ALA ALA A . n 
A 1 110 LEU 110 197 197 LEU LEU A . n 
A 1 111 LEU 111 198 198 LEU LEU A . n 
A 1 112 GLU 112 199 199 GLU GLU A . n 
A 1 113 ILE 113 200 200 ILE ILE A . n 
A 1 114 ALA 114 201 201 ALA ALA A . n 
A 1 115 GLU 115 202 202 GLU GLU A . n 
A 1 116 THR 116 203 203 THR THR A . n 
A 1 117 ALA 117 204 204 ALA ALA A . n 
A 1 118 LYS 118 205 205 LYS LYS A . n 
A 1 119 ARG 119 206 206 ARG ARG A . n 
A 1 120 THR 120 207 207 THR THR A . n 
A 1 121 PHE 121 208 208 PHE PHE A . n 
A 1 122 GLN 122 209 209 GLN GLN A . n 
A 1 123 GLU 123 210 210 GLU GLU A . n 
A 1 124 LYS 124 211 211 LYS LYS A . n 
A 1 125 GLY 125 212 212 GLY GLY A . n 
A 1 126 ILE 126 213 213 ILE ILE A . n 
A 1 127 LEU 127 214 214 LEU LEU A . n 
A 1 128 ALA 128 215 215 ALA ALA A . n 
A 1 129 GLY 129 216 216 GLY GLY A . n 
A 1 130 GLU 130 217 217 GLU GLU A . n 
A 1 131 SER 131 218 218 SER SER A . n 
A 1 132 ARG 132 219 219 ARG ARG A . n 
A 1 133 THR 133 220 220 THR THR A . n 
A 1 134 PHE 134 221 221 PHE PHE A . n 
A 1 135 LYS 135 222 222 LYS LYS A . n 
A 1 136 PRO 136 223 223 PRO PRO A . n 
A 1 137 HIS 137 224 224 HIS HIS A . n 
A 1 138 LEU 138 225 225 LEU LEU A . n 
A 1 139 THR 139 226 226 THR THR A . n 
A 1 140 PHE 140 227 227 PHE PHE A . n 
A 1 141 MET 141 228 228 MET MET A . n 
A 1 142 LYS 142 229 229 LYS LYS A . n 
A 1 143 LEU 143 230 230 LEU LEU A . n 
A 1 144 SER 144 231 231 SER SER A . n 
A 1 145 LYS 145 232 232 LYS LYS A . n 
A 1 146 ALA 146 233 233 ALA ALA A . n 
A 1 147 PRO 147 234 234 PRO PRO A . n 
A 1 148 MET 148 235 235 MET MET A . n 
A 1 149 LEU 149 236 236 LEU LEU A . n 
A 1 150 TRP 150 237 237 TRP TRP A . n 
A 1 151 LYS 151 238 238 LYS LYS A . n 
A 1 152 LYS 152 239 239 LYS LYS A . n 
A 1 153 GLY 153 240 240 GLY GLY A . n 
A 1 154 VAL 154 241 241 VAL VAL A . n 
A 1 155 ARG 155 242 242 ARG ARG A . n 
A 1 156 LYS 156 243 243 LYS LYS A . n 
A 1 157 ILE 157 244 244 ILE ILE A . n 
A 1 158 GLU 158 245 245 GLU GLU A . n 
A 1 159 PRO 159 246 246 PRO PRO A . n 
A 1 160 GLY 160 247 247 GLY GLY A . n 
A 1 161 LEU 161 248 248 LEU LEU A . n 
A 1 162 TYR 162 249 249 TYR TYR A . n 
A 1 163 GLU 163 250 250 GLU GLU A . n 
A 1 164 GLN 164 251 251 GLN GLN A . n 
A 1 165 PHE 165 252 252 PHE PHE A . n 
A 1 166 ILE 166 253 253 ILE ILE A . n 
A 1 167 ASP 167 254 254 ASP ASP A . n 
A 1 168 HIS 168 255 255 HIS HIS A . n 
A 1 169 ARG 169 256 256 ARG ARG A . n 
A 1 170 PHE 170 257 257 PHE PHE A . n 
A 1 171 GLY 171 258 258 GLY GLY A . n 
A 1 172 GLU 172 259 259 GLU GLU A . n 
A 1 173 GLU 173 260 260 GLU GLU A . n 
A 1 174 ILE 174 261 261 ILE ILE A . n 
A 1 175 LEU 175 262 262 LEU LEU A . n 
A 1 176 TYR 176 263 263 TYR TYR A . n 
A 1 177 GLN 177 264 264 GLN GLN A . n 
A 1 178 ILE 178 265 265 ILE ILE A . n 
A 1 179 ASP 179 266 266 ASP ASP A . n 
A 1 180 LEU 180 267 267 LEU LEU A . n 
A 1 181 CYS 181 268 268 CYS CYS A . n 
A 1 182 SER 182 269 269 SER SER A . n 
A 1 183 MET 183 270 270 MET MET A . n 
A 1 184 LEU 184 271 271 LEU LEU A . n 
A 1 185 LYS 185 272 272 LYS LYS A . n 
A 1 186 LYS 186 273 273 LYS LYS A . n 
A 1 187 LYS 187 274 274 LYS LYS A . n 
A 1 188 GLN 188 275 275 GLN GLN A . n 
A 1 189 SER 189 276 276 SER SER A . n 
A 1 190 ASN 190 277 277 ASN ASN A . n 
A 1 191 GLY 191 278 278 GLY GLY A . n 
A 1 192 TYR 192 279 279 TYR TYR A . n 
A 1 193 TYR 193 280 280 TYR TYR A . n 
A 1 194 HIS 194 281 281 HIS HIS A . n 
A 1 195 CYS 195 282 282 CYS CYS A . n 
A 1 196 GLU 196 283 283 GLU GLU A . n 
A 1 197 SER 197 284 284 SER SER A . n 
A 1 198 SER 198 285 285 SER SER A . n 
A 1 199 ILE 199 286 286 ILE ILE A . n 
A 1 200 VAL 200 287 287 VAL VAL A . n 
A 1 201 ILE 201 288 288 ILE ILE A . n 
A 1 202 GLY 202 289 289 GLY GLY A . n 
A 1 203 GLU 203 290 290 GLU GLU A . n 
A 1 204 LYS 204 291 291 LYS LYS A . n 
A 1 205 ASP 205 292 292 ASP ASP A . n 
# 
loop_
_pdbx_nonpoly_scheme.asym_id 
_pdbx_nonpoly_scheme.entity_id 
_pdbx_nonpoly_scheme.mon_id 
_pdbx_nonpoly_scheme.ndb_seq_num 
_pdbx_nonpoly_scheme.pdb_seq_num 
_pdbx_nonpoly_scheme.auth_seq_num 
_pdbx_nonpoly_scheme.pdb_mon_id 
_pdbx_nonpoly_scheme.auth_mon_id 
_pdbx_nonpoly_scheme.pdb_strand_id 
_pdbx_nonpoly_scheme.pdb_ins_code 
B 2 C5P 1  1293 1293 C5P C5P A . 
C 3 HOH 1  2001 2001 HOH HOH A . 
C 3 HOH 2  2002 2002 HOH HOH A . 
C 3 HOH 3  2003 2003 HOH HOH A . 
C 3 HOH 4  2004 2004 HOH HOH A . 
C 3 HOH 5  2005 2005 HOH HOH A . 
C 3 HOH 6  2006 2006 HOH HOH A . 
C 3 HOH 7  2007 2007 HOH HOH A . 
C 3 HOH 8  2008 2008 HOH HOH A . 
C 3 HOH 9  2009 2009 HOH HOH A . 
C 3 HOH 10 2010 2010 HOH HOH A . 
C 3 HOH 11 2011 2011 HOH HOH A . 
C 3 HOH 12 2012 2012 HOH HOH A . 
C 3 HOH 13 2013 2013 HOH HOH A . 
C 3 HOH 14 2014 2014 HOH HOH A . 
C 3 HOH 15 2015 2015 HOH HOH A . 
C 3 HOH 16 2016 2016 HOH HOH A . 
C 3 HOH 17 2017 2017 HOH HOH A . 
C 3 HOH 18 2018 2018 HOH HOH A . 
C 3 HOH 19 2019 2019 HOH HOH A . 
C 3 HOH 20 2020 2020 HOH HOH A . 
C 3 HOH 21 2021 2021 HOH HOH A . 
C 3 HOH 22 2022 2022 HOH HOH A . 
C 3 HOH 23 2023 2023 HOH HOH A . 
C 3 HOH 24 2024 2024 HOH HOH A . 
C 3 HOH 25 2025 2025 HOH HOH A . 
C 3 HOH 26 2026 2026 HOH HOH A . 
C 3 HOH 27 2027 2027 HOH HOH A . 
C 3 HOH 28 2028 2028 HOH HOH A . 
C 3 HOH 29 2029 2029 HOH HOH A . 
C 3 HOH 30 2030 2030 HOH HOH A . 
C 3 HOH 31 2031 2031 HOH HOH A . 
C 3 HOH 32 2032 2032 HOH HOH A . 
C 3 HOH 33 2033 2033 HOH HOH A . 
C 3 HOH 34 2034 2034 HOH HOH A . 
C 3 HOH 35 2035 2035 HOH HOH A . 
C 3 HOH 36 2036 2036 HOH HOH A . 
# 
loop_
_pdbx_unobs_or_zero_occ_atoms.id 
_pdbx_unobs_or_zero_occ_atoms.PDB_model_num 
_pdbx_unobs_or_zero_occ_atoms.polymer_flag 
_pdbx_unobs_or_zero_occ_atoms.occupancy_flag 
_pdbx_unobs_or_zero_occ_atoms.auth_asym_id 
_pdbx_unobs_or_zero_occ_atoms.auth_comp_id 
_pdbx_unobs_or_zero_occ_atoms.auth_seq_id 
_pdbx_unobs_or_zero_occ_atoms.PDB_ins_code 
_pdbx_unobs_or_zero_occ_atoms.auth_atom_id 
_pdbx_unobs_or_zero_occ_atoms.label_alt_id 
_pdbx_unobs_or_zero_occ_atoms.label_asym_id 
_pdbx_unobs_or_zero_occ_atoms.label_comp_id 
_pdbx_unobs_or_zero_occ_atoms.label_seq_id 
_pdbx_unobs_or_zero_occ_atoms.label_atom_id 
1  1 Y 1 A TRP 237 ? CG  ? A TRP 150 CG  
2  1 Y 1 A TRP 237 ? CD1 ? A TRP 150 CD1 
3  1 Y 1 A TRP 237 ? CD2 ? A TRP 150 CD2 
4  1 Y 1 A TRP 237 ? NE1 ? A TRP 150 NE1 
5  1 Y 1 A TRP 237 ? CE2 ? A TRP 150 CE2 
6  1 Y 1 A TRP 237 ? CE3 ? A TRP 150 CE3 
7  1 Y 1 A TRP 237 ? CZ2 ? A TRP 150 CZ2 
8  1 Y 1 A TRP 237 ? CZ3 ? A TRP 150 CZ3 
9  1 Y 1 A TRP 237 ? CH2 ? A TRP 150 CH2 
10 1 Y 1 A LYS 238 ? CG  ? A LYS 151 CG  
11 1 Y 1 A LYS 238 ? CD  ? A LYS 151 CD  
12 1 Y 1 A LYS 238 ? CE  ? A LYS 151 CE  
13 1 Y 1 A LYS 238 ? NZ  ? A LYS 151 NZ  
# 
loop_
_software.name 
_software.classification 
_software.version 
_software.citation_id 
_software.pdbx_ordinal 
REFMAC refinement       5.2.0019 ? 1 
MOSFLM 'data reduction' .        ? 2 
SCALA  'data scaling'   .        ? 3 
PHASER phasing          .        ? 4 
# 
_cell.entry_id           2VFL 
_cell.length_a           42.968 
_cell.length_b           42.968 
_cell.length_c           97.974 
_cell.angle_alpha        90.00 
_cell.angle_beta         90.00 
_cell.angle_gamma        120.00 
_cell.Z_PDB              3 
_cell.pdbx_unique_axis   ? 
# 
_symmetry.entry_id                         2VFL 
_symmetry.space_group_name_H-M             'P 31' 
_symmetry.pdbx_full_space_group_name_H-M   ? 
_symmetry.cell_setting                     ? 
_symmetry.Int_Tables_number                144 
# 
_exptl.entry_id          2VFL 
_exptl.method            'X-RAY DIFFRACTION' 
_exptl.crystals_number   1 
# 
_exptl_crystal.id                    1 
_exptl_crystal.density_meas          ? 
_exptl_crystal.density_Matthews      2.1 
_exptl_crystal.density_percent_sol   42 
_exptl_crystal.description           NONE 
# 
_exptl_crystal_grow.crystal_id      1 
_exptl_crystal_grow.method          ? 
_exptl_crystal_grow.temp            ? 
_exptl_crystal_grow.temp_details    ? 
_exptl_crystal_grow.pH              7.5 
_exptl_crystal_grow.pdbx_pH_range   ? 
_exptl_crystal_grow.pdbx_details    '0.1 M TRIS HCL PH 8, 10 % PEG 8K, 7 MM DTT' 
# 
_diffrn.id                     1 
_diffrn.ambient_temp           100 
_diffrn.ambient_temp_details   ? 
_diffrn.crystal_id             1 
# 
_diffrn_detector.diffrn_id              1 
_diffrn_detector.detector               CCD 
_diffrn_detector.type                   'ADSC CCD' 
_diffrn_detector.pdbx_collection_date   2005-11-30 
_diffrn_detector.details                MIRRORS 
# 
_diffrn_radiation.diffrn_id                        1 
_diffrn_radiation.wavelength_id                    1 
_diffrn_radiation.pdbx_monochromatic_or_laue_m_l   M 
_diffrn_radiation.monochromator                    SILICON 
_diffrn_radiation.pdbx_diffrn_protocol             'SINGLE WAVELENGTH' 
_diffrn_radiation.pdbx_scattering_type             x-ray 
# 
_diffrn_radiation_wavelength.id           1 
_diffrn_radiation_wavelength.wavelength   0.9794 
_diffrn_radiation_wavelength.wt           1.0 
# 
_diffrn_source.diffrn_id                   1 
_diffrn_source.source                      SYNCHROTRON 
_diffrn_source.type                        'ESRF BEAMLINE ID14-3' 
_diffrn_source.pdbx_synchrotron_site       ESRF 
_diffrn_source.pdbx_synchrotron_beamline   ID14-3 
_diffrn_source.pdbx_wavelength             0.9794 
_diffrn_source.pdbx_wavelength_list        ? 
# 
_reflns.pdbx_diffrn_id               1 
_reflns.pdbx_ordinal                 1 
_reflns.entry_id                     2VFL 
_reflns.observed_criterion_sigma_I   2.5 
_reflns.observed_criterion_sigma_F   ? 
_reflns.d_resolution_low             98.06 
_reflns.d_resolution_high            2.25 
_reflns.number_obs                   9559 
_reflns.number_all                   ? 
_reflns.percent_possible_obs         99.5 
_reflns.pdbx_Rmerge_I_obs            0.09 
_reflns.pdbx_Rsym_value              ? 
_reflns.pdbx_netI_over_sigmaI        13.60 
_reflns.B_iso_Wilson_estimate        ? 
_reflns.pdbx_redundancy              4.1 
# 
_reflns_shell.pdbx_diffrn_id         1 
_reflns_shell.pdbx_ordinal           1 
_reflns_shell.d_res_high             2.25 
_reflns_shell.d_res_low              2.31 
_reflns_shell.percent_possible_all   98.4 
_reflns_shell.Rmerge_I_obs           0.30 
_reflns_shell.pdbx_Rsym_value        ? 
_reflns_shell.meanI_over_sigI_obs    5.20 
_reflns_shell.pdbx_redundancy        3.9 
# 
_refine.pdbx_refine_id                           'X-RAY DIFFRACTION' 
_refine.entry_id                                 2VFL 
_refine.pdbx_diffrn_id                           1 
_refine.pdbx_TLS_residual_ADP_flag               ? 
_refine.ls_number_reflns_obs                     9095 
_refine.ls_number_reflns_all                     ? 
_refine.pdbx_ls_sigma_I                          ? 
_refine.pdbx_ls_sigma_F                          ? 
_refine.pdbx_data_cutoff_high_absF               ? 
_refine.pdbx_data_cutoff_low_absF                ? 
_refine.pdbx_data_cutoff_high_rms_absF           ? 
_refine.ls_d_res_low                             98.06 
_refine.ls_d_res_high                            2.25 
_refine.ls_percent_reflns_obs                    99.3 
_refine.ls_R_factor_obs                          0.226 
_refine.ls_R_factor_all                          ? 
_refine.ls_R_factor_R_work                       0.225 
_refine.ls_R_factor_R_free                       0.262 
_refine.ls_R_factor_R_free_error                 ? 
_refine.ls_R_factor_R_free_error_details         ? 
_refine.ls_percent_reflns_R_free                 4.800 
_refine.ls_number_reflns_R_free                  460 
_refine.ls_number_parameters                     ? 
_refine.ls_number_restraints                     ? 
_refine.occupancy_min                            ? 
_refine.occupancy_max                            ? 
_refine.correlation_coeff_Fo_to_Fc               0.916 
_refine.correlation_coeff_Fo_to_Fc_free          0.881 
_refine.B_iso_mean                               19.26 
_refine.aniso_B[1][1]                            0.66000 
_refine.aniso_B[2][2]                            0.66000 
_refine.aniso_B[3][3]                            -0.99000 
_refine.aniso_B[1][2]                            0.33000 
_refine.aniso_B[1][3]                            0.00000 
_refine.aniso_B[2][3]                            0.00000 
_refine.solvent_model_details                    MASK 
_refine.solvent_model_param_ksol                 ? 
_refine.solvent_model_param_bsol                 ? 
_refine.pdbx_solvent_vdw_probe_radii             1.40 
_refine.pdbx_solvent_ion_probe_radii             0.80 
_refine.pdbx_solvent_shrinkage_radii             0.80 
_refine.pdbx_ls_cross_valid_method               THROUGHOUT 
_refine.details                                  'HYDROGENS HAVE BEEN ADDED IN THE RIDING POSITIONS.' 
_refine.pdbx_starting_model                      'APO STRUCTURE' 
_refine.pdbx_method_to_determine_struct          'MOLECULAR REPLACEMENT' 
_refine.pdbx_isotropic_thermal_model             ? 
_refine.pdbx_stereochemistry_target_values       'MAXIMUM LIKELIHOOD' 
_refine.pdbx_stereochem_target_val_spec_case     ? 
_refine.pdbx_R_Free_selection_details            RANDOM 
_refine.pdbx_overall_ESU_R                       0.437 
_refine.pdbx_overall_ESU_R_Free                  0.258 
_refine.overall_SU_ML                            0.195 
_refine.pdbx_overall_phase_error                 ? 
_refine.overall_SU_B                             15.727 
_refine.overall_SU_R_Cruickshank_DPI             ? 
_refine.pdbx_overall_SU_R_free_Cruickshank_DPI   ? 
_refine.pdbx_overall_SU_R_Blow_DPI               ? 
_refine.pdbx_overall_SU_R_free_Blow_DPI          ? 
# 
_refine_hist.pdbx_refine_id                   'X-RAY DIFFRACTION' 
_refine_hist.cycle_id                         LAST 
_refine_hist.pdbx_number_atoms_protein        1620 
_refine_hist.pdbx_number_atoms_nucleic_acid   0 
_refine_hist.pdbx_number_atoms_ligand         21 
_refine_hist.number_atoms_solvent             36 
_refine_hist.number_atoms_total               1677 
_refine_hist.d_res_high                       2.25 
_refine_hist.d_res_low                        98.06 
# 
loop_
_refine_ls_restr.type 
_refine_ls_restr.dev_ideal 
_refine_ls_restr.dev_ideal_target 
_refine_ls_restr.weight 
_refine_ls_restr.number 
_refine_ls_restr.pdbx_refine_id 
_refine_ls_restr.pdbx_restraint_function 
r_bond_refined_d             0.015  0.022  ? 1686 'X-RAY DIFFRACTION' ? 
r_bond_other_d               ?      ?      ? ?    'X-RAY DIFFRACTION' ? 
r_angle_refined_deg          1.721  1.993  ? 2274 'X-RAY DIFFRACTION' ? 
r_angle_other_deg            ?      ?      ? ?    'X-RAY DIFFRACTION' ? 
r_dihedral_angle_1_deg       6.297  5.000  ? 208  'X-RAY DIFFRACTION' ? 
r_dihedral_angle_2_deg       31.357 25.000 ? 72   'X-RAY DIFFRACTION' ? 
r_dihedral_angle_3_deg       14.212 15.000 ? 319  'X-RAY DIFFRACTION' ? 
r_dihedral_angle_4_deg       24.386 15.000 ? 6    'X-RAY DIFFRACTION' ? 
r_chiral_restr               0.132  0.200  ? 257  'X-RAY DIFFRACTION' ? 
r_gen_planes_refined         0.005  0.020  ? 1230 'X-RAY DIFFRACTION' ? 
r_gen_planes_other           ?      ?      ? ?    'X-RAY DIFFRACTION' ? 
r_nbd_refined                0.193  0.200  ? 713  'X-RAY DIFFRACTION' ? 
r_nbd_other                  ?      ?      ? ?    'X-RAY DIFFRACTION' ? 
r_nbtor_refined              0.302  0.200  ? 1149 'X-RAY DIFFRACTION' ? 
r_nbtor_other                ?      ?      ? ?    'X-RAY DIFFRACTION' ? 
r_xyhbond_nbd_refined        0.141  0.200  ? 59   'X-RAY DIFFRACTION' ? 
r_xyhbond_nbd_other          ?      ?      ? ?    'X-RAY DIFFRACTION' ? 
r_metal_ion_refined          ?      ?      ? ?    'X-RAY DIFFRACTION' ? 
r_metal_ion_other            ?      ?      ? ?    'X-RAY DIFFRACTION' ? 
r_symmetry_vdw_refined       0.295  0.200  ? 40   'X-RAY DIFFRACTION' ? 
r_symmetry_vdw_other         ?      ?      ? ?    'X-RAY DIFFRACTION' ? 
r_symmetry_hbond_refined     0.151  0.200  ? 8    'X-RAY DIFFRACTION' ? 
r_symmetry_hbond_other       ?      ?      ? ?    'X-RAY DIFFRACTION' ? 
r_symmetry_metal_ion_refined ?      ?      ? ?    'X-RAY DIFFRACTION' ? 
r_symmetry_metal_ion_other   ?      ?      ? ?    'X-RAY DIFFRACTION' ? 
r_mcbond_it                  0.703  1.500  ? 1073 'X-RAY DIFFRACTION' ? 
r_mcbond_other               ?      ?      ? ?    'X-RAY DIFFRACTION' ? 
r_mcangle_it                 1.145  2.000  ? 1651 'X-RAY DIFFRACTION' ? 
r_mcangle_other              ?      ?      ? ?    'X-RAY DIFFRACTION' ? 
r_scbond_it                  1.622  3.000  ? 702  'X-RAY DIFFRACTION' ? 
r_scbond_other               ?      ?      ? ?    'X-RAY DIFFRACTION' ? 
r_scangle_it                 2.490  4.500  ? 622  'X-RAY DIFFRACTION' ? 
r_scangle_other              ?      ?      ? ?    'X-RAY DIFFRACTION' ? 
r_long_range_B_refined       ?      ?      ? ?    'X-RAY DIFFRACTION' ? 
r_long_range_B_other         ?      ?      ? ?    'X-RAY DIFFRACTION' ? 
r_rigid_bond_restr           ?      ?      ? ?    'X-RAY DIFFRACTION' ? 
r_sphericity_free            ?      ?      ? ?    'X-RAY DIFFRACTION' ? 
r_sphericity_bonded          ?      ?      ? ?    'X-RAY DIFFRACTION' ? 
# 
_refine_ls_shell.pdbx_refine_id                   'X-RAY DIFFRACTION' 
_refine_ls_shell.pdbx_total_number_of_bins_used   20 
_refine_ls_shell.d_res_high                       2.25 
_refine_ls_shell.d_res_low                        2.31 
_refine_ls_shell.number_reflns_R_work             637 
_refine_ls_shell.R_factor_R_work                  0.2680 
_refine_ls_shell.percent_reflns_obs               ? 
_refine_ls_shell.R_factor_R_free                  0.3830 
_refine_ls_shell.R_factor_R_free_error            ? 
_refine_ls_shell.percent_reflns_R_free            ? 
_refine_ls_shell.number_reflns_R_free             36 
_refine_ls_shell.number_reflns_all                ? 
_refine_ls_shell.R_factor_all                     ? 
# 
_struct.entry_id                  2VFL 
_struct.title                     'AKAP18 delta central domain - CMP' 
_struct.pdbx_model_details        ? 
_struct.pdbx_CASP_flag            ? 
_struct.pdbx_model_type_details   ? 
# 
_struct_keywords.entry_id        2VFL 
_struct_keywords.pdbx_keywords   HYDROLASE 
_struct_keywords.text            'APO, HYDROLASE, PHOSPHOESTERASE, CAMP, AKAP, PKA, SCAFFOLD, CMP' 
# 
loop_
_struct_asym.id 
_struct_asym.pdbx_blank_PDB_chainid_flag 
_struct_asym.pdbx_modified 
_struct_asym.entity_id 
_struct_asym.details 
A N N 1 ? 
B N N 2 ? 
C N N 3 ? 
# 
_struct_ref.id                         1 
_struct_ref.db_name                    PDB 
_struct_ref.db_code                    2VFL 
_struct_ref.entity_id                  1 
_struct_ref.pdbx_seq_one_letter_code   ? 
_struct_ref.pdbx_align_begin           ? 
_struct_ref.pdbx_db_accession          2VFL 
_struct_ref.pdbx_db_isoform            ? 
# 
_struct_ref_seq.align_id                      1 
_struct_ref_seq.ref_id                        1 
_struct_ref_seq.pdbx_PDB_id_code              2VFL 
_struct_ref_seq.pdbx_strand_id                A 
_struct_ref_seq.seq_align_beg                 1 
_struct_ref_seq.pdbx_seq_align_beg_ins_code   ? 
_struct_ref_seq.seq_align_end                 205 
_struct_ref_seq.pdbx_seq_align_end_ins_code   ? 
_struct_ref_seq.pdbx_db_accession             2VFL 
_struct_ref_seq.db_align_beg                  88 
_struct_ref_seq.pdbx_db_align_beg_ins_code    ? 
_struct_ref_seq.db_align_end                  292 
_struct_ref_seq.pdbx_db_align_end_ins_code    ? 
_struct_ref_seq.pdbx_auth_seq_align_beg       88 
_struct_ref_seq.pdbx_auth_seq_align_end       292 
# 
_pdbx_struct_assembly.id                   1 
_pdbx_struct_assembly.details              author_and_software_defined_assembly 
_pdbx_struct_assembly.method_details       PQS 
_pdbx_struct_assembly.oligomeric_details   monomeric 
_pdbx_struct_assembly.oligomeric_count     1 
# 
_pdbx_struct_assembly_gen.assembly_id       1 
_pdbx_struct_assembly_gen.oper_expression   1 
_pdbx_struct_assembly_gen.asym_id_list      A,B,C 
# 
_pdbx_struct_oper_list.id                   1 
_pdbx_struct_oper_list.type                 'identity operation' 
_pdbx_struct_oper_list.name                 1_555 
_pdbx_struct_oper_list.symmetry_operation   x,y,z 
_pdbx_struct_oper_list.matrix[1][1]         1.0000000000 
_pdbx_struct_oper_list.matrix[1][2]         0.0000000000 
_pdbx_struct_oper_list.matrix[1][3]         0.0000000000 
_pdbx_struct_oper_list.vector[1]            0.0000000000 
_pdbx_struct_oper_list.matrix[2][1]         0.0000000000 
_pdbx_struct_oper_list.matrix[2][2]         1.0000000000 
_pdbx_struct_oper_list.matrix[2][3]         0.0000000000 
_pdbx_struct_oper_list.vector[2]            0.0000000000 
_pdbx_struct_oper_list.matrix[3][1]         0.0000000000 
_pdbx_struct_oper_list.matrix[3][2]         0.0000000000 
_pdbx_struct_oper_list.matrix[3][3]         1.0000000000 
_pdbx_struct_oper_list.vector[3]            0.0000000000 
# 
_struct_biol.id   1 
# 
loop_
_struct_conf.conf_type_id 
_struct_conf.id 
_struct_conf.pdbx_PDB_helix_id 
_struct_conf.beg_label_comp_id 
_struct_conf.beg_label_asym_id 
_struct_conf.beg_label_seq_id 
_struct_conf.pdbx_beg_PDB_ins_code 
_struct_conf.end_label_comp_id 
_struct_conf.end_label_asym_id 
_struct_conf.end_label_seq_id 
_struct_conf.pdbx_end_PDB_ins_code 
_struct_conf.beg_auth_comp_id 
_struct_conf.beg_auth_asym_id 
_struct_conf.beg_auth_seq_id 
_struct_conf.end_auth_comp_id 
_struct_conf.end_auth_asym_id 
_struct_conf.end_auth_seq_id 
_struct_conf.pdbx_PDB_helix_class 
_struct_conf.details 
_struct_conf.pdbx_PDB_helix_length 
HELX_P HELX_P1 1 ASN A 13  ? ASP A 31  ? ASN A 100 ASP A 118 1 ? 19 
HELX_P HELX_P2 2 ASN A 32  ? ALA A 37  ? ASN A 119 ALA A 124 5 ? 6  
HELX_P HELX_P3 3 ASN A 55  ? GLU A 78  ? ASN A 142 GLU A 165 1 ? 24 
HELX_P HELX_P4 4 ASP A 105 ? GLU A 123 ? ASP A 192 GLU A 210 1 ? 19 
HELX_P HELX_P5 5 ALA A 146 ? LYS A 152 ? ALA A 233 LYS A 239 1 ? 7  
HELX_P HELX_P6 6 GLU A 158 ? TYR A 162 ? GLU A 245 TYR A 249 5 ? 5  
HELX_P HELX_P7 7 TYR A 162 ? ILE A 166 ? TYR A 249 ILE A 253 5 ? 5  
# 
_struct_conf_type.id          HELX_P 
_struct_conf_type.criteria    ? 
_struct_conf_type.reference   ? 
# 
loop_
_struct_sheet.id 
_struct_sheet.type 
_struct_sheet.number_strands 
_struct_sheet.details 
AA ? 4 ? 
AB ? 4 ? 
# 
loop_
_struct_sheet_order.sheet_id 
_struct_sheet_order.range_id_1 
_struct_sheet_order.range_id_2 
_struct_sheet_order.offset 
_struct_sheet_order.sense 
AA 1 2 ? anti-parallel 
AA 2 3 ? anti-parallel 
AA 3 4 ? anti-parallel 
AB 1 2 ? anti-parallel 
AB 2 3 ? anti-parallel 
AB 3 4 ? anti-parallel 
# 
loop_
_struct_sheet_range.sheet_id 
_struct_sheet_range.id 
_struct_sheet_range.beg_label_comp_id 
_struct_sheet_range.beg_label_asym_id 
_struct_sheet_range.beg_label_seq_id 
_struct_sheet_range.pdbx_beg_PDB_ins_code 
_struct_sheet_range.end_label_comp_id 
_struct_sheet_range.end_label_asym_id 
_struct_sheet_range.end_label_seq_id 
_struct_sheet_range.pdbx_end_PDB_ins_code 
_struct_sheet_range.beg_auth_comp_id 
_struct_sheet_range.beg_auth_asym_id 
_struct_sheet_range.beg_auth_seq_id 
_struct_sheet_range.end_auth_comp_id 
_struct_sheet_range.end_auth_asym_id 
_struct_sheet_range.end_auth_seq_id 
AA 1 HIS A 45  ? MET A 51  ? HIS A 132 MET A 138 
AA 2 TYR A 5   ? PRO A 10  ? TYR A 92  PRO A 97  
AA 3 GLN A 177 ? SER A 182 ? GLN A 264 SER A 269 
AA 4 HIS A 194 ? VAL A 200 ? HIS A 281 VAL A 287 
AB 1 HIS A 137 ? LYS A 142 ? HIS A 224 LYS A 229 
AB 2 VAL A 96  ? LEU A 101 ? VAL A 183 LEU A 188 
AB 3 THR A 83  ? PHE A 92  ? THR A 170 PHE A 179 
AB 4 ARG A 169 ? ILE A 174 ? ARG A 256 ILE A 261 
# 
loop_
_pdbx_struct_sheet_hbond.sheet_id 
_pdbx_struct_sheet_hbond.range_id_1 
_pdbx_struct_sheet_hbond.range_id_2 
_pdbx_struct_sheet_hbond.range_1_label_atom_id 
_pdbx_struct_sheet_hbond.range_1_label_comp_id 
_pdbx_struct_sheet_hbond.range_1_label_asym_id 
_pdbx_struct_sheet_hbond.range_1_label_seq_id 
_pdbx_struct_sheet_hbond.range_1_PDB_ins_code 
_pdbx_struct_sheet_hbond.range_1_auth_atom_id 
_pdbx_struct_sheet_hbond.range_1_auth_comp_id 
_pdbx_struct_sheet_hbond.range_1_auth_asym_id 
_pdbx_struct_sheet_hbond.range_1_auth_seq_id 
_pdbx_struct_sheet_hbond.range_2_label_atom_id 
_pdbx_struct_sheet_hbond.range_2_label_comp_id 
_pdbx_struct_sheet_hbond.range_2_label_asym_id 
_pdbx_struct_sheet_hbond.range_2_label_seq_id 
_pdbx_struct_sheet_hbond.range_2_PDB_ins_code 
_pdbx_struct_sheet_hbond.range_2_auth_atom_id 
_pdbx_struct_sheet_hbond.range_2_auth_comp_id 
_pdbx_struct_sheet_hbond.range_2_auth_asym_id 
_pdbx_struct_sheet_hbond.range_2_auth_seq_id 
AA 1 2 N MET A 51  ? N MET A 138 O TYR A 5   ? O TYR A 92  
AA 2 3 N SER A 8   ? N SER A 95  O ASP A 179 ? O ASP A 266 
AA 3 4 N SER A 182 ? N SER A 269 O HIS A 194 ? O HIS A 281 
AB 1 2 N PHE A 140 ? N PHE A 227 O GLY A 97  ? O GLY A 184 
AB 2 3 O LYS A 100 ? O LYS A 187 N HIS A 87  ? N HIS A 174 
AB 3 4 O PHE A 86  ? O PHE A 173 N PHE A 170 ? N PHE A 257 
# 
_struct_site.id                   AC1 
_struct_site.pdbx_evidence_code   Software 
_struct_site.pdbx_auth_asym_id    ? 
_struct_site.pdbx_auth_comp_id    ? 
_struct_site.pdbx_auth_seq_id     ? 
_struct_site.pdbx_auth_ins_code   ? 
_struct_site.pdbx_num_residues    9 
_struct_site.details              'BINDING SITE FOR RESIDUE C5P A1293' 
# 
loop_
_struct_site_gen.id 
_struct_site_gen.site_id 
_struct_site_gen.pdbx_num_res 
_struct_site_gen.label_comp_id 
_struct_site_gen.label_asym_id 
_struct_site_gen.label_seq_id 
_struct_site_gen.pdbx_auth_ins_code 
_struct_site_gen.auth_comp_id 
_struct_site_gen.auth_asym_id 
_struct_site_gen.auth_seq_id 
_struct_site_gen.label_atom_id 
_struct_site_gen.label_alt_id 
_struct_site_gen.symmetry 
_struct_site_gen.details 
1 AC1 9 THR A 47  ? THR A 134  . ? 1_555 ? 
2 AC1 9 PHE A 92  ? PHE A 179  . ? 1_555 ? 
3 AC1 9 VAL A 96  ? VAL A 183  . ? 1_555 ? 
4 AC1 9 ARG A 132 ? ARG A 219  . ? 1_555 ? 
5 AC1 9 HIS A 137 ? HIS A 224  . ? 1_555 ? 
6 AC1 9 THR A 139 ? THR A 226  . ? 1_555 ? 
7 AC1 9 LYS A 204 ? LYS A 291  . ? 1_555 ? 
8 AC1 9 HOH C .   ? HOH A 2021 . ? 1_555 ? 
9 AC1 9 HOH C .   ? HOH A 2036 . ? 1_555 ? 
# 
loop_
_pdbx_validate_chiral.id 
_pdbx_validate_chiral.PDB_model_num 
_pdbx_validate_chiral.auth_atom_id 
_pdbx_validate_chiral.label_alt_id 
_pdbx_validate_chiral.auth_asym_id 
_pdbx_validate_chiral.auth_comp_id 
_pdbx_validate_chiral.auth_seq_id 
_pdbx_validate_chiral.PDB_ins_code 
_pdbx_validate_chiral.details 
_pdbx_validate_chiral.omega 
1 1 "C4'" ? A C5P 1293 ? 'WRONG HAND' . 
2 1 "C1'" ? A C5P 1293 ? 'WRONG HAND' . 
# 
loop_
_chem_comp_atom.comp_id 
_chem_comp_atom.atom_id 
_chem_comp_atom.type_symbol 
_chem_comp_atom.pdbx_aromatic_flag 
_chem_comp_atom.pdbx_stereo_config 
_chem_comp_atom.pdbx_ordinal 
ALA N      N N N 1   
ALA CA     C N S 2   
ALA C      C N N 3   
ALA O      O N N 4   
ALA CB     C N N 5   
ALA OXT    O N N 6   
ALA H      H N N 7   
ALA H2     H N N 8   
ALA HA     H N N 9   
ALA HB1    H N N 10  
ALA HB2    H N N 11  
ALA HB3    H N N 12  
ALA HXT    H N N 13  
ARG N      N N N 14  
ARG CA     C N S 15  
ARG C      C N N 16  
ARG O      O N N 17  
ARG CB     C N N 18  
ARG CG     C N N 19  
ARG CD     C N N 20  
ARG NE     N N N 21  
ARG CZ     C N N 22  
ARG NH1    N N N 23  
ARG NH2    N N N 24  
ARG OXT    O N N 25  
ARG H      H N N 26  
ARG H2     H N N 27  
ARG HA     H N N 28  
ARG HB2    H N N 29  
ARG HB3    H N N 30  
ARG HG2    H N N 31  
ARG HG3    H N N 32  
ARG HD2    H N N 33  
ARG HD3    H N N 34  
ARG HE     H N N 35  
ARG HH11   H N N 36  
ARG HH12   H N N 37  
ARG HH21   H N N 38  
ARG HH22   H N N 39  
ARG HXT    H N N 40  
ASN N      N N N 41  
ASN CA     C N S 42  
ASN C      C N N 43  
ASN O      O N N 44  
ASN CB     C N N 45  
ASN CG     C N N 46  
ASN OD1    O N N 47  
ASN ND2    N N N 48  
ASN OXT    O N N 49  
ASN H      H N N 50  
ASN H2     H N N 51  
ASN HA     H N N 52  
ASN HB2    H N N 53  
ASN HB3    H N N 54  
ASN HD21   H N N 55  
ASN HD22   H N N 56  
ASN HXT    H N N 57  
ASP N      N N N 58  
ASP CA     C N S 59  
ASP C      C N N 60  
ASP O      O N N 61  
ASP CB     C N N 62  
ASP CG     C N N 63  
ASP OD1    O N N 64  
ASP OD2    O N N 65  
ASP OXT    O N N 66  
ASP H      H N N 67  
ASP H2     H N N 68  
ASP HA     H N N 69  
ASP HB2    H N N 70  
ASP HB3    H N N 71  
ASP HD2    H N N 72  
ASP HXT    H N N 73  
C5P O3P    O N N 74  
C5P P      P N N 75  
C5P O1P    O N N 76  
C5P O2P    O N N 77  
C5P "O5'"  O N N 78  
C5P "C5'"  C N N 79  
C5P "C4'"  C N R 80  
C5P "O4'"  O N N 81  
C5P "C3'"  C N S 82  
C5P "O3'"  O N N 83  
C5P "C2'"  C N R 84  
C5P "O2'"  O N N 85  
C5P "C1'"  C N R 86  
C5P N1     N N N 87  
C5P C2     C N N 88  
C5P N3     N N N 89  
C5P C4     C N N 90  
C5P C5     C N N 91  
C5P C6     C N N 92  
C5P O2     O N N 93  
C5P N4     N N N 94  
C5P HOP3   H N N 95  
C5P HOP2   H N N 96  
C5P "H5'1" H N N 97  
C5P "H5'2" H N N 98  
C5P "H4'"  H N N 99  
C5P "H3'"  H N N 100 
C5P "HO3'" H N N 101 
C5P "H2'1" H N N 102 
C5P "HO2'" H N N 103 
C5P "H1'"  H N N 104 
C5P H5     H N N 105 
C5P H6     H N N 106 
C5P HN41   H N N 107 
C5P HN42   H N N 108 
CYS N      N N N 109 
CYS CA     C N R 110 
CYS C      C N N 111 
CYS O      O N N 112 
CYS CB     C N N 113 
CYS SG     S N N 114 
CYS OXT    O N N 115 
CYS H      H N N 116 
CYS H2     H N N 117 
CYS HA     H N N 118 
CYS HB2    H N N 119 
CYS HB3    H N N 120 
CYS HG     H N N 121 
CYS HXT    H N N 122 
GLN N      N N N 123 
GLN CA     C N S 124 
GLN C      C N N 125 
GLN O      O N N 126 
GLN CB     C N N 127 
GLN CG     C N N 128 
GLN CD     C N N 129 
GLN OE1    O N N 130 
GLN NE2    N N N 131 
GLN OXT    O N N 132 
GLN H      H N N 133 
GLN H2     H N N 134 
GLN HA     H N N 135 
GLN HB2    H N N 136 
GLN HB3    H N N 137 
GLN HG2    H N N 138 
GLN HG3    H N N 139 
GLN HE21   H N N 140 
GLN HE22   H N N 141 
GLN HXT    H N N 142 
GLU N      N N N 143 
GLU CA     C N S 144 
GLU C      C N N 145 
GLU O      O N N 146 
GLU CB     C N N 147 
GLU CG     C N N 148 
GLU CD     C N N 149 
GLU OE1    O N N 150 
GLU OE2    O N N 151 
GLU OXT    O N N 152 
GLU H      H N N 153 
GLU H2     H N N 154 
GLU HA     H N N 155 
GLU HB2    H N N 156 
GLU HB3    H N N 157 
GLU HG2    H N N 158 
GLU HG3    H N N 159 
GLU HE2    H N N 160 
GLU HXT    H N N 161 
GLY N      N N N 162 
GLY CA     C N N 163 
GLY C      C N N 164 
GLY O      O N N 165 
GLY OXT    O N N 166 
GLY H      H N N 167 
GLY H2     H N N 168 
GLY HA2    H N N 169 
GLY HA3    H N N 170 
GLY HXT    H N N 171 
HIS N      N N N 172 
HIS CA     C N S 173 
HIS C      C N N 174 
HIS O      O N N 175 
HIS CB     C N N 176 
HIS CG     C Y N 177 
HIS ND1    N Y N 178 
HIS CD2    C Y N 179 
HIS CE1    C Y N 180 
HIS NE2    N Y N 181 
HIS OXT    O N N 182 
HIS H      H N N 183 
HIS H2     H N N 184 
HIS HA     H N N 185 
HIS HB2    H N N 186 
HIS HB3    H N N 187 
HIS HD1    H N N 188 
HIS HD2    H N N 189 
HIS HE1    H N N 190 
HIS HE2    H N N 191 
HIS HXT    H N N 192 
HOH O      O N N 193 
HOH H1     H N N 194 
HOH H2     H N N 195 
ILE N      N N N 196 
ILE CA     C N S 197 
ILE C      C N N 198 
ILE O      O N N 199 
ILE CB     C N S 200 
ILE CG1    C N N 201 
ILE CG2    C N N 202 
ILE CD1    C N N 203 
ILE OXT    O N N 204 
ILE H      H N N 205 
ILE H2     H N N 206 
ILE HA     H N N 207 
ILE HB     H N N 208 
ILE HG12   H N N 209 
ILE HG13   H N N 210 
ILE HG21   H N N 211 
ILE HG22   H N N 212 
ILE HG23   H N N 213 
ILE HD11   H N N 214 
ILE HD12   H N N 215 
ILE HD13   H N N 216 
ILE HXT    H N N 217 
LEU N      N N N 218 
LEU CA     C N S 219 
LEU C      C N N 220 
LEU O      O N N 221 
LEU CB     C N N 222 
LEU CG     C N N 223 
LEU CD1    C N N 224 
LEU CD2    C N N 225 
LEU OXT    O N N 226 
LEU H      H N N 227 
LEU H2     H N N 228 
LEU HA     H N N 229 
LEU HB2    H N N 230 
LEU HB3    H N N 231 
LEU HG     H N N 232 
LEU HD11   H N N 233 
LEU HD12   H N N 234 
LEU HD13   H N N 235 
LEU HD21   H N N 236 
LEU HD22   H N N 237 
LEU HD23   H N N 238 
LEU HXT    H N N 239 
LYS N      N N N 240 
LYS CA     C N S 241 
LYS C      C N N 242 
LYS O      O N N 243 
LYS CB     C N N 244 
LYS CG     C N N 245 
LYS CD     C N N 246 
LYS CE     C N N 247 
LYS NZ     N N N 248 
LYS OXT    O N N 249 
LYS H      H N N 250 
LYS H2     H N N 251 
LYS HA     H N N 252 
LYS HB2    H N N 253 
LYS HB3    H N N 254 
LYS HG2    H N N 255 
LYS HG3    H N N 256 
LYS HD2    H N N 257 
LYS HD3    H N N 258 
LYS HE2    H N N 259 
LYS HE3    H N N 260 
LYS HZ1    H N N 261 
LYS HZ2    H N N 262 
LYS HZ3    H N N 263 
LYS HXT    H N N 264 
MET N      N N N 265 
MET CA     C N S 266 
MET C      C N N 267 
MET O      O N N 268 
MET CB     C N N 269 
MET CG     C N N 270 
MET SD     S N N 271 
MET CE     C N N 272 
MET OXT    O N N 273 
MET H      H N N 274 
MET H2     H N N 275 
MET HA     H N N 276 
MET HB2    H N N 277 
MET HB3    H N N 278 
MET HG2    H N N 279 
MET HG3    H N N 280 
MET HE1    H N N 281 
MET HE2    H N N 282 
MET HE3    H N N 283 
MET HXT    H N N 284 
PHE N      N N N 285 
PHE CA     C N S 286 
PHE C      C N N 287 
PHE O      O N N 288 
PHE CB     C N N 289 
PHE CG     C Y N 290 
PHE CD1    C Y N 291 
PHE CD2    C Y N 292 
PHE CE1    C Y N 293 
PHE CE2    C Y N 294 
PHE CZ     C Y N 295 
PHE OXT    O N N 296 
PHE H      H N N 297 
PHE H2     H N N 298 
PHE HA     H N N 299 
PHE HB2    H N N 300 
PHE HB3    H N N 301 
PHE HD1    H N N 302 
PHE HD2    H N N 303 
PHE HE1    H N N 304 
PHE HE2    H N N 305 
PHE HZ     H N N 306 
PHE HXT    H N N 307 
PRO N      N N N 308 
PRO CA     C N S 309 
PRO C      C N N 310 
PRO O      O N N 311 
PRO CB     C N N 312 
PRO CG     C N N 313 
PRO CD     C N N 314 
PRO OXT    O N N 315 
PRO H      H N N 316 
PRO HA     H N N 317 
PRO HB2    H N N 318 
PRO HB3    H N N 319 
PRO HG2    H N N 320 
PRO HG3    H N N 321 
PRO HD2    H N N 322 
PRO HD3    H N N 323 
PRO HXT    H N N 324 
SER N      N N N 325 
SER CA     C N S 326 
SER C      C N N 327 
SER O      O N N 328 
SER CB     C N N 329 
SER OG     O N N 330 
SER OXT    O N N 331 
SER H      H N N 332 
SER H2     H N N 333 
SER HA     H N N 334 
SER HB2    H N N 335 
SER HB3    H N N 336 
SER HG     H N N 337 
SER HXT    H N N 338 
THR N      N N N 339 
THR CA     C N S 340 
THR C      C N N 341 
THR O      O N N 342 
THR CB     C N R 343 
THR OG1    O N N 344 
THR CG2    C N N 345 
THR OXT    O N N 346 
THR H      H N N 347 
THR H2     H N N 348 
THR HA     H N N 349 
THR HB     H N N 350 
THR HG1    H N N 351 
THR HG21   H N N 352 
THR HG22   H N N 353 
THR HG23   H N N 354 
THR HXT    H N N 355 
TRP N      N N N 356 
TRP CA     C N S 357 
TRP C      C N N 358 
TRP O      O N N 359 
TRP CB     C N N 360 
TRP CG     C Y N 361 
TRP CD1    C Y N 362 
TRP CD2    C Y N 363 
TRP NE1    N Y N 364 
TRP CE2    C Y N 365 
TRP CE3    C Y N 366 
TRP CZ2    C Y N 367 
TRP CZ3    C Y N 368 
TRP CH2    C Y N 369 
TRP OXT    O N N 370 
TRP H      H N N 371 
TRP H2     H N N 372 
TRP HA     H N N 373 
TRP HB2    H N N 374 
TRP HB3    H N N 375 
TRP HD1    H N N 376 
TRP HE1    H N N 377 
TRP HE3    H N N 378 
TRP HZ2    H N N 379 
TRP HZ3    H N N 380 
TRP HH2    H N N 381 
TRP HXT    H N N 382 
TYR N      N N N 383 
TYR CA     C N S 384 
TYR C      C N N 385 
TYR O      O N N 386 
TYR CB     C N N 387 
TYR CG     C Y N 388 
TYR CD1    C Y N 389 
TYR CD2    C Y N 390 
TYR CE1    C Y N 391 
TYR CE2    C Y N 392 
TYR CZ     C Y N 393 
TYR OH     O N N 394 
TYR OXT    O N N 395 
TYR H      H N N 396 
TYR H2     H N N 397 
TYR HA     H N N 398 
TYR HB2    H N N 399 
TYR HB3    H N N 400 
TYR HD1    H N N 401 
TYR HD2    H N N 402 
TYR HE1    H N N 403 
TYR HE2    H N N 404 
TYR HH     H N N 405 
TYR HXT    H N N 406 
VAL N      N N N 407 
VAL CA     C N S 408 
VAL C      C N N 409 
VAL O      O N N 410 
VAL CB     C N N 411 
VAL CG1    C N N 412 
VAL CG2    C N N 413 
VAL OXT    O N N 414 
VAL H      H N N 415 
VAL H2     H N N 416 
VAL HA     H N N 417 
VAL HB     H N N 418 
VAL HG11   H N N 419 
VAL HG12   H N N 420 
VAL HG13   H N N 421 
VAL HG21   H N N 422 
VAL HG22   H N N 423 
VAL HG23   H N N 424 
VAL HXT    H N N 425 
# 
loop_
_chem_comp_bond.comp_id 
_chem_comp_bond.atom_id_1 
_chem_comp_bond.atom_id_2 
_chem_comp_bond.value_order 
_chem_comp_bond.pdbx_aromatic_flag 
_chem_comp_bond.pdbx_stereo_config 
_chem_comp_bond.pdbx_ordinal 
ALA N     CA     sing N N 1   
ALA N     H      sing N N 2   
ALA N     H2     sing N N 3   
ALA CA    C      sing N N 4   
ALA CA    CB     sing N N 5   
ALA CA    HA     sing N N 6   
ALA C     O      doub N N 7   
ALA C     OXT    sing N N 8   
ALA CB    HB1    sing N N 9   
ALA CB    HB2    sing N N 10  
ALA CB    HB3    sing N N 11  
ALA OXT   HXT    sing N N 12  
ARG N     CA     sing N N 13  
ARG N     H      sing N N 14  
ARG N     H2     sing N N 15  
ARG CA    C      sing N N 16  
ARG CA    CB     sing N N 17  
ARG CA    HA     sing N N 18  
ARG C     O      doub N N 19  
ARG C     OXT    sing N N 20  
ARG CB    CG     sing N N 21  
ARG CB    HB2    sing N N 22  
ARG CB    HB3    sing N N 23  
ARG CG    CD     sing N N 24  
ARG CG    HG2    sing N N 25  
ARG CG    HG3    sing N N 26  
ARG CD    NE     sing N N 27  
ARG CD    HD2    sing N N 28  
ARG CD    HD3    sing N N 29  
ARG NE    CZ     sing N N 30  
ARG NE    HE     sing N N 31  
ARG CZ    NH1    sing N N 32  
ARG CZ    NH2    doub N N 33  
ARG NH1   HH11   sing N N 34  
ARG NH1   HH12   sing N N 35  
ARG NH2   HH21   sing N N 36  
ARG NH2   HH22   sing N N 37  
ARG OXT   HXT    sing N N 38  
ASN N     CA     sing N N 39  
ASN N     H      sing N N 40  
ASN N     H2     sing N N 41  
ASN CA    C      sing N N 42  
ASN CA    CB     sing N N 43  
ASN CA    HA     sing N N 44  
ASN C     O      doub N N 45  
ASN C     OXT    sing N N 46  
ASN CB    CG     sing N N 47  
ASN CB    HB2    sing N N 48  
ASN CB    HB3    sing N N 49  
ASN CG    OD1    doub N N 50  
ASN CG    ND2    sing N N 51  
ASN ND2   HD21   sing N N 52  
ASN ND2   HD22   sing N N 53  
ASN OXT   HXT    sing N N 54  
ASP N     CA     sing N N 55  
ASP N     H      sing N N 56  
ASP N     H2     sing N N 57  
ASP CA    C      sing N N 58  
ASP CA    CB     sing N N 59  
ASP CA    HA     sing N N 60  
ASP C     O      doub N N 61  
ASP C     OXT    sing N N 62  
ASP CB    CG     sing N N 63  
ASP CB    HB2    sing N N 64  
ASP CB    HB3    sing N N 65  
ASP CG    OD1    doub N N 66  
ASP CG    OD2    sing N N 67  
ASP OD2   HD2    sing N N 68  
ASP OXT   HXT    sing N N 69  
C5P O3P   P      sing N N 70  
C5P O3P   HOP3   sing N N 71  
C5P P     O1P    doub N N 72  
C5P P     O2P    sing N N 73  
C5P P     "O5'"  sing N N 74  
C5P O2P   HOP2   sing N N 75  
C5P "O5'" "C5'"  sing N N 76  
C5P "C5'" "C4'"  sing N N 77  
C5P "C5'" "H5'1" sing N N 78  
C5P "C5'" "H5'2" sing N N 79  
C5P "C4'" "O4'"  sing N N 80  
C5P "C4'" "C3'"  sing N N 81  
C5P "C4'" "H4'"  sing N N 82  
C5P "O4'" "C1'"  sing N N 83  
C5P "C3'" "O3'"  sing N N 84  
C5P "C3'" "C2'"  sing N N 85  
C5P "C3'" "H3'"  sing N N 86  
C5P "O3'" "HO3'" sing N N 87  
C5P "C2'" "O2'"  sing N N 88  
C5P "C2'" "C1'"  sing N N 89  
C5P "C2'" "H2'1" sing N N 90  
C5P "O2'" "HO2'" sing N N 91  
C5P "C1'" N1     sing N N 92  
C5P "C1'" "H1'"  sing N N 93  
C5P N1    C2     sing N N 94  
C5P N1    C6     sing N N 95  
C5P C2    N3     sing N N 96  
C5P C2    O2     doub N N 97  
C5P N3    C4     doub N N 98  
C5P C4    C5     sing N N 99  
C5P C4    N4     sing N N 100 
C5P C5    C6     doub N N 101 
C5P C5    H5     sing N N 102 
C5P C6    H6     sing N N 103 
C5P N4    HN41   sing N N 104 
C5P N4    HN42   sing N N 105 
CYS N     CA     sing N N 106 
CYS N     H      sing N N 107 
CYS N     H2     sing N N 108 
CYS CA    C      sing N N 109 
CYS CA    CB     sing N N 110 
CYS CA    HA     sing N N 111 
CYS C     O      doub N N 112 
CYS C     OXT    sing N N 113 
CYS CB    SG     sing N N 114 
CYS CB    HB2    sing N N 115 
CYS CB    HB3    sing N N 116 
CYS SG    HG     sing N N 117 
CYS OXT   HXT    sing N N 118 
GLN N     CA     sing N N 119 
GLN N     H      sing N N 120 
GLN N     H2     sing N N 121 
GLN CA    C      sing N N 122 
GLN CA    CB     sing N N 123 
GLN CA    HA     sing N N 124 
GLN C     O      doub N N 125 
GLN C     OXT    sing N N 126 
GLN CB    CG     sing N N 127 
GLN CB    HB2    sing N N 128 
GLN CB    HB3    sing N N 129 
GLN CG    CD     sing N N 130 
GLN CG    HG2    sing N N 131 
GLN CG    HG3    sing N N 132 
GLN CD    OE1    doub N N 133 
GLN CD    NE2    sing N N 134 
GLN NE2   HE21   sing N N 135 
GLN NE2   HE22   sing N N 136 
GLN OXT   HXT    sing N N 137 
GLU N     CA     sing N N 138 
GLU N     H      sing N N 139 
GLU N     H2     sing N N 140 
GLU CA    C      sing N N 141 
GLU CA    CB     sing N N 142 
GLU CA    HA     sing N N 143 
GLU C     O      doub N N 144 
GLU C     OXT    sing N N 145 
GLU CB    CG     sing N N 146 
GLU CB    HB2    sing N N 147 
GLU CB    HB3    sing N N 148 
GLU CG    CD     sing N N 149 
GLU CG    HG2    sing N N 150 
GLU CG    HG3    sing N N 151 
GLU CD    OE1    doub N N 152 
GLU CD    OE2    sing N N 153 
GLU OE2   HE2    sing N N 154 
GLU OXT   HXT    sing N N 155 
GLY N     CA     sing N N 156 
GLY N     H      sing N N 157 
GLY N     H2     sing N N 158 
GLY CA    C      sing N N 159 
GLY CA    HA2    sing N N 160 
GLY CA    HA3    sing N N 161 
GLY C     O      doub N N 162 
GLY C     OXT    sing N N 163 
GLY OXT   HXT    sing N N 164 
HIS N     CA     sing N N 165 
HIS N     H      sing N N 166 
HIS N     H2     sing N N 167 
HIS CA    C      sing N N 168 
HIS CA    CB     sing N N 169 
HIS CA    HA     sing N N 170 
HIS C     O      doub N N 171 
HIS C     OXT    sing N N 172 
HIS CB    CG     sing N N 173 
HIS CB    HB2    sing N N 174 
HIS CB    HB3    sing N N 175 
HIS CG    ND1    sing Y N 176 
HIS CG    CD2    doub Y N 177 
HIS ND1   CE1    doub Y N 178 
HIS ND1   HD1    sing N N 179 
HIS CD2   NE2    sing Y N 180 
HIS CD2   HD2    sing N N 181 
HIS CE1   NE2    sing Y N 182 
HIS CE1   HE1    sing N N 183 
HIS NE2   HE2    sing N N 184 
HIS OXT   HXT    sing N N 185 
HOH O     H1     sing N N 186 
HOH O     H2     sing N N 187 
ILE N     CA     sing N N 188 
ILE N     H      sing N N 189 
ILE N     H2     sing N N 190 
ILE CA    C      sing N N 191 
ILE CA    CB     sing N N 192 
ILE CA    HA     sing N N 193 
ILE C     O      doub N N 194 
ILE C     OXT    sing N N 195 
ILE CB    CG1    sing N N 196 
ILE CB    CG2    sing N N 197 
ILE CB    HB     sing N N 198 
ILE CG1   CD1    sing N N 199 
ILE CG1   HG12   sing N N 200 
ILE CG1   HG13   sing N N 201 
ILE CG2   HG21   sing N N 202 
ILE CG2   HG22   sing N N 203 
ILE CG2   HG23   sing N N 204 
ILE CD1   HD11   sing N N 205 
ILE CD1   HD12   sing N N 206 
ILE CD1   HD13   sing N N 207 
ILE OXT   HXT    sing N N 208 
LEU N     CA     sing N N 209 
LEU N     H      sing N N 210 
LEU N     H2     sing N N 211 
LEU CA    C      sing N N 212 
LEU CA    CB     sing N N 213 
LEU CA    HA     sing N N 214 
LEU C     O      doub N N 215 
LEU C     OXT    sing N N 216 
LEU CB    CG     sing N N 217 
LEU CB    HB2    sing N N 218 
LEU CB    HB3    sing N N 219 
LEU CG    CD1    sing N N 220 
LEU CG    CD2    sing N N 221 
LEU CG    HG     sing N N 222 
LEU CD1   HD11   sing N N 223 
LEU CD1   HD12   sing N N 224 
LEU CD1   HD13   sing N N 225 
LEU CD2   HD21   sing N N 226 
LEU CD2   HD22   sing N N 227 
LEU CD2   HD23   sing N N 228 
LEU OXT   HXT    sing N N 229 
LYS N     CA     sing N N 230 
LYS N     H      sing N N 231 
LYS N     H2     sing N N 232 
LYS CA    C      sing N N 233 
LYS CA    CB     sing N N 234 
LYS CA    HA     sing N N 235 
LYS C     O      doub N N 236 
LYS C     OXT    sing N N 237 
LYS CB    CG     sing N N 238 
LYS CB    HB2    sing N N 239 
LYS CB    HB3    sing N N 240 
LYS CG    CD     sing N N 241 
LYS CG    HG2    sing N N 242 
LYS CG    HG3    sing N N 243 
LYS CD    CE     sing N N 244 
LYS CD    HD2    sing N N 245 
LYS CD    HD3    sing N N 246 
LYS CE    NZ     sing N N 247 
LYS CE    HE2    sing N N 248 
LYS CE    HE3    sing N N 249 
LYS NZ    HZ1    sing N N 250 
LYS NZ    HZ2    sing N N 251 
LYS NZ    HZ3    sing N N 252 
LYS OXT   HXT    sing N N 253 
MET N     CA     sing N N 254 
MET N     H      sing N N 255 
MET N     H2     sing N N 256 
MET CA    C      sing N N 257 
MET CA    CB     sing N N 258 
MET CA    HA     sing N N 259 
MET C     O      doub N N 260 
MET C     OXT    sing N N 261 
MET CB    CG     sing N N 262 
MET CB    HB2    sing N N 263 
MET CB    HB3    sing N N 264 
MET CG    SD     sing N N 265 
MET CG    HG2    sing N N 266 
MET CG    HG3    sing N N 267 
MET SD    CE     sing N N 268 
MET CE    HE1    sing N N 269 
MET CE    HE2    sing N N 270 
MET CE    HE3    sing N N 271 
MET OXT   HXT    sing N N 272 
PHE N     CA     sing N N 273 
PHE N     H      sing N N 274 
PHE N     H2     sing N N 275 
PHE CA    C      sing N N 276 
PHE CA    CB     sing N N 277 
PHE CA    HA     sing N N 278 
PHE C     O      doub N N 279 
PHE C     OXT    sing N N 280 
PHE CB    CG     sing N N 281 
PHE CB    HB2    sing N N 282 
PHE CB    HB3    sing N N 283 
PHE CG    CD1    doub Y N 284 
PHE CG    CD2    sing Y N 285 
PHE CD1   CE1    sing Y N 286 
PHE CD1   HD1    sing N N 287 
PHE CD2   CE2    doub Y N 288 
PHE CD2   HD2    sing N N 289 
PHE CE1   CZ     doub Y N 290 
PHE CE1   HE1    sing N N 291 
PHE CE2   CZ     sing Y N 292 
PHE CE2   HE2    sing N N 293 
PHE CZ    HZ     sing N N 294 
PHE OXT   HXT    sing N N 295 
PRO N     CA     sing N N 296 
PRO N     CD     sing N N 297 
PRO N     H      sing N N 298 
PRO CA    C      sing N N 299 
PRO CA    CB     sing N N 300 
PRO CA    HA     sing N N 301 
PRO C     O      doub N N 302 
PRO C     OXT    sing N N 303 
PRO CB    CG     sing N N 304 
PRO CB    HB2    sing N N 305 
PRO CB    HB3    sing N N 306 
PRO CG    CD     sing N N 307 
PRO CG    HG2    sing N N 308 
PRO CG    HG3    sing N N 309 
PRO CD    HD2    sing N N 310 
PRO CD    HD3    sing N N 311 
PRO OXT   HXT    sing N N 312 
SER N     CA     sing N N 313 
SER N     H      sing N N 314 
SER N     H2     sing N N 315 
SER CA    C      sing N N 316 
SER CA    CB     sing N N 317 
SER CA    HA     sing N N 318 
SER C     O      doub N N 319 
SER C     OXT    sing N N 320 
SER CB    OG     sing N N 321 
SER CB    HB2    sing N N 322 
SER CB    HB3    sing N N 323 
SER OG    HG     sing N N 324 
SER OXT   HXT    sing N N 325 
THR N     CA     sing N N 326 
THR N     H      sing N N 327 
THR N     H2     sing N N 328 
THR CA    C      sing N N 329 
THR CA    CB     sing N N 330 
THR CA    HA     sing N N 331 
THR C     O      doub N N 332 
THR C     OXT    sing N N 333 
THR CB    OG1    sing N N 334 
THR CB    CG2    sing N N 335 
THR CB    HB     sing N N 336 
THR OG1   HG1    sing N N 337 
THR CG2   HG21   sing N N 338 
THR CG2   HG22   sing N N 339 
THR CG2   HG23   sing N N 340 
THR OXT   HXT    sing N N 341 
TRP N     CA     sing N N 342 
TRP N     H      sing N N 343 
TRP N     H2     sing N N 344 
TRP CA    C      sing N N 345 
TRP CA    CB     sing N N 346 
TRP CA    HA     sing N N 347 
TRP C     O      doub N N 348 
TRP C     OXT    sing N N 349 
TRP CB    CG     sing N N 350 
TRP CB    HB2    sing N N 351 
TRP CB    HB3    sing N N 352 
TRP CG    CD1    doub Y N 353 
TRP CG    CD2    sing Y N 354 
TRP CD1   NE1    sing Y N 355 
TRP CD1   HD1    sing N N 356 
TRP CD2   CE2    doub Y N 357 
TRP CD2   CE3    sing Y N 358 
TRP NE1   CE2    sing Y N 359 
TRP NE1   HE1    sing N N 360 
TRP CE2   CZ2    sing Y N 361 
TRP CE3   CZ3    doub Y N 362 
TRP CE3   HE3    sing N N 363 
TRP CZ2   CH2    doub Y N 364 
TRP CZ2   HZ2    sing N N 365 
TRP CZ3   CH2    sing Y N 366 
TRP CZ3   HZ3    sing N N 367 
TRP CH2   HH2    sing N N 368 
TRP OXT   HXT    sing N N 369 
TYR N     CA     sing N N 370 
TYR N     H      sing N N 371 
TYR N     H2     sing N N 372 
TYR CA    C      sing N N 373 
TYR CA    CB     sing N N 374 
TYR CA    HA     sing N N 375 
TYR C     O      doub N N 376 
TYR C     OXT    sing N N 377 
TYR CB    CG     sing N N 378 
TYR CB    HB2    sing N N 379 
TYR CB    HB3    sing N N 380 
TYR CG    CD1    doub Y N 381 
TYR CG    CD2    sing Y N 382 
TYR CD1   CE1    sing Y N 383 
TYR CD1   HD1    sing N N 384 
TYR CD2   CE2    doub Y N 385 
TYR CD2   HD2    sing N N 386 
TYR CE1   CZ     doub Y N 387 
TYR CE1   HE1    sing N N 388 
TYR CE2   CZ     sing Y N 389 
TYR CE2   HE2    sing N N 390 
TYR CZ    OH     sing N N 391 
TYR OH    HH     sing N N 392 
TYR OXT   HXT    sing N N 393 
VAL N     CA     sing N N 394 
VAL N     H      sing N N 395 
VAL N     H2     sing N N 396 
VAL CA    C      sing N N 397 
VAL CA    CB     sing N N 398 
VAL CA    HA     sing N N 399 
VAL C     O      doub N N 400 
VAL C     OXT    sing N N 401 
VAL CB    CG1    sing N N 402 
VAL CB    CG2    sing N N 403 
VAL CB    HB     sing N N 404 
VAL CG1   HG11   sing N N 405 
VAL CG1   HG12   sing N N 406 
VAL CG1   HG13   sing N N 407 
VAL CG2   HG21   sing N N 408 
VAL CG2   HG22   sing N N 409 
VAL CG2   HG23   sing N N 410 
VAL OXT   HXT    sing N N 411 
# 
_pdbx_initial_refinement_model.accession_code   ? 
_pdbx_initial_refinement_model.id               1 
_pdbx_initial_refinement_model.entity_id_list   ? 
_pdbx_initial_refinement_model.type             other 
_pdbx_initial_refinement_model.source_name      ? 
_pdbx_initial_refinement_model.details          'APO STRUCTURE' 
# 
_atom_sites.entry_id                    2VFL 
_atom_sites.fract_transf_matrix[1][1]   -0.01846599 
_atom_sites.fract_transf_matrix[1][2]   -0.00964853 
_atom_sites.fract_transf_matrix[1][3]   0.01697347 
_atom_sites.fract_transf_matrix[2][1]   0.00764682 
_atom_sites.fract_transf_matrix[2][2]   -0.01154614 
_atom_sites.fract_transf_matrix[2][3]   0.02302979 
_atom_sites.fract_transf_matrix[3][1]   -0.00042801 
_atom_sites.fract_transf_matrix[3][2]   0.00905879 
_atom_sites.fract_transf_matrix[3][3]   0.00468380 
_atom_sites.fract_transf_vector[1]      0.315339 
_atom_sites.fract_transf_vector[2]      -0.502266 
_atom_sites.fract_transf_vector[3]      0.055533 
# 
loop_
_atom_type.symbol 
C 
N 
O 
P 
S 
# 
loop_
_atom_site.group_PDB 
_atom_site.id 
_atom_site.type_symbol 
_atom_site.label_atom_id 
_atom_site.label_alt_id 
_atom_site.label_comp_id 
_atom_site.label_asym_id 
_atom_site.label_entity_id 
_atom_site.label_seq_id 
_atom_site.pdbx_PDB_ins_code 
_atom_site.Cartn_x 
_atom_site.Cartn_y 
_atom_site.Cartn_z 
_atom_site.occupancy 
_atom_site.B_iso_or_equiv 
_atom_site.pdbx_formal_charge 
_atom_site.auth_seq_id 
_atom_site.auth_comp_id 
_atom_site.auth_asym_id 
_atom_site.auth_atom_id 
_atom_site.pdbx_PDB_model_num 
ATOM   1    N N     . TYR A 1 1   ? 14.824  -5.338  -11.011 1.00 14.04 ? 88   TYR A N     1 
ATOM   2    C CA    . TYR A 1 1   ? 15.231  -6.067  -9.749  1.00 13.49 ? 88   TYR A CA    1 
ATOM   3    C C     . TYR A 1 1   ? 14.034  -6.433  -8.894  1.00 13.59 ? 88   TYR A C     1 
ATOM   4    O O     . TYR A 1 1   ? 12.994  -5.789  -8.955  1.00 13.54 ? 88   TYR A O     1 
ATOM   5    C CB    . TYR A 1 1   ? 16.254  -5.262  -8.904  1.00 13.09 ? 88   TYR A CB    1 
ATOM   6    C CG    . TYR A 1 1   ? 15.626  -4.142  -8.142  1.00 12.56 ? 88   TYR A CG    1 
ATOM   7    C CD1   . TYR A 1 1   ? 15.514  -2.876  -8.706  1.00 14.13 ? 88   TYR A CD1   1 
ATOM   8    C CD2   . TYR A 1 1   ? 15.101  -4.347  -6.875  1.00 13.34 ? 88   TYR A CD2   1 
ATOM   9    C CE1   . TYR A 1 1   ? 14.911  -1.860  -8.034  1.00 11.51 ? 88   TYR A CE1   1 
ATOM   10   C CE2   . TYR A 1 1   ? 14.497  -3.320  -6.181  1.00 13.13 ? 88   TYR A CE2   1 
ATOM   11   C CZ    . TYR A 1 1   ? 14.404  -2.086  -6.783  1.00 12.09 ? 88   TYR A CZ    1 
ATOM   12   O OH    . TYR A 1 1   ? 13.805  -1.069  -6.119  1.00 13.64 ? 88   TYR A OH    1 
ATOM   13   N N     . GLN A 1 2   ? 14.217  -7.466  -8.069  1.00 13.81 ? 89   GLN A N     1 
ATOM   14   C CA    . GLN A 1 2   ? 13.205  -7.989  -7.178  1.00 13.63 ? 89   GLN A CA    1 
ATOM   15   C C     . GLN A 1 2   ? 13.357  -7.332  -5.813  1.00 13.56 ? 89   GLN A C     1 
ATOM   16   O O     . GLN A 1 2   ? 14.368  -7.557  -5.144  1.00 14.84 ? 89   GLN A O     1 
ATOM   17   C CB    . GLN A 1 2   ? 13.403  -9.503  -7.045  1.00 13.99 ? 89   GLN A CB    1 
ATOM   18   C CG    . GLN A 1 2   ? 12.263  -10.212 -6.380  1.00 16.70 ? 89   GLN A CG    1 
ATOM   19   C CD    . GLN A 1 2   ? 11.222  -10.685 -7.392  1.00 22.75 ? 89   GLN A CD    1 
ATOM   20   O OE1   . GLN A 1 2   ? 11.474  -11.606 -8.208  1.00 26.62 ? 89   GLN A OE1   1 
ATOM   21   N NE2   . GLN A 1 2   ? 10.046  -10.069 -7.350  1.00 22.80 ? 89   GLN A NE2   1 
ATOM   22   N N     . PRO A 1 3   ? 12.384  -6.500  -5.387  1.00 12.45 ? 90   PRO A N     1 
ATOM   23   C CA    . PRO A 1 3   ? 12.534  -5.905  -4.055  1.00 12.22 ? 90   PRO A CA    1 
ATOM   24   C C     . PRO A 1 3   ? 12.160  -6.898  -2.977  1.00 12.21 ? 90   PRO A C     1 
ATOM   25   O O     . PRO A 1 3   ? 11.508  -7.893  -3.265  1.00 12.28 ? 90   PRO A O     1 
ATOM   26   C CB    . PRO A 1 3   ? 11.557  -4.712  -4.080  1.00 11.87 ? 90   PRO A CB    1 
ATOM   27   C CG    . PRO A 1 3   ? 10.541  -5.082  -5.102  1.00 11.59 ? 90   PRO A CG    1 
ATOM   28   C CD    . PRO A 1 3   ? 11.197  -5.991  -6.095  1.00 12.63 ? 90   PRO A CD    1 
ATOM   29   N N     . ASN A 1 4   ? 12.593  -6.648  -1.750  1.00 11.56 ? 91   ASN A N     1 
ATOM   30   C CA    . ASN A 1 4   ? 12.164  -7.469  -0.628  1.00 11.03 ? 91   ASN A CA    1 
ATOM   31   C C     . ASN A 1 4   ? 11.706  -6.590  0.562   1.00 11.44 ? 91   ASN A C     1 
ATOM   32   O O     . ASN A 1 4   ? 11.316  -7.119  1.619   1.00 11.00 ? 91   ASN A O     1 
ATOM   33   C CB    . ASN A 1 4   ? 13.277  -8.455  -0.228  1.00 10.91 ? 91   ASN A CB    1 
ATOM   34   C CG    . ASN A 1 4   ? 14.489  -7.760  0.346   1.00 12.22 ? 91   ASN A CG    1 
ATOM   35   O OD1   . ASN A 1 4   ? 14.726  -6.579  0.059   1.00 14.04 ? 91   ASN A OD1   1 
ATOM   36   N ND2   . ASN A 1 4   ? 15.247  -8.466  1.187   1.00 10.83 ? 91   ASN A ND2   1 
ATOM   37   N N     . TYR A 1 5   ? 11.762  -5.260  0.369   1.00 11.67 ? 92   TYR A N     1 
ATOM   38   C CA    . TYR A 1 5   ? 11.353  -4.249  1.362   1.00 11.75 ? 92   TYR A CA    1 
ATOM   39   C C     . TYR A 1 5   ? 10.616  -3.108  0.656   1.00 12.51 ? 92   TYR A C     1 
ATOM   40   O O     . TYR A 1 5   ? 10.738  -2.922  -0.558  1.00 11.89 ? 92   TYR A O     1 
ATOM   41   C CB    . TYR A 1 5   ? 12.557  -3.666  2.128   1.00 12.69 ? 92   TYR A CB    1 
ATOM   42   C CG    . TYR A 1 5   ? 12.997  -4.472  3.341   1.00 12.65 ? 92   TYR A CG    1 
ATOM   43   C CD1   . TYR A 1 5   ? 13.845  -5.561  3.204   1.00 12.97 ? 92   TYR A CD1   1 
ATOM   44   C CD2   . TYR A 1 5   ? 12.563  -4.131  4.626   1.00 12.82 ? 92   TYR A CD2   1 
ATOM   45   C CE1   . TYR A 1 5   ? 14.250  -6.314  4.314   1.00 13.43 ? 92   TYR A CE1   1 
ATOM   46   C CE2   . TYR A 1 5   ? 12.964  -4.878  5.750   1.00 12.53 ? 92   TYR A CE2   1 
ATOM   47   C CZ    . TYR A 1 5   ? 13.803  -5.964  5.580   1.00 12.75 ? 92   TYR A CZ    1 
ATOM   48   O OH    . TYR A 1 5   ? 14.206  -6.709  6.661   1.00 13.85 ? 92   TYR A OH    1 
ATOM   49   N N     . PHE A 1 6   ? 9.823   -2.371  1.420   1.00 12.27 ? 93   PHE A N     1 
ATOM   50   C CA    . PHE A 1 6   ? 9.042   -1.286  0.884   1.00 11.77 ? 93   PHE A CA    1 
ATOM   51   C C     . PHE A 1 6   ? 8.735   -0.288  1.965   1.00 12.80 ? 93   PHE A C     1 
ATOM   52   O O     . PHE A 1 6   ? 8.612   -0.648  3.159   1.00 12.97 ? 93   PHE A O     1 
ATOM   53   C CB    . PHE A 1 6   ? 7.731   -1.764  0.190   1.00 11.32 ? 93   PHE A CB    1 
ATOM   54   C CG    . PHE A 1 6   ? 6.721   -2.480  1.098   1.00 10.89 ? 93   PHE A CG    1 
ATOM   55   C CD1   . PHE A 1 6   ? 5.467   -1.878  1.391   1.00 9.64  ? 93   PHE A CD1   1 
ATOM   56   C CD2   . PHE A 1 6   ? 6.968   -3.770  1.597   1.00 10.70 ? 93   PHE A CD2   1 
ATOM   57   C CE1   . PHE A 1 6   ? 4.519   -2.459  2.180   1.00 7.58  ? 93   PHE A CE1   1 
ATOM   58   C CE2   . PHE A 1 6   ? 5.985   -4.390  2.425   1.00 11.32 ? 93   PHE A CE2   1 
ATOM   59   C CZ    . PHE A 1 6   ? 4.736   -3.678  2.682   1.00 7.46  ? 93   PHE A CZ    1 
ATOM   60   N N     . LEU A 1 7   ? 8.560   0.963   1.523   1.00 12.99 ? 94   LEU A N     1 
ATOM   61   C CA    . LEU A 1 7   ? 7.891   1.971   2.324   1.00 13.19 ? 94   LEU A CA    1 
ATOM   62   C C     . LEU A 1 7   ? 6.385   1.845   2.220   1.00 13.32 ? 94   LEU A C     1 
ATOM   63   O O     . LEU A 1 7   ? 5.785   1.725   1.129   1.00 13.66 ? 94   LEU A O     1 
ATOM   64   C CB    . LEU A 1 7   ? 8.335   3.397   1.917   1.00 12.71 ? 94   LEU A CB    1 
ATOM   65   C CG    . LEU A 1 7   ? 9.829   3.718   2.022   1.00 13.50 ? 94   LEU A CG    1 
ATOM   66   C CD1   . LEU A 1 7   ? 10.032  5.240   1.798   1.00 13.52 ? 94   LEU A CD1   1 
ATOM   67   C CD2   . LEU A 1 7   ? 10.407  3.310   3.377   1.00 14.76 ? 94   LEU A CD2   1 
ATOM   68   N N     . SER A 1 8   ? 5.744   1.933   3.367   1.00 13.90 ? 95   SER A N     1 
ATOM   69   C CA    . SER A 1 8   ? 4.320   1.656   3.433   1.00 14.10 ? 95   SER A CA    1 
ATOM   70   C C     . SER A 1 8   ? 3.577   2.772   4.158   1.00 15.11 ? 95   SER A C     1 
ATOM   71   O O     . SER A 1 8   ? 3.996   3.207   5.228   1.00 14.46 ? 95   SER A O     1 
ATOM   72   C CB    . SER A 1 8   ? 4.138   0.283   4.125   1.00 14.48 ? 95   SER A CB    1 
ATOM   73   O OG    . SER A 1 8   ? 2.791   0.013   4.405   1.00 15.90 ? 95   SER A OG    1 
ATOM   74   N N     . ILE A 1 9   ? 2.480   3.237   3.575   1.00 14.99 ? 96   ILE A N     1 
ATOM   75   C CA    . ILE A 1 9   ? 1.552   4.112   4.286   1.00 15.85 ? 96   ILE A CA    1 
ATOM   76   C C     . ILE A 1 9   ? 0.389   3.233   4.785   1.00 15.61 ? 96   ILE A C     1 
ATOM   77   O O     . ILE A 1 9   ? -0.405  2.759   3.965   1.00 15.03 ? 96   ILE A O     1 
ATOM   78   C CB    . ILE A 1 9   ? 1.026   5.255   3.366   1.00 15.76 ? 96   ILE A CB    1 
ATOM   79   C CG1   . ILE A 1 9   ? 2.179   6.194   2.933   1.00 15.52 ? 96   ILE A CG1   1 
ATOM   80   C CG2   . ILE A 1 9   ? -0.158  6.002   4.032   1.00 16.66 ? 96   ILE A CG2   1 
ATOM   81   C CD1   . ILE A 1 9   ? 1.823   7.102   1.749   1.00 15.06 ? 96   ILE A CD1   1 
ATOM   82   N N     . PRO A 1 10  ? 0.317   2.983   6.111   1.00 16.30 ? 97   PRO A N     1 
ATOM   83   C CA    . PRO A 1 10  ? -0.727  2.129   6.657   1.00 17.39 ? 97   PRO A CA    1 
ATOM   84   C C     . PRO A 1 10  ? -2.055  2.862   6.561   1.00 18.67 ? 97   PRO A C     1 
ATOM   85   O O     . PRO A 1 10  ? -2.111  4.092   6.711   1.00 17.78 ? 97   PRO A O     1 
ATOM   86   C CB    . PRO A 1 10  ? -0.319  1.923   8.135   1.00 17.30 ? 97   PRO A CB    1 
ATOM   87   C CG    . PRO A 1 10  ? 0.638   3.024   8.441   1.00 16.32 ? 97   PRO A CG    1 
ATOM   88   C CD    . PRO A 1 10  ? 1.226   3.515   7.156   1.00 15.90 ? 97   PRO A CD    1 
ATOM   89   N N     . ILE A 1 11  ? -3.098  2.113   6.246   1.00 20.96 ? 98   ILE A N     1 
ATOM   90   C CA    . ILE A 1 11  ? -4.412  2.701   6.039   1.00 23.82 ? 98   ILE A CA    1 
ATOM   91   C C     . ILE A 1 11  ? -5.178  2.084   7.151   1.00 25.50 ? 98   ILE A C     1 
ATOM   92   O O     . ILE A 1 11  ? -5.661  0.950   7.012   1.00 24.98 ? 98   ILE A O     1 
ATOM   93   C CB    . ILE A 1 11  ? -5.077  2.279   4.690   1.00 24.05 ? 98   ILE A CB    1 
ATOM   94   C CG1   . ILE A 1 11  ? -4.296  2.797   3.478   1.00 24.81 ? 98   ILE A CG1   1 
ATOM   95   C CG2   . ILE A 1 11  ? -6.554  2.755   4.649   1.00 26.52 ? 98   ILE A CG2   1 
ATOM   96   C CD1   . ILE A 1 11  ? -4.109  4.318   3.425   1.00 27.99 ? 98   ILE A CD1   1 
ATOM   97   N N     . THR A 1 12  ? -5.245  2.788   8.274   1.00 25.96 ? 99   THR A N     1 
ATOM   98   C CA    . THR A 1 12  ? -5.956  2.251   9.387   1.00 27.32 ? 99   THR A CA    1 
ATOM   99   C C     . THR A 1 12  ? -7.298  2.981   9.692   1.00 27.11 ? 99   THR A C     1 
ATOM   100  O O     . THR A 1 12  ? -8.061  2.488   10.551  1.00 26.77 ? 99   THR A O     1 
ATOM   101  C CB    . THR A 1 12  ? -5.088  2.273   10.634  1.00 27.69 ? 99   THR A CB    1 
ATOM   102  O OG1   . THR A 1 12  ? -4.764  3.631   10.922  1.00 27.69 ? 99   THR A OG1   1 
ATOM   103  C CG2   . THR A 1 12  ? -3.802  1.431   10.426  1.00 29.48 ? 99   THR A CG2   1 
ATOM   104  N N     . ASN A 1 13  ? -7.592  4.121   9.026   1.00 26.70 ? 100  ASN A N     1 
ATOM   105  C CA    . ASN A 1 13  ? -8.934  4.725   9.151   1.00 25.83 ? 100  ASN A CA    1 
ATOM   106  C C     . ASN A 1 13  ? -9.953  3.609   9.140   1.00 25.31 ? 100  ASN A C     1 
ATOM   107  O O     . ASN A 1 13  ? -10.070 2.887   8.143   1.00 25.16 ? 100  ASN A O     1 
ATOM   108  C CB    . ASN A 1 13  ? -9.277  5.729   8.037   1.00 25.86 ? 100  ASN A CB    1 
ATOM   109  C CG    . ASN A 1 13  ? -10.635 6.432   8.272   1.00 26.23 ? 100  ASN A CG    1 
ATOM   110  O OD1   . ASN A 1 13  ? -11.661 6.067   7.701   1.00 27.25 ? 100  ASN A OD1   1 
ATOM   111  N ND2   . ASN A 1 13  ? -10.636 7.410   9.146   1.00 25.86 ? 100  ASN A ND2   1 
ATOM   112  N N     . LYS A 1 14  ? -10.646 3.490   10.283  1.00 25.06 ? 101  LYS A N     1 
ATOM   113  C CA    . LYS A 1 14  ? -11.686 2.502   10.589  1.00 25.07 ? 101  LYS A CA    1 
ATOM   114  C C     . LYS A 1 14  ? -12.765 2.360   9.535   1.00 24.23 ? 101  LYS A C     1 
ATOM   115  O O     . LYS A 1 14  ? -13.139 1.243   9.210   1.00 23.64 ? 101  LYS A O     1 
ATOM   116  C CB    . LYS A 1 14  ? -12.411 2.892   11.893  1.00 25.27 ? 101  LYS A CB    1 
ATOM   117  C CG    . LYS A 1 14  ? -11.769 2.429   13.216  1.00 26.40 ? 101  LYS A CG    1 
ATOM   118  C CD    . LYS A 1 14  ? -12.265 3.302   14.411  1.00 26.51 ? 101  LYS A CD    1 
ATOM   119  C CE    . LYS A 1 14  ? -13.835 3.608   14.312  1.00 28.87 ? 101  LYS A CE    1 
ATOM   120  N NZ    . LYS A 1 14  ? -14.345 4.355   15.545  1.00 28.05 ? 101  LYS A NZ    1 
ATOM   121  N N     . LYS A 1 15  ? -13.311 3.480   9.065   1.00 23.30 ? 102  LYS A N     1 
ATOM   122  C CA    . LYS A 1 15  ? -14.283 3.480   7.963   1.00 22.46 ? 102  LYS A CA    1 
ATOM   123  C C     . LYS A 1 15  ? -13.757 2.744   6.701   1.00 21.83 ? 102  LYS A C     1 
ATOM   124  O O     . LYS A 1 15  ? -14.483 1.939   6.092   1.00 21.72 ? 102  LYS A O     1 
ATOM   125  C CB    . LYS A 1 15  ? -14.735 4.923   7.628   1.00 23.01 ? 102  LYS A CB    1 
ATOM   126  C CG    . LYS A 1 15  ? -15.847 5.004   6.553   1.00 22.57 ? 102  LYS A CG    1 
ATOM   127  C CD    . LYS A 1 15  ? -16.416 6.408   6.316   1.00 23.21 ? 102  LYS A CD    1 
ATOM   128  C CE    . LYS A 1 15  ? -16.853 6.530   4.852   1.00 25.10 ? 102  LYS A CE    1 
ATOM   129  N NZ    . LYS A 1 15  ? -17.949 7.529   4.587   1.00 24.58 ? 102  LYS A NZ    1 
ATOM   130  N N     . ILE A 1 16  ? -12.511 3.029   6.317   1.00 20.34 ? 103  ILE A N     1 
ATOM   131  C CA    . ILE A 1 16  ? -11.940 2.495   5.081   1.00 19.65 ? 103  ILE A CA    1 
ATOM   132  C C     . ILE A 1 16  ? -11.808 0.982   5.185   1.00 19.49 ? 103  ILE A C     1 
ATOM   133  O O     . ILE A 1 16  ? -12.220 0.255   4.271   1.00 19.37 ? 103  ILE A O     1 
ATOM   134  C CB    . ILE A 1 16  ? -10.554 3.118   4.706   1.00 19.18 ? 103  ILE A CB    1 
ATOM   135  C CG1   . ILE A 1 16  ? -10.621 4.650   4.635   1.00 19.50 ? 103  ILE A CG1   1 
ATOM   136  C CG2   . ILE A 1 16  ? -9.991  2.492   3.380   1.00 18.92 ? 103  ILE A CG2   1 
ATOM   137  C CD1   . ILE A 1 16  ? -9.334  5.292   4.233   1.00 18.67 ? 103  ILE A CD1   1 
ATOM   138  N N     . THR A 1 17  ? -11.261 0.530   6.309   1.00 20.38 ? 104  THR A N     1 
ATOM   139  C CA    . THR A 1 17  ? -10.929 -0.889  6.499   1.00 20.38 ? 104  THR A CA    1 
ATOM   140  C C     . THR A 1 17  ? -12.203 -1.726  6.675   1.00 19.92 ? 104  THR A C     1 
ATOM   141  O O     . THR A 1 17  ? -12.296 -2.853  6.162   1.00 19.69 ? 104  THR A O     1 
ATOM   142  C CB    . THR A 1 17  ? -9.970  -1.112  7.700   1.00 21.34 ? 104  THR A CB    1 
ATOM   143  O OG1   . THR A 1 17  ? -10.500 -0.454  8.851   1.00 21.77 ? 104  THR A OG1   1 
ATOM   144  C CG2   . THR A 1 17  ? -8.612  -0.564  7.416   1.00 21.15 ? 104  THR A CG2   1 
ATOM   145  N N     . ALA A 1 18  ? -13.175 -1.128  7.370   1.00 19.31 ? 105  ALA A N     1 
ATOM   146  C CA    . ALA A 1 18  ? -14.529 -1.651  7.505   1.00 19.02 ? 105  ALA A CA    1 
ATOM   147  C C     . ALA A 1 18  ? -15.280 -1.802  6.174   1.00 18.83 ? 105  ALA A C     1 
ATOM   148  O O     . ALA A 1 18  ? -15.882 -2.842  5.929   1.00 18.28 ? 105  ALA A O     1 
ATOM   149  C CB    . ALA A 1 18  ? -15.327 -0.766  8.452   1.00 18.95 ? 105  ALA A CB    1 
ATOM   150  N N     . GLY A 1 19  ? -15.283 -0.758  5.348   1.00 18.37 ? 106  GLY A N     1 
ATOM   151  C CA    . GLY A 1 19  ? -15.827 -0.825  3.994   1.00 18.21 ? 106  GLY A CA    1 
ATOM   152  C C     . GLY A 1 19  ? -15.156 -1.891  3.132   1.00 18.09 ? 106  GLY A C     1 
ATOM   153  O O     . GLY A 1 19  ? -15.820 -2.600  2.371   1.00 17.41 ? 106  GLY A O     1 
ATOM   154  N N     . ILE A 1 20  ? -13.840 -2.021  3.259   1.00 17.51 ? 107  ILE A N     1 
ATOM   155  C CA    . ILE A 1 20  ? -13.118 -3.080  2.553   1.00 17.25 ? 107  ILE A CA    1 
ATOM   156  C C     . ILE A 1 20  ? -13.448 -4.502  3.046   1.00 16.71 ? 107  ILE A C     1 
ATOM   157  O O     . ILE A 1 20  ? -13.629 -5.396  2.247   1.00 15.38 ? 107  ILE A O     1 
ATOM   158  C CB    . ILE A 1 20  ? -11.611 -2.827  2.518   1.00 17.15 ? 107  ILE A CB    1 
ATOM   159  C CG1   . ILE A 1 20  ? -11.345 -1.481  1.803   1.00 17.29 ? 107  ILE A CG1   1 
ATOM   160  C CG2   . ILE A 1 20  ? -10.906 -4.025  1.806   1.00 17.42 ? 107  ILE A CG2   1 
ATOM   161  C CD1   . ILE A 1 20  ? -9.912  -0.982  1.917   1.00 17.89 ? 107  ILE A CD1   1 
ATOM   162  N N     . LYS A 1 21  ? -13.549 -4.681  4.358   1.00 16.87 ? 108  LYS A N     1 
ATOM   163  C CA    . LYS A 1 21  ? -14.065 -5.909  4.927   1.00 17.11 ? 108  LYS A CA    1 
ATOM   164  C C     . LYS A 1 21  ? -15.410 -6.337  4.346   1.00 15.51 ? 108  LYS A C     1 
ATOM   165  O O     . LYS A 1 21  ? -15.584 -7.523  4.057   1.00 15.51 ? 108  LYS A O     1 
ATOM   166  C CB    . LYS A 1 21  ? -14.198 -5.751  6.441   1.00 17.98 ? 108  LYS A CB    1 
ATOM   167  C CG    . LYS A 1 21  ? -14.506 -7.023  7.215   1.00 22.12 ? 108  LYS A CG    1 
ATOM   168  C CD    . LYS A 1 21  ? -13.567 -8.133  6.806   1.00 28.03 ? 108  LYS A CD    1 
ATOM   169  C CE    . LYS A 1 21  ? -13.253 -9.092  7.967   1.00 32.17 ? 108  LYS A CE    1 
ATOM   170  N NZ    . LYS A 1 21  ? -12.322 -10.161 7.424   1.00 34.52 ? 108  LYS A NZ    1 
ATOM   171  N N     . VAL A 1 22  ? -16.353 -5.385  4.216   1.00 14.53 ? 109  VAL A N     1 
ATOM   172  C CA    . VAL A 1 22  ? -17.692 -5.632  3.644   1.00 13.55 ? 109  VAL A CA    1 
ATOM   173  C C     . VAL A 1 22  ? -17.592 -6.016  2.165   1.00 13.33 ? 109  VAL A C     1 
ATOM   174  O O     . VAL A 1 22  ? -18.297 -6.922  1.709   1.00 13.07 ? 109  VAL A O     1 
ATOM   175  C CB    . VAL A 1 22  ? -18.673 -4.418  3.825   1.00 13.12 ? 109  VAL A CB    1 
ATOM   176  C CG1   . VAL A 1 22  ? -19.996 -4.689  3.202   1.00 14.08 ? 109  VAL A CG1   1 
ATOM   177  C CG2   . VAL A 1 22  ? -18.898 -4.165  5.224   1.00 13.80 ? 109  VAL A CG2   1 
ATOM   178  N N     . LEU A 1 23  ? -16.714 -5.314  1.441   1.00 12.63 ? 110  LEU A N     1 
ATOM   179  C CA    . LEU A 1 23  ? -16.421 -5.589  0.054   1.00 12.85 ? 110  LEU A CA    1 
ATOM   180  C C     . LEU A 1 23  ? -15.927 -7.032  -0.100  1.00 12.51 ? 110  LEU A C     1 
ATOM   181  O O     . LEU A 1 23  ? -16.462 -7.812  -0.917  1.00 12.13 ? 110  LEU A O     1 
ATOM   182  C CB    . LEU A 1 23  ? -15.366 -4.596  -0.463  1.00 13.27 ? 110  LEU A CB    1 
ATOM   183  C CG    . LEU A 1 23  ? -14.718 -4.910  -1.840  1.00 12.52 ? 110  LEU A CG    1 
ATOM   184  C CD1   . LEU A 1 23  ? -15.780 -4.876  -2.971  1.00 10.65 ? 110  LEU A CD1   1 
ATOM   185  C CD2   . LEU A 1 23  ? -13.580 -3.983  -2.135  1.00 12.41 ? 110  LEU A CD2   1 
ATOM   186  N N     . GLN A 1 24  ? -14.917 -7.382  0.710   1.00 12.71 ? 111  GLN A N     1 
ATOM   187  C CA    . GLN A 1 24  ? -14.280 -8.685  0.629   1.00 12.96 ? 111  GLN A CA    1 
ATOM   188  C C     . GLN A 1 24  ? -15.281 -9.795  0.948   1.00 13.12 ? 111  GLN A C     1 
ATOM   189  O O     . GLN A 1 24  ? -15.360 -10.771 0.229   1.00 13.42 ? 111  GLN A O     1 
ATOM   190  C CB    . GLN A 1 24  ? -13.087 -8.754  1.572   1.00 12.87 ? 111  GLN A CB    1 
ATOM   191  C CG    . GLN A 1 24  ? -11.869 -7.953  1.113   1.00 12.90 ? 111  GLN A CG    1 
ATOM   192  C CD    . GLN A 1 24  ? -10.775 -8.042  2.113   1.00 14.19 ? 111  GLN A CD    1 
ATOM   193  O OE1   . GLN A 1 24  ? -11.038 -8.049  3.324   1.00 16.53 ? 111  GLN A OE1   1 
ATOM   194  N NE2   . GLN A 1 24  ? -9.541  -8.156  1.645   1.00 12.71 ? 111  GLN A NE2   1 
ATOM   195  N N     . ASN A 1 25  ? -16.044 -9.633  2.021   1.00 13.60 ? 112  ASN A N     1 
ATOM   196  C CA    . ASN A 1 25  ? -17.073 -10.606 2.394   1.00 13.48 ? 112  ASN A CA    1 
ATOM   197  C C     . ASN A 1 25  ? -18.185 -10.746 1.343   1.00 13.25 ? 112  ASN A C     1 
ATOM   198  O O     . ASN A 1 25  ? -18.690 -11.843 1.121   1.00 12.90 ? 112  ASN A O     1 
ATOM   199  C CB    . ASN A 1 25  ? -17.671 -10.261 3.762   1.00 13.39 ? 112  ASN A CB    1 
ATOM   200  C CG    . ASN A 1 25  ? -16.743 -10.617 4.922   1.00 14.04 ? 112  ASN A CG    1 
ATOM   201  O OD1   . ASN A 1 25  ? -15.766 -11.324 4.754   1.00 13.22 ? 112  ASN A OD1   1 
ATOM   202  N ND2   . ASN A 1 25  ? -17.066 -10.134 6.107   1.00 13.92 ? 112  ASN A ND2   1 
ATOM   203  N N     . SER A 1 26  ? -18.544 -9.640  0.687   1.00 13.92 ? 113  SER A N     1 
ATOM   204  C CA    . SER A 1 26  ? -19.580 -9.678  -0.352  1.00 14.73 ? 113  SER A CA    1 
ATOM   205  C C     . SER A 1 26  ? -19.128 -10.518 -1.541  1.00 14.27 ? 113  SER A C     1 
ATOM   206  O O     . SER A 1 26  ? -19.927 -11.285 -2.115  1.00 14.02 ? 113  SER A O     1 
ATOM   207  C CB    . SER A 1 26  ? -19.945 -8.278  -0.825  1.00 15.77 ? 113  SER A CB    1 
ATOM   208  O OG    . SER A 1 26  ? -18.770 -7.625  -1.297  1.00 18.40 ? 113  SER A OG    1 
ATOM   209  N N     . ILE A 1 27  ? -17.852 -10.364 -1.903  1.00 13.26 ? 114  ILE A N     1 
ATOM   210  C CA    . ILE A 1 27  ? -17.243 -11.173 -2.967  1.00 12.49 ? 114  ILE A CA    1 
ATOM   211  C C     . ILE A 1 27  ? -17.249 -12.643 -2.544  1.00 11.84 ? 114  ILE A C     1 
ATOM   212  O O     . ILE A 1 27  ? -17.695 -13.492 -3.303  1.00 12.08 ? 114  ILE A O     1 
ATOM   213  C CB    . ILE A 1 27  ? -15.823 -10.663 -3.355  1.00 11.96 ? 114  ILE A CB    1 
ATOM   214  C CG1   . ILE A 1 27  ? -15.933 -9.260  -3.987  1.00 11.88 ? 114  ILE A CG1   1 
ATOM   215  C CG2   . ILE A 1 27  ? -15.085 -11.664 -4.291  1.00 11.91 ? 114  ILE A CG2   1 
ATOM   216  C CD1   . ILE A 1 27  ? -14.646 -8.502  -3.998  1.00 9.25  ? 114  ILE A CD1   1 
ATOM   217  N N     . LEU A 1 28  ? -16.810 -12.922 -1.318  1.00 11.17 ? 115  LEU A N     1 
ATOM   218  C CA    . LEU A 1 28  ? -16.683 -14.299 -0.815  1.00 11.27 ? 115  LEU A CA    1 
ATOM   219  C C     . LEU A 1 28  ? -17.994 -15.072 -0.704  1.00 11.15 ? 115  LEU A C     1 
ATOM   220  O O     . LEU A 1 28  ? -18.001 -16.302 -0.806  1.00 11.71 ? 115  LEU A O     1 
ATOM   221  C CB    . LEU A 1 28  ? -15.930 -14.308 0.525   1.00 11.63 ? 115  LEU A CB    1 
ATOM   222  C CG    . LEU A 1 28  ? -14.490 -13.793 0.389   1.00 11.69 ? 115  LEU A CG    1 
ATOM   223  C CD1   . LEU A 1 28  ? -13.842 -13.725 1.736   1.00 11.45 ? 115  LEU A CD1   1 
ATOM   224  C CD2   . LEU A 1 28  ? -13.690 -14.701 -0.579  1.00 13.29 ? 115  LEU A CD2   1 
ATOM   225  N N     . ARG A 1 29  ? -19.103 -14.362 -0.476  1.00 11.60 ? 116  ARG A N     1 
ATOM   226  C CA    . ARG A 1 29  ? -20.414 -15.005 -0.415  1.00 11.94 ? 116  ARG A CA    1 
ATOM   227  C C     . ARG A 1 29  ? -20.902 -15.328 -1.816  1.00 12.58 ? 116  ARG A C     1 
ATOM   228  O O     . ARG A 1 29  ? -21.770 -16.186 -1.991  1.00 11.47 ? 116  ARG A O     1 
ATOM   229  C CB    . ARG A 1 29  ? -21.459 -14.158 0.354   1.00 11.89 ? 116  ARG A CB    1 
ATOM   230  C CG    . ARG A 1 29  ? -20.987 -13.659 1.735   1.00 12.35 ? 116  ARG A CG    1 
ATOM   231  C CD    . ARG A 1 29  ? -20.571 -14.807 2.663   1.00 13.95 ? 116  ARG A CD    1 
ATOM   232  N NE    . ARG A 1 29  ? -19.985 -14.238 3.876   1.00 15.52 ? 116  ARG A NE    1 
ATOM   233  C CZ    . ARG A 1 29  ? -18.699 -14.321 4.242   1.00 14.53 ? 116  ARG A CZ    1 
ATOM   234  N NH1   . ARG A 1 29  ? -17.813 -15.029 3.537   1.00 15.66 ? 116  ARG A NH1   1 
ATOM   235  N NH2   . ARG A 1 29  ? -18.323 -13.713 5.357   1.00 15.81 ? 116  ARG A NH2   1 
ATOM   236  N N     . GLN A 1 30  ? -20.331 -14.652 -2.805  1.00 13.78 ? 117  GLN A N     1 
ATOM   237  C CA    . GLN A 1 30  ? -20.631 -14.955 -4.200  1.00 14.89 ? 117  GLN A CA    1 
ATOM   238  C C     . GLN A 1 30  ? -19.782 -16.106 -4.727  1.00 15.76 ? 117  GLN A C     1 
ATOM   239  O O     . GLN A 1 30  ? -20.279 -16.964 -5.435  1.00 15.55 ? 117  GLN A O     1 
ATOM   240  C CB    . GLN A 1 30  ? -20.452 -13.724 -5.065  1.00 15.06 ? 117  GLN A CB    1 
ATOM   241  C CG    . GLN A 1 30  ? -21.546 -12.702 -4.867  1.00 15.57 ? 117  GLN A CG    1 
ATOM   242  C CD    . GLN A 1 30  ? -21.184 -11.355 -5.472  1.00 16.28 ? 117  GLN A CD    1 
ATOM   243  O OE1   . GLN A 1 30  ? -21.526 -11.066 -6.619  1.00 17.82 ? 117  GLN A OE1   1 
ATOM   244  N NE2   . GLN A 1 30  ? -20.464 -10.534 -4.706  1.00 18.11 ? 117  GLN A NE2   1 
ATOM   245  N N     . ASP A 1 31  ? -18.509 -16.119 -4.348  1.00 16.56 ? 118  ASP A N     1 
ATOM   246  C CA    . ASP A 1 31  ? -17.573 -17.144 -4.779  1.00 17.14 ? 118  ASP A CA    1 
ATOM   247  C C     . ASP A 1 31  ? -16.495 -17.373 -3.715  1.00 17.18 ? 118  ASP A C     1 
ATOM   248  O O     . ASP A 1 31  ? -15.469 -16.674 -3.680  1.00 16.31 ? 118  ASP A O     1 
ATOM   249  C CB    . ASP A 1 31  ? -16.950 -16.743 -6.113  1.00 17.53 ? 118  ASP A CB    1 
ATOM   250  C CG    . ASP A 1 31  ? -16.073 -17.812 -6.703  1.00 17.27 ? 118  ASP A CG    1 
ATOM   251  O OD1   . ASP A 1 31  ? -15.853 -18.893 -6.084  1.00 16.45 ? 118  ASP A OD1   1 
ATOM   252  O OD2   . ASP A 1 31  ? -15.585 -17.537 -7.812  1.00 18.67 ? 118  ASP A OD2   1 
ATOM   253  N N     . ASN A 1 32  ? -16.725 -18.376 -2.868  1.00 18.07 ? 119  ASN A N     1 
ATOM   254  C CA    . ASN A 1 32  ? -15.827 -18.647 -1.755  1.00 19.00 ? 119  ASN A CA    1 
ATOM   255  C C     . ASN A 1 32  ? -14.396 -19.121 -2.161  1.00 18.84 ? 119  ASN A C     1 
ATOM   256  O O     . ASN A 1 32  ? -13.469 -19.105 -1.327  1.00 18.52 ? 119  ASN A O     1 
ATOM   257  C CB    . ASN A 1 32  ? -16.494 -19.577 -0.719  1.00 19.77 ? 119  ASN A CB    1 
ATOM   258  C CG    . ASN A 1 32  ? -15.733 -19.606 0.624   1.00 22.12 ? 119  ASN A CG    1 
ATOM   259  O OD1   . ASN A 1 32  ? -15.131 -20.625 0.973   1.00 25.29 ? 119  ASN A OD1   1 
ATOM   260  N ND2   . ASN A 1 32  ? -15.740 -18.483 1.359   1.00 23.87 ? 119  ASN A ND2   1 
ATOM   261  N N     . ARG A 1 33  ? -14.212 -19.500 -3.433  1.00 18.24 ? 120  ARG A N     1 
ATOM   262  C CA    . ARG A 1 33  ? -12.865 -19.881 -3.961  1.00 17.92 ? 120  ARG A CA    1 
ATOM   263  C C     . ARG A 1 33  ? -11.848 -18.729 -3.913  1.00 17.52 ? 120  ARG A C     1 
ATOM   264  O O     . ARG A 1 33  ? -10.636 -18.959 -4.001  1.00 17.51 ? 120  ARG A O     1 
ATOM   265  C CB    . ARG A 1 33  ? -12.957 -20.397 -5.414  1.00 17.83 ? 120  ARG A CB    1 
ATOM   266  C CG    . ARG A 1 33  ? -13.775 -21.684 -5.595  1.00 17.91 ? 120  ARG A CG    1 
ATOM   267  C CD    . ARG A 1 33  ? -14.051 -22.002 -7.076  1.00 18.20 ? 120  ARG A CD    1 
ATOM   268  N NE    . ARG A 1 33  ? -14.703 -20.881 -7.752  1.00 17.73 ? 120  ARG A NE    1 
ATOM   269  C CZ    . ARG A 1 33  ? -14.938 -20.788 -9.060  1.00 18.13 ? 120  ARG A CZ    1 
ATOM   270  N NH1   . ARG A 1 33  ? -14.593 -21.773 -9.896  1.00 18.20 ? 120  ARG A NH1   1 
ATOM   271  N NH2   . ARG A 1 33  ? -15.538 -19.699 -9.534  1.00 18.38 ? 120  ARG A NH2   1 
ATOM   272  N N     . LEU A 1 34  ? -12.336 -17.493 -3.772  1.00 16.94 ? 121  LEU A N     1 
ATOM   273  C CA    . LEU A 1 34  ? -11.462 -16.318 -3.754  1.00 16.53 ? 121  LEU A CA    1 
ATOM   274  C C     . LEU A 1 34  ? -10.862 -15.966 -2.385  1.00 16.63 ? 121  LEU A C     1 
ATOM   275  O O     . LEU A 1 34  ? -10.094 -15.021 -2.266  1.00 16.35 ? 121  LEU A O     1 
ATOM   276  C CB    . LEU A 1 34  ? -12.178 -15.124 -4.382  1.00 16.33 ? 121  LEU A CB    1 
ATOM   277  C CG    . LEU A 1 34  ? -12.501 -15.293 -5.873  1.00 15.91 ? 121  LEU A CG    1 
ATOM   278  C CD1   . LEU A 1 34  ? -13.541 -14.291 -6.288  1.00 15.84 ? 121  LEU A CD1   1 
ATOM   279  C CD2   . LEU A 1 34  ? -11.259 -15.148 -6.754  1.00 14.65 ? 121  LEU A CD2   1 
ATOM   280  N N     . THR A 1 35  ? -11.197 -16.748 -1.361  1.00 16.42 ? 122  THR A N     1 
ATOM   281  C CA    . THR A 1 35  ? -10.695 -16.578 0.004   1.00 16.21 ? 122  THR A CA    1 
ATOM   282  C C     . THR A 1 35  ? -9.194  -16.275 0.121   1.00 16.28 ? 122  THR A C     1 
ATOM   283  O O     . THR A 1 35  ? -8.825  -15.270 0.736   1.00 16.03 ? 122  THR A O     1 
ATOM   284  C CB    . THR A 1 35  ? -11.047 -17.809 0.859   1.00 16.07 ? 122  THR A CB    1 
ATOM   285  O OG1   . THR A 1 35  ? -12.452 -18.024 0.779   1.00 16.98 ? 122  THR A OG1   1 
ATOM   286  C CG2   . THR A 1 35  ? -10.701 -17.588 2.304   1.00 16.53 ? 122  THR A CG2   1 
ATOM   287  N N     . LYS A 1 36  ? -8.341  -17.121 -0.469  1.00 16.30 ? 123  LYS A N     1 
ATOM   288  C CA    . LYS A 1 36  ? -6.876  -16.948 -0.365  1.00 16.80 ? 123  LYS A CA    1 
ATOM   289  C C     . LYS A 1 36  ? -6.306  -15.780 -1.159  1.00 16.01 ? 123  LYS A C     1 
ATOM   290  O O     . LYS A 1 36  ? -5.186  -15.371 -0.908  1.00 16.78 ? 123  LYS A O     1 
ATOM   291  C CB    . LYS A 1 36  ? -6.110  -18.238 -0.688  1.00 17.52 ? 123  LYS A CB    1 
ATOM   292  C CG    . LYS A 1 36  ? -6.437  -19.383 0.286   1.00 18.70 ? 123  LYS A CG    1 
ATOM   293  C CD    . LYS A 1 36  ? -5.347  -20.455 0.329   1.00 19.22 ? 123  LYS A CD    1 
ATOM   294  C CE    . LYS A 1 36  ? -5.901  -21.733 1.007   1.00 21.64 ? 123  LYS A CE    1 
ATOM   295  N NZ    . LYS A 1 36  ? -4.824  -22.725 1.387   1.00 24.79 ? 123  LYS A NZ    1 
ATOM   296  N N     . ALA A 1 37  ? -7.087  -15.247 -2.095  1.00 15.11 ? 124  ALA A N     1 
ATOM   297  C CA    . ALA A 1 37  ? -6.701  -14.069 -2.895  1.00 13.85 ? 124  ALA A CA    1 
ATOM   298  C C     . ALA A 1 37  ? -6.861  -12.759 -2.103  1.00 13.36 ? 124  ALA A C     1 
ATOM   299  O O     . ALA A 1 37  ? -6.270  -11.738 -2.429  1.00 13.26 ? 124  ALA A O     1 
ATOM   300  C CB    . ALA A 1 37  ? -7.534  -14.037 -4.177  1.00 13.28 ? 124  ALA A CB    1 
ATOM   301  N N     . MET A 1 38  ? -7.710  -12.792 -1.083  1.00 13.71 ? 125  MET A N     1 
ATOM   302  C CA    . MET A 1 38  ? -7.986  -11.621 -0.256  1.00 14.20 ? 125  MET A CA    1 
ATOM   303  C C     . MET A 1 38  ? -6.764  -11.297 0.579   1.00 14.33 ? 125  MET A C     1 
ATOM   304  O O     . MET A 1 38  ? -6.150  -12.189 1.158   1.00 14.43 ? 125  MET A O     1 
ATOM   305  C CB    . MET A 1 38  ? -9.210  -11.902 0.648   1.00 13.70 ? 125  MET A CB    1 
ATOM   306  C CG    . MET A 1 38  ? -10.515 -12.081 -0.093  1.00 14.19 ? 125  MET A CG    1 
ATOM   307  S SD    . MET A 1 38  ? -10.977 -10.724 -1.198  1.00 13.30 ? 125  MET A SD    1 
ATOM   308  C CE    . MET A 1 38  ? -12.440 -11.404 -1.955  1.00 13.18 ? 125  MET A CE    1 
ATOM   309  N N     . VAL A 1 39  ? -6.381  -10.019 0.600   1.00 14.77 ? 126  VAL A N     1 
ATOM   310  C CA    . VAL A 1 39  ? -5.345  -9.552  1.514   1.00 15.40 ? 126  VAL A CA    1 
ATOM   311  C C     . VAL A 1 39  ? -5.889  -9.636  2.930   1.00 16.68 ? 126  VAL A C     1 
ATOM   312  O O     . VAL A 1 39  ? -7.094  -9.427  3.158   1.00 16.70 ? 126  VAL A O     1 
ATOM   313  C CB    . VAL A 1 39  ? -4.794  -8.105  1.164   1.00 15.18 ? 126  VAL A CB    1 
ATOM   314  C CG1   . VAL A 1 39  ? -4.284  -8.013  -0.292  1.00 15.02 ? 126  VAL A CG1   1 
ATOM   315  C CG2   . VAL A 1 39  ? -5.798  -7.037  1.452   1.00 15.40 ? 126  VAL A CG2   1 
ATOM   316  N N     . GLY A 1 40  ? -5.030  -9.940  3.893   1.00 17.22 ? 127  GLY A N     1 
ATOM   317  C CA    . GLY A 1 40  ? -5.505  -10.133 5.257   1.00 17.12 ? 127  GLY A CA    1 
ATOM   318  C C     . GLY A 1 40  ? -5.880  -8.900  6.057   1.00 17.13 ? 127  GLY A C     1 
ATOM   319  O O     . GLY A 1 40  ? -5.364  -7.804  5.843   1.00 17.43 ? 127  GLY A O     1 
ATOM   320  N N     . ASP A 1 41  ? -6.766  -9.106  7.030   1.00 17.88 ? 128  ASP A N     1 
ATOM   321  C CA    . ASP A 1 41  ? -7.138  -8.061  7.977   1.00 18.09 ? 128  ASP A CA    1 
ATOM   322  C C     . ASP A 1 41  ? -5.859  -7.507  8.585   1.00 17.70 ? 128  ASP A C     1 
ATOM   323  O O     . ASP A 1 41  ? -4.918  -8.271  8.884   1.00 17.45 ? 128  ASP A O     1 
ATOM   324  C CB    . ASP A 1 41  ? -8.002  -8.623  9.095   1.00 18.39 ? 128  ASP A CB    1 
ATOM   325  C CG    . ASP A 1 41  ? -9.321  -9.173  8.613   1.00 20.86 ? 128  ASP A CG    1 
ATOM   326  O OD1   . ASP A 1 41  ? -9.605  -9.139  7.395   1.00 23.87 ? 128  ASP A OD1   1 
ATOM   327  O OD2   . ASP A 1 41  ? -10.099 -9.629  9.478   1.00 23.54 ? 128  ASP A OD2   1 
ATOM   328  N N     . GLY A 1 42  ? -5.827  -6.194  8.756   1.00 17.95 ? 129  GLY A N     1 
ATOM   329  C CA    . GLY A 1 42  ? -4.662  -5.515  9.343   1.00 17.23 ? 129  GLY A CA    1 
ATOM   330  C C     . GLY A 1 42  ? -3.485  -5.201  8.430   1.00 16.87 ? 129  GLY A C     1 
ATOM   331  O O     . GLY A 1 42  ? -2.533  -4.586  8.862   1.00 17.14 ? 129  GLY A O     1 
ATOM   332  N N     . SER A 1 43  ? -3.553  -5.618  7.169   1.00 16.71 ? 130  SER A N     1 
ATOM   333  C CA    . SER A 1 43  ? -2.444  -5.456  6.219   1.00 16.05 ? 130  SER A CA    1 
ATOM   334  C C     . SER A 1 43  ? -2.614  -4.281  5.238   1.00 16.61 ? 130  SER A C     1 
ATOM   335  O O     . SER A 1 43  ? -1.769  -4.084  4.347   1.00 15.47 ? 130  SER A O     1 
ATOM   336  C CB    . SER A 1 43  ? -2.201  -6.789  5.453   1.00 16.34 ? 130  SER A CB    1 
ATOM   337  O OG    . SER A 1 43  ? -3.158  -6.921  4.415   1.00 15.56 ? 130  SER A OG    1 
ATOM   338  N N     . PHE A 1 44  ? -3.669  -3.473  5.403   1.00 15.76 ? 131  PHE A N     1 
ATOM   339  C CA    . PHE A 1 44  ? -3.989  -2.475  4.373   1.00 15.56 ? 131  PHE A CA    1 
ATOM   340  C C     . PHE A 1 44  ? -3.000  -1.305  4.361   1.00 15.08 ? 131  PHE A C     1 
ATOM   341  O O     . PHE A 1 44  ? -2.634  -0.776  5.404   1.00 14.75 ? 131  PHE A O     1 
ATOM   342  C CB    . PHE A 1 44  ? -5.455  -2.012  4.434   1.00 15.90 ? 131  PHE A CB    1 
ATOM   343  C CG    . PHE A 1 44  ? -6.433  -3.127  4.208   1.00 16.58 ? 131  PHE A CG    1 
ATOM   344  C CD1   . PHE A 1 44  ? -6.765  -3.530  2.899   1.00 18.08 ? 131  PHE A CD1   1 
ATOM   345  C CD2   . PHE A 1 44  ? -7.015  -3.805  5.297   1.00 18.43 ? 131  PHE A CD2   1 
ATOM   346  C CE1   . PHE A 1 44  ? -7.636  -4.602  2.670   1.00 18.24 ? 131  PHE A CE1   1 
ATOM   347  C CE2   . PHE A 1 44  ? -7.895  -4.881  5.079   1.00 17.51 ? 131  PHE A CE2   1 
ATOM   348  C CZ    . PHE A 1 44  ? -8.204  -5.274  3.769   1.00 17.83 ? 131  PHE A CZ    1 
ATOM   349  N N     . HIS A 1 45  ? -2.581  -0.895  3.163   1.00 15.57 ? 132  HIS A N     1 
ATOM   350  C CA    . HIS A 1 45  ? -1.499  0.059   3.058   1.00 15.93 ? 132  HIS A CA    1 
ATOM   351  C C     . HIS A 1 45  ? -1.462  0.575   1.658   1.00 16.52 ? 132  HIS A C     1 
ATOM   352  O O     . HIS A 1 45  ? -2.050  -0.033  0.744   1.00 16.21 ? 132  HIS A O     1 
ATOM   353  C CB    . HIS A 1 45  ? -0.128  -0.601  3.424   1.00 16.38 ? 132  HIS A CB    1 
ATOM   354  C CG    . HIS A 1 45  ? 0.327   -1.632  2.434   1.00 17.25 ? 132  HIS A CG    1 
ATOM   355  N ND1   . HIS A 1 45  ? -0.158  -2.928  2.426   1.00 17.46 ? 132  HIS A ND1   1 
ATOM   356  C CD2   . HIS A 1 45  ? 1.188   -1.547  1.384   1.00 16.34 ? 132  HIS A CD2   1 
ATOM   357  C CE1   . HIS A 1 45  ? 0.397   -3.593  1.421   1.00 14.85 ? 132  HIS A CE1   1 
ATOM   358  N NE2   . HIS A 1 45  ? 1.216   -2.778  0.778   1.00 13.99 ? 132  HIS A NE2   1 
ATOM   359  N N     . ILE A 1 46  ? -0.772  1.699   1.493   1.00 16.12 ? 133  ILE A N     1 
ATOM   360  C CA    . ILE A 1 46  ? -0.355  2.155   0.189   1.00 16.02 ? 133  ILE A CA    1 
ATOM   361  C C     . ILE A 1 46  ? 1.155   1.953   0.086   1.00 15.24 ? 133  ILE A C     1 
ATOM   362  O O     . ILE A 1 46  ? 1.890   2.370   0.977   1.00 14.51 ? 133  ILE A O     1 
ATOM   363  C CB    . ILE A 1 46  ? -0.651  3.656   -0.025  1.00 16.52 ? 133  ILE A CB    1 
ATOM   364  C CG1   . ILE A 1 46  ? -2.105  3.997   0.328   1.00 18.15 ? 133  ILE A CG1   1 
ATOM   365  C CG2   . ILE A 1 46  ? -0.359  4.046   -1.502  1.00 17.03 ? 133  ILE A CG2   1 
ATOM   366  C CD1   . ILE A 1 46  ? -3.152  3.281   -0.601  1.00 21.91 ? 133  ILE A CD1   1 
ATOM   367  N N     . THR A 1 47  ? 1.618   1.320   -0.993  1.00 15.52 ? 134  THR A N     1 
ATOM   368  C CA    . THR A 1 47  ? 3.083   1.188   -1.206  1.00 15.86 ? 134  THR A CA    1 
ATOM   369  C C     . THR A 1 47  ? 3.594   2.515   -1.719  1.00 15.89 ? 134  THR A C     1 
ATOM   370  O O     . THR A 1 47  ? 3.080   3.044   -2.712  1.00 16.66 ? 134  THR A O     1 
ATOM   371  C CB    . THR A 1 47  ? 3.468   0.082   -2.209  1.00 15.53 ? 134  THR A CB    1 
ATOM   372  O OG1   . THR A 1 47  ? 3.126   -1.181  -1.657  1.00 15.86 ? 134  THR A OG1   1 
ATOM   373  C CG2   . THR A 1 47  ? 4.985   0.057   -2.484  1.00 15.48 ? 134  THR A CG2   1 
ATOM   374  N N     . LEU A 1 48  ? 4.586   3.054   -1.019  1.00 15.58 ? 135  LEU A N     1 
ATOM   375  C CA    . LEU A 1 48  ? 5.167   4.327   -1.401  1.00 14.78 ? 135  LEU A CA    1 
ATOM   376  C C     . LEU A 1 48  ? 6.450   4.130   -2.207  1.00 14.35 ? 135  LEU A C     1 
ATOM   377  O O     . LEU A 1 48  ? 6.720   4.835   -3.172  1.00 14.02 ? 135  LEU A O     1 
ATOM   378  C CB    . LEU A 1 48  ? 5.421   5.145   -0.135  1.00 14.85 ? 135  LEU A CB    1 
ATOM   379  C CG    . LEU A 1 48  ? 6.094   6.504   -0.368  1.00 13.88 ? 135  LEU A CG    1 
ATOM   380  C CD1   . LEU A 1 48  ? 5.102   7.387   -1.118  1.00 12.51 ? 135  LEU A CD1   1 
ATOM   381  C CD2   . LEU A 1 48  ? 6.431   7.057   1.013   1.00 12.41 ? 135  LEU A CD2   1 
ATOM   382  N N     . LEU A 1 49  ? 7.251   3.160   -1.795  1.00 13.80 ? 136  LEU A N     1 
ATOM   383  C CA    . LEU A 1 49  ? 8.498   2.852   -2.505  1.00 13.54 ? 136  LEU A CA    1 
ATOM   384  C C     . LEU A 1 49  ? 8.917   1.412   -2.250  1.00 14.11 ? 136  LEU A C     1 
ATOM   385  O O     . LEU A 1 49  ? 8.815   0.960   -1.127  1.00 14.78 ? 136  LEU A O     1 
ATOM   386  C CB    . LEU A 1 49  ? 9.590   3.797   -2.002  1.00 14.02 ? 136  LEU A CB    1 
ATOM   387  C CG    . LEU A 1 49  ? 11.009  3.644   -2.502  1.00 13.24 ? 136  LEU A CG    1 
ATOM   388  C CD1   . LEU A 1 49  ? 11.148  4.248   -3.931  1.00 13.13 ? 136  LEU A CD1   1 
ATOM   389  C CD2   . LEU A 1 49  ? 11.941  4.333   -1.538  1.00 11.45 ? 136  LEU A CD2   1 
ATOM   390  N N     . VAL A 1 50  ? 9.425   0.731   -3.271  1.00 13.42 ? 137  VAL A N     1 
ATOM   391  C CA    . VAL A 1 50  ? 10.057  -0.599  -3.118  1.00 12.91 ? 137  VAL A CA    1 
ATOM   392  C C     . VAL A 1 50  ? 11.584  -0.503  -3.139  1.00 12.68 ? 137  VAL A C     1 
ATOM   393  O O     . VAL A 1 50  ? 12.157  0.496   -3.624  1.00 12.75 ? 137  VAL A O     1 
ATOM   394  C CB    . VAL A 1 50  ? 9.531   -1.649  -4.183  1.00 12.41 ? 137  VAL A CB    1 
ATOM   395  C CG1   . VAL A 1 50  ? 7.961   -1.779  -4.100  1.00 9.92  ? 137  VAL A CG1   1 
ATOM   396  C CG2   . VAL A 1 50  ? 9.944   -1.259  -5.600  1.00 13.25 ? 137  VAL A CG2   1 
ATOM   397  N N     . MET A 1 51  ? 12.246  -1.526  -2.587  1.00 12.61 ? 138  MET A N     1 
ATOM   398  C CA    . MET A 1 51  ? 13.711  -1.505  -2.498  1.00 13.22 ? 138  MET A CA    1 
ATOM   399  C C     . MET A 1 51  ? 14.290  -2.879  -2.161  1.00 13.18 ? 138  MET A C     1 
ATOM   400  O O     . MET A 1 51  ? 13.555  -3.774  -1.745  1.00 13.52 ? 138  MET A O     1 
ATOM   401  C CB    . MET A 1 51  ? 14.154  -0.481  -1.434  1.00 13.08 ? 138  MET A CB    1 
ATOM   402  C CG    . MET A 1 51  ? 13.955  -0.971  0.006   1.00 14.22 ? 138  MET A CG    1 
ATOM   403  S SD    . MET A 1 51  ? 14.163  0.343   1.202   1.00 14.54 ? 138  MET A SD    1 
ATOM   404  C CE    . MET A 1 51  ? 12.618  1.255   0.887   1.00 14.57 ? 138  MET A CE    1 
ATOM   405  N N     . GLN A 1 52  ? 15.604  -3.028  -2.344  1.00 12.97 ? 139  GLN A N     1 
ATOM   406  C CA    . GLN A 1 52  ? 16.364  -4.183  -1.849  1.00 12.73 ? 139  GLN A CA    1 
ATOM   407  C C     . GLN A 1 52  ? 17.192  -3.837  -0.628  1.00 13.16 ? 139  GLN A C     1 
ATOM   408  O O     . GLN A 1 52  ? 17.939  -2.846  -0.642  1.00 13.22 ? 139  GLN A O     1 
ATOM   409  C CB    . GLN A 1 52  ? 17.316  -4.719  -2.905  1.00 13.08 ? 139  GLN A CB    1 
ATOM   410  C CG    . GLN A 1 52  ? 16.667  -5.767  -3.746  1.00 12.59 ? 139  GLN A CG    1 
ATOM   411  C CD    . GLN A 1 52  ? 17.599  -6.398  -4.762  1.00 11.28 ? 139  GLN A CD    1 
ATOM   412  O OE1   . GLN A 1 52  ? 18.757  -6.003  -4.927  1.00 10.47 ? 139  GLN A OE1   1 
ATOM   413  N NE2   . GLN A 1 52  ? 17.080  -7.377  -5.467  1.00 12.25 ? 139  GLN A NE2   1 
ATOM   414  N N     . LEU A 1 53  ? 17.039  -4.646  0.420   1.00 12.78 ? 140  LEU A N     1 
ATOM   415  C CA    . LEU A 1 53  ? 17.857  -4.560  1.643   1.00 12.37 ? 140  LEU A CA    1 
ATOM   416  C C     . LEU A 1 53  ? 18.321  -5.997  1.941   1.00 12.70 ? 140  LEU A C     1 
ATOM   417  O O     . LEU A 1 53  ? 17.546  -6.828  2.393   1.00 12.61 ? 140  LEU A O     1 
ATOM   418  C CB    . LEU A 1 53  ? 17.033  -3.960  2.818   1.00 11.28 ? 140  LEU A CB    1 
ATOM   419  C CG    . LEU A 1 53  ? 16.407  -2.561  2.747   1.00 9.90  ? 140  LEU A CG    1 
ATOM   420  C CD1   . LEU A 1 53  ? 15.818  -2.135  4.104   1.00 10.54 ? 140  LEU A CD1   1 
ATOM   421  C CD2   . LEU A 1 53  ? 17.418  -1.490  2.266   1.00 9.62  ? 140  LEU A CD2   1 
ATOM   422  N N     . LEU A 1 54  ? 19.582  -6.277  1.653   1.00 13.49 ? 141  LEU A N     1 
ATOM   423  C CA    . LEU A 1 54  ? 20.089  -7.642  1.557   1.00 13.64 ? 141  LEU A CA    1 
ATOM   424  C C     . LEU A 1 54  ? 20.905  -8.160  2.768   1.00 14.15 ? 141  LEU A C     1 
ATOM   425  O O     . LEU A 1 54  ? 21.332  -9.303  2.794   1.00 13.93 ? 141  LEU A O     1 
ATOM   426  C CB    . LEU A 1 54  ? 20.883  -7.804  0.236   1.00 13.13 ? 141  LEU A CB    1 
ATOM   427  C CG    . LEU A 1 54  ? 20.142  -7.447  -1.078  1.00 13.04 ? 141  LEU A CG    1 
ATOM   428  C CD1   . LEU A 1 54  ? 20.988  -7.887  -2.262  1.00 12.68 ? 141  LEU A CD1   1 
ATOM   429  C CD2   . LEU A 1 54  ? 18.758  -8.117  -1.156  1.00 13.22 ? 141  LEU A CD2   1 
ATOM   430  N N     . ASN A 1 55  ? 21.105  -7.315  3.770   1.00 15.77 ? 142  ASN A N     1 
ATOM   431  C CA    . ASN A 1 55  ? 21.794  -7.729  4.989   1.00 16.69 ? 142  ASN A CA    1 
ATOM   432  C C     . ASN A 1 55  ? 21.439  -6.774  6.118   1.00 17.41 ? 142  ASN A C     1 
ATOM   433  O O     . ASN A 1 55  ? 20.694  -5.815  5.890   1.00 17.90 ? 142  ASN A O     1 
ATOM   434  C CB    . ASN A 1 55  ? 23.314  -7.857  4.757   1.00 16.80 ? 142  ASN A CB    1 
ATOM   435  C CG    . ASN A 1 55  ? 23.956  -6.552  4.318   1.00 16.99 ? 142  ASN A CG    1 
ATOM   436  O OD1   . ASN A 1 55  ? 23.799  -5.531  4.986   1.00 17.18 ? 142  ASN A OD1   1 
ATOM   437  N ND2   . ASN A 1 55  ? 24.687  -6.580  3.206   1.00 15.78 ? 142  ASN A ND2   1 
ATOM   438  N N     . GLU A 1 56  ? 21.963  -7.043  7.320   1.00 18.22 ? 143  GLU A N     1 
ATOM   439  C CA    . GLU A 1 56  ? 21.605  -6.289  8.535   1.00 19.09 ? 143  GLU A CA    1 
ATOM   440  C C     . GLU A 1 56  ? 22.030  -4.821  8.518   1.00 18.40 ? 143  GLU A C     1 
ATOM   441  O O     . GLU A 1 56  ? 21.265  -3.925  8.931   1.00 17.93 ? 143  GLU A O     1 
ATOM   442  C CB    . GLU A 1 56  ? 22.175  -6.972  9.767   1.00 19.83 ? 143  GLU A CB    1 
ATOM   443  C CG    . GLU A 1 56  ? 21.400  -6.626  11.025  1.00 23.17 ? 143  GLU A CG    1 
ATOM   444  C CD    . GLU A 1 56  ? 21.960  -7.274  12.273  1.00 25.74 ? 143  GLU A CD    1 
ATOM   445  O OE1   . GLU A 1 56  ? 22.966  -8.043  12.171  1.00 29.25 ? 143  GLU A OE1   1 
ATOM   446  O OE2   . GLU A 1 56  ? 21.375  -6.999  13.357  1.00 27.42 ? 143  GLU A OE2   1 
ATOM   447  N N     . ASP A 1 57  ? 23.235  -4.586  8.015   1.00 18.11 ? 144  ASP A N     1 
ATOM   448  C CA    . ASP A 1 57  ? 23.767  -3.236  7.836   1.00 17.58 ? 144  ASP A CA    1 
ATOM   449  C C     . ASP A 1 57  ? 22.943  -2.376  6.858   1.00 17.36 ? 144  ASP A C     1 
ATOM   450  O O     . ASP A 1 57  ? 22.646  -1.222  7.158   1.00 17.12 ? 144  ASP A O     1 
ATOM   451  C CB    . ASP A 1 57  ? 25.263  -3.285  7.459   1.00 18.29 ? 144  ASP A CB    1 
ATOM   452  C CG    . ASP A 1 57  ? 26.136  -3.973  8.539   1.00 17.74 ? 144  ASP A CG    1 
ATOM   453  O OD1   . ASP A 1 57  ? 25.706  -4.092  9.721   1.00 19.27 ? 144  ASP A OD1   1 
ATOM   454  O OD2   . ASP A 1 57  ? 27.276  -4.411  8.206   1.00 16.35 ? 144  ASP A OD2   1 
ATOM   455  N N     . GLU A 1 58  ? 22.567  -2.941  5.705   1.00 17.84 ? 145  GLU A N     1 
ATOM   456  C CA    . GLU A 1 58  ? 21.697  -2.251  4.706   1.00 17.75 ? 145  GLU A CA    1 
ATOM   457  C C     . GLU A 1 58  ? 20.308  -1.940  5.245   1.00 17.35 ? 145  GLU A C     1 
ATOM   458  O O     . GLU A 1 58  ? 19.715  -0.914  4.918   1.00 17.23 ? 145  GLU A O     1 
ATOM   459  C CB    . GLU A 1 58  ? 21.535  -3.096  3.456   1.00 17.92 ? 145  GLU A CB    1 
ATOM   460  C CG    . GLU A 1 58  ? 22.682  -3.022  2.489   1.00 20.04 ? 145  GLU A CG    1 
ATOM   461  C CD    . GLU A 1 58  ? 22.393  -3.764  1.190   1.00 20.02 ? 145  GLU A CD    1 
ATOM   462  O OE1   . GLU A 1 58  ? 21.220  -4.165  0.934   1.00 22.68 ? 145  GLU A OE1   1 
ATOM   463  O OE2   . GLU A 1 58  ? 23.369  -3.958  0.431   1.00 24.23 ? 145  GLU A OE2   1 
ATOM   464  N N     . VAL A 1 59  ? 19.798  -2.864  6.061   1.00 17.44 ? 146  VAL A N     1 
ATOM   465  C CA    . VAL A 1 59  ? 18.548  -2.704  6.773   1.00 17.56 ? 146  VAL A CA    1 
ATOM   466  C C     . VAL A 1 59  ? 18.652  -1.522  7.721   1.00 17.72 ? 146  VAL A C     1 
ATOM   467  O O     . VAL A 1 59  ? 17.759  -0.665  7.748   1.00 17.39 ? 146  VAL A O     1 
ATOM   468  C CB    . VAL A 1 59  ? 18.150  -4.021  7.520   1.00 17.56 ? 146  VAL A CB    1 
ATOM   469  C CG1   . VAL A 1 59  ? 17.132  -3.756  8.591   1.00 18.07 ? 146  VAL A CG1   1 
ATOM   470  C CG2   . VAL A 1 59  ? 17.610  -5.039  6.526   1.00 18.81 ? 146  VAL A CG2   1 
ATOM   471  N N     . ASN A 1 60  ? 19.733  -1.469  8.500   1.00 17.52 ? 147  ASN A N     1 
ATOM   472  C CA    . ASN A 1 60  ? 19.991  -0.304  9.356   1.00 17.39 ? 147  ASN A CA    1 
ATOM   473  C C     . ASN A 1 60  ? 20.172  1.002   8.575   1.00 16.55 ? 147  ASN A C     1 
ATOM   474  O O     . ASN A 1 60  ? 19.695  2.045   9.014   1.00 16.44 ? 147  ASN A O     1 
ATOM   475  C CB    . ASN A 1 60  ? 21.180  -0.543  10.294  1.00 17.79 ? 147  ASN A CB    1 
ATOM   476  C CG    . ASN A 1 60  ? 20.873  -1.562  11.390  1.00 18.66 ? 147  ASN A CG    1 
ATOM   477  O OD1   . ASN A 1 60  ? 19.722  -1.762  11.766  1.00 20.58 ? 147  ASN A OD1   1 
ATOM   478  N ND2   . ASN A 1 60  ? 21.922  -2.185  11.927  1.00 19.91 ? 147  ASN A ND2   1 
ATOM   479  N N     . ILE A 1 61  ? 20.841  0.944   7.423   1.00 15.67 ? 148  ILE A N     1 
ATOM   480  C CA    . ILE A 1 61  ? 20.907  2.082   6.505   1.00 15.90 ? 148  ILE A CA    1 
ATOM   481  C C     . ILE A 1 61  ? 19.511  2.498   6.018   1.00 15.74 ? 148  ILE A C     1 
ATOM   482  O O     . ILE A 1 61  ? 19.190  3.697   5.983   1.00 15.85 ? 148  ILE A O     1 
ATOM   483  C CB    . ILE A 1 61  ? 21.861  1.827   5.306   1.00 15.99 ? 148  ILE A CB    1 
ATOM   484  C CG1   . ILE A 1 61  ? 23.327  1.700   5.769   1.00 15.36 ? 148  ILE A CG1   1 
ATOM   485  C CG2   . ILE A 1 61  ? 21.756  2.966   4.243   1.00 16.62 ? 148  ILE A CG2   1 
ATOM   486  C CD1   . ILE A 1 61  ? 24.215  0.935   4.779   1.00 14.84 ? 148  ILE A CD1   1 
ATOM   487  N N     . GLY A 1 62  ? 18.682  1.505   5.657   1.00 15.57 ? 149  GLY A N     1 
ATOM   488  C CA    . GLY A 1 62  ? 17.292  1.735   5.289   1.00 15.87 ? 149  GLY A CA    1 
ATOM   489  C C     . GLY A 1 62  ? 16.532  2.529   6.331   1.00 16.75 ? 149  GLY A C     1 
ATOM   490  O O     . GLY A 1 62  ? 15.744  3.413   6.001   1.00 16.09 ? 149  GLY A O     1 
ATOM   491  N N     . THR A 1 63  ? 16.780  2.203   7.593   1.00 17.20 ? 150  THR A N     1 
ATOM   492  C CA    . THR A 1 63  ? 16.173  2.870   8.732   1.00 18.20 ? 150  THR A CA    1 
ATOM   493  C C     . THR A 1 63  ? 16.617  4.323   8.864   1.00 18.73 ? 150  THR A C     1 
ATOM   494  O O     . THR A 1 63  ? 15.793  5.187   9.133   1.00 18.47 ? 150  THR A O     1 
ATOM   495  C CB    . THR A 1 63  ? 16.446  2.087   10.012  1.00 18.21 ? 150  THR A CB    1 
ATOM   496  O OG1   . THR A 1 63  ? 15.558  0.953   10.054  1.00 17.55 ? 150  THR A OG1   1 
ATOM   497  C CG2   . THR A 1 63  ? 16.271  2.971   11.279  1.00 19.02 ? 150  THR A CG2   1 
ATOM   498  N N     . ASP A 1 64  ? 17.904  4.569   8.634   1.00 18.67 ? 151  ASP A N     1 
ATOM   499  C CA    . ASP A 1 64  ? 18.482  5.896   8.654   1.00 18.12 ? 151  ASP A CA    1 
ATOM   500  C C     . ASP A 1 64  ? 17.937  6.755   7.514   1.00 17.75 ? 151  ASP A C     1 
ATOM   501  O O     . ASP A 1 64  ? 17.618  7.924   7.729   1.00 17.54 ? 151  ASP A O     1 
ATOM   502  C CB    . ASP A 1 64  ? 20.009  5.825   8.569   1.00 18.79 ? 151  ASP A CB    1 
ATOM   503  C CG    . ASP A 1 64  ? 20.652  5.205   9.810   1.00 19.89 ? 151  ASP A CG    1 
ATOM   504  O OD1   . ASP A 1 64  ? 19.993  5.073   10.875  1.00 20.29 ? 151  ASP A OD1   1 
ATOM   505  O OD2   . ASP A 1 64  ? 21.855  4.858   9.715   1.00 22.53 ? 151  ASP A OD2   1 
ATOM   506  N N     . ALA A 1 65  ? 17.833  6.178   6.318   1.00 16.29 ? 152  ALA A N     1 
ATOM   507  C CA    . ALA A 1 65  ? 17.235  6.870   5.181   1.00 15.61 ? 152  ALA A CA    1 
ATOM   508  C C     . ALA A 1 65  ? 15.773  7.265   5.435   1.00 15.68 ? 152  ALA A C     1 
ATOM   509  O O     . ALA A 1 65  ? 15.364  8.357   5.070   1.00 15.18 ? 152  ALA A O     1 
ATOM   510  C CB    . ALA A 1 65  ? 17.358  6.014   3.910   1.00 15.35 ? 152  ALA A CB    1 
ATOM   511  N N     . LEU A 1 66  ? 14.994  6.382   6.060   1.00 15.33 ? 153  LEU A N     1 
ATOM   512  C CA    . LEU A 1 66  ? 13.595  6.720   6.438   1.00 15.15 ? 153  LEU A CA    1 
ATOM   513  C C     . LEU A 1 66  ? 13.517  7.916   7.403   1.00 16.38 ? 153  LEU A C     1 
ATOM   514  O O     . LEU A 1 66  ? 12.652  8.804   7.247   1.00 15.94 ? 153  LEU A O     1 
ATOM   515  C CB    . LEU A 1 66  ? 12.838  5.506   7.007   1.00 15.10 ? 153  LEU A CB    1 
ATOM   516  C CG    . LEU A 1 66  ? 11.333  5.739   7.318   1.00 15.30 ? 153  LEU A CG    1 
ATOM   517  C CD1   . LEU A 1 66  ? 10.497  6.200   6.064   1.00 14.55 ? 153  LEU A CD1   1 
ATOM   518  C CD2   . LEU A 1 66  ? 10.646  4.556   8.055   1.00 14.28 ? 153  LEU A CD2   1 
ATOM   519  N N     . LEU A 1 67  ? 14.416  7.942   8.389   1.00 18.13 ? 154  LEU A N     1 
ATOM   520  C CA    . LEU A 1 67  ? 14.490  9.047   9.347   1.00 19.70 ? 154  LEU A CA    1 
ATOM   521  C C     . LEU A 1 67  ? 14.763  10.369  8.629   1.00 20.44 ? 154  LEU A C     1 
ATOM   522  O O     . LEU A 1 67  ? 14.128  11.381  8.924   1.00 20.17 ? 154  LEU A O     1 
ATOM   523  C CB    . LEU A 1 67  ? 15.544  8.781   10.441  1.00 20.05 ? 154  LEU A CB    1 
ATOM   524  C CG    . LEU A 1 67  ? 15.247  7.674   11.464  1.00 20.57 ? 154  LEU A CG    1 
ATOM   525  C CD1   . LEU A 1 67  ? 16.408  7.481   12.436  1.00 22.11 ? 154  LEU A CD1   1 
ATOM   526  C CD2   . LEU A 1 67  ? 13.920  7.905   12.237  1.00 20.51 ? 154  LEU A CD2   1 
ATOM   527  N N     . GLU A 1 68  ? 15.676  10.332  7.664   1.00 21.01 ? 155  GLU A N     1 
ATOM   528  C CA    . GLU A 1 68  ? 16.042  11.493  6.848   1.00 22.16 ? 155  GLU A CA    1 
ATOM   529  C C     . GLU A 1 68  ? 14.900  12.028  5.990   1.00 21.75 ? 155  GLU A C     1 
ATOM   530  O O     . GLU A 1 68  ? 14.796  13.225  5.740   1.00 21.66 ? 155  GLU A O     1 
ATOM   531  C CB    . GLU A 1 68  ? 17.175  11.110  5.913   1.00 23.03 ? 155  GLU A CB    1 
ATOM   532  C CG    . GLU A 1 68  ? 18.519  10.966  6.573   1.00 27.73 ? 155  GLU A CG    1 
ATOM   533  C CD    . GLU A 1 68  ? 19.658  10.868  5.547   1.00 32.43 ? 155  GLU A CD    1 
ATOM   534  O OE1   . GLU A 1 68  ? 20.829  10.801  6.007   1.00 33.73 ? 155  GLU A OE1   1 
ATOM   535  O OE2   . GLU A 1 68  ? 19.389  10.855  4.300   1.00 33.71 ? 155  GLU A OE2   1 
ATOM   536  N N     . LEU A 1 69  ? 14.058  11.117  5.521   1.00 20.98 ? 156  LEU A N     1 
ATOM   537  C CA    . LEU A 1 69  ? 12.934  11.447  4.665   1.00 20.44 ? 156  LEU A CA    1 
ATOM   538  C C     . LEU A 1 69  ? 11.881  12.299  5.389   1.00 20.88 ? 156  LEU A C     1 
ATOM   539  O O     . LEU A 1 69  ? 11.151  13.088  4.781   1.00 20.97 ? 156  LEU A O     1 
ATOM   540  C CB    . LEU A 1 69  ? 12.327  10.136  4.094   1.00 20.42 ? 156  LEU A CB    1 
ATOM   541  C CG    . LEU A 1 69  ? 11.138  10.283  3.149   1.00 19.25 ? 156  LEU A CG    1 
ATOM   542  C CD1   . LEU A 1 69  ? 11.496  11.075  1.903   1.00 17.91 ? 156  LEU A CD1   1 
ATOM   543  C CD2   . LEU A 1 69  ? 10.510  8.949   2.818   1.00 19.86 ? 156  LEU A CD2   1 
ATOM   544  N N     . LYS A 1 70  ? 11.819  12.156  6.700   1.00 20.51 ? 157  LYS A N     1 
ATOM   545  C CA    . LYS A 1 70  ? 10.773  12.803  7.480   1.00 20.06 ? 157  LYS A CA    1 
ATOM   546  C C     . LYS A 1 70  ? 10.621  14.329  7.242   1.00 19.49 ? 157  LYS A C     1 
ATOM   547  O O     . LYS A 1 70  ? 9.508   14.782  6.908   1.00 19.24 ? 157  LYS A O     1 
ATOM   548  C CB    . LYS A 1 70  ? 10.938  12.476  8.975   1.00 19.93 ? 157  LYS A CB    1 
ATOM   549  C CG    . LYS A 1 70  ? 9.841   13.058  9.818   1.00 21.67 ? 157  LYS A CG    1 
ATOM   550  C CD    . LYS A 1 70  ? 10.012  12.617  11.262  1.00 23.54 ? 157  LYS A CD    1 
ATOM   551  C CE    . LYS A 1 70  ? 9.102   13.424  12.166  1.00 24.68 ? 157  LYS A CE    1 
ATOM   552  N NZ    . LYS A 1 70  ? 9.692   13.408  13.547  1.00 26.75 ? 157  LYS A NZ    1 
ATOM   553  N N     . PRO A 1 71  ? 11.702  15.118  7.458   1.00 18.67 ? 158  PRO A N     1 
ATOM   554  C CA    . PRO A 1 71  ? 11.656  16.562  7.162   1.00 17.91 ? 158  PRO A CA    1 
ATOM   555  C C     . PRO A 1 71  ? 11.333  16.931  5.704   1.00 17.10 ? 158  PRO A C     1 
ATOM   556  O O     . PRO A 1 71  ? 10.713  17.985  5.468   1.00 16.24 ? 158  PRO A O     1 
ATOM   557  C CB    . PRO A 1 71  ? 13.061  17.040  7.545   1.00 18.44 ? 158  PRO A CB    1 
ATOM   558  C CG    . PRO A 1 71  ? 13.922  15.802  7.496   1.00 18.80 ? 158  PRO A CG    1 
ATOM   559  C CD    . PRO A 1 71  ? 13.013  14.744  8.031   1.00 18.70 ? 158  PRO A CD    1 
ATOM   560  N N     . PHE A 1 72  ? 11.730  16.076  4.752   1.00 15.92 ? 159  PHE A N     1 
ATOM   561  C CA    . PHE A 1 72  ? 11.443  16.261  3.323   1.00 15.33 ? 159  PHE A CA    1 
ATOM   562  C C     . PHE A 1 72  ? 9.941   16.185  3.010   1.00 14.27 ? 159  PHE A C     1 
ATOM   563  O O     . PHE A 1 72  ? 9.418   16.978  2.232   1.00 14.27 ? 159  PHE A O     1 
ATOM   564  C CB    . PHE A 1 72  ? 12.152  15.188  2.499   1.00 15.72 ? 159  PHE A CB    1 
ATOM   565  C CG    . PHE A 1 72  ? 13.601  15.473  2.235   1.00 17.08 ? 159  PHE A CG    1 
ATOM   566  C CD1   . PHE A 1 72  ? 13.975  16.446  1.323   1.00 18.40 ? 159  PHE A CD1   1 
ATOM   567  C CD2   . PHE A 1 72  ? 14.588  14.754  2.890   1.00 18.27 ? 159  PHE A CD2   1 
ATOM   568  C CE1   . PHE A 1 72  ? 15.335  16.700  1.063   1.00 19.72 ? 159  PHE A CE1   1 
ATOM   569  C CE2   . PHE A 1 72  ? 15.941  14.991  2.654   1.00 19.09 ? 159  PHE A CE2   1 
ATOM   570  C CZ    . PHE A 1 72  ? 16.317  15.964  1.737   1.00 18.88 ? 159  PHE A CZ    1 
ATOM   571  N N     . VAL A 1 73  ? 9.268   15.212  3.623   1.00 13.65 ? 160  VAL A N     1 
ATOM   572  C CA    . VAL A 1 73  ? 7.819   15.046  3.540   1.00 12.57 ? 160  VAL A CA    1 
ATOM   573  C C     . VAL A 1 73  ? 7.051   16.260  4.019   1.00 13.32 ? 160  VAL A C     1 
ATOM   574  O O     . VAL A 1 73  ? 6.071   16.657  3.379   1.00 12.60 ? 160  VAL A O     1 
ATOM   575  C CB    . VAL A 1 73  ? 7.372   13.810  4.336   1.00 11.82 ? 160  VAL A CB    1 
ATOM   576  C CG1   . VAL A 1 73  ? 5.856   13.732  4.436   1.00 10.83 ? 160  VAL A CG1   1 
ATOM   577  C CG2   . VAL A 1 73  ? 7.960   12.558  3.710   1.00 10.42 ? 160  VAL A CG2   1 
ATOM   578  N N     . GLU A 1 74  ? 7.484   16.865  5.124   1.00 14.23 ? 161  GLU A N     1 
ATOM   579  C CA    . GLU A 1 74  ? 6.764   18.059  5.647   1.00 15.02 ? 161  GLU A CA    1 
ATOM   580  C C     . GLU A 1 74  ? 6.982   19.338  4.844   1.00 15.05 ? 161  GLU A C     1 
ATOM   581  O O     . GLU A 1 74  ? 6.072   20.172  4.774   1.00 15.00 ? 161  GLU A O     1 
ATOM   582  C CB    . GLU A 1 74  ? 7.001   18.302  7.153   1.00 15.38 ? 161  GLU A CB    1 
ATOM   583  C CG    . GLU A 1 74  ? 6.711   17.081  8.022   1.00 17.05 ? 161  GLU A CG    1 
ATOM   584  C CD    . GLU A 1 74  ? 5.221   16.694  8.157   1.00 19.93 ? 161  GLU A CD    1 
ATOM   585  O OE1   . GLU A 1 74  ? 4.332   17.263  7.464   1.00 21.61 ? 161  GLU A OE1   1 
ATOM   586  O OE2   . GLU A 1 74  ? 4.952   15.787  8.987   1.00 21.63 ? 161  GLU A OE2   1 
ATOM   587  N N     . GLU A 1 75  ? 8.167   19.477  4.236   1.00 14.97 ? 162  GLU A N     1 
ATOM   588  C CA    . GLU A 1 75  ? 8.450   20.525  3.237   1.00 14.86 ? 162  GLU A CA    1 
ATOM   589  C C     . GLU A 1 75  ? 7.514   20.419  2.028   1.00 13.95 ? 162  GLU A C     1 
ATOM   590  O O     . GLU A 1 75  ? 6.929   21.399  1.588   1.00 14.62 ? 162  GLU A O     1 
ATOM   591  C CB    . GLU A 1 75  ? 9.869   20.377  2.720   1.00 14.79 ? 162  GLU A CB    1 
ATOM   592  C CG    . GLU A 1 75  ? 10.970  21.021  3.518   1.00 16.16 ? 162  GLU A CG    1 
ATOM   593  C CD    . GLU A 1 75  ? 12.317  20.940  2.790   1.00 16.24 ? 162  GLU A CD    1 
ATOM   594  O OE1   . GLU A 1 75  ? 12.441  20.133  1.842   1.00 18.90 ? 162  GLU A OE1   1 
ATOM   595  O OE2   . GLU A 1 75  ? 13.262  21.674  3.172   1.00 18.36 ? 162  GLU A OE2   1 
ATOM   596  N N     . ILE A 1 76  ? 7.380   19.199  1.500   1.00 13.57 ? 163  ILE A N     1 
ATOM   597  C CA    . ILE A 1 76  ? 6.488   18.946  0.363   1.00 13.00 ? 163  ILE A CA    1 
ATOM   598  C C     . ILE A 1 76  ? 5.023   19.313  0.663   1.00 12.63 ? 163  ILE A C     1 
ATOM   599  O O     . ILE A 1 76  ? 4.324   19.866  -0.205  1.00 12.56 ? 163  ILE A O     1 
ATOM   600  C CB    . ILE A 1 76  ? 6.633   17.504  -0.151  1.00 12.83 ? 163  ILE A CB    1 
ATOM   601  C CG1   . ILE A 1 76  ? 8.014   17.323  -0.804  1.00 12.64 ? 163  ILE A CG1   1 
ATOM   602  C CG2   . ILE A 1 76  ? 5.476   17.120  -1.110  1.00 12.86 ? 163  ILE A CG2   1 
ATOM   603  C CD1   . ILE A 1 76  ? 8.438   15.860  -0.887  1.00 12.00 ? 163  ILE A CD1   1 
ATOM   604  N N     . LEU A 1 77  ? 4.588   19.044  1.896   1.00 12.36 ? 164  LEU A N     1 
ATOM   605  C CA    . LEU A 1 77  ? 3.196   19.299  2.310   1.00 11.81 ? 164  LEU A CA    1 
ATOM   606  C C     . LEU A 1 77  ? 2.933   20.732  2.790   1.00 11.41 ? 164  LEU A C     1 
ATOM   607  O O     . LEU A 1 77  ? 1.794   21.114  3.007   1.00 10.61 ? 164  LEU A O     1 
ATOM   608  C CB    . LEU A 1 77  ? 2.726   18.270  3.343   1.00 11.82 ? 164  LEU A CB    1 
ATOM   609  C CG    . LEU A 1 77  ? 2.753   16.800  2.904   1.00 11.42 ? 164  LEU A CG    1 
ATOM   610  C CD1   . LEU A 1 77  ? 2.289   15.877  4.016   1.00 12.15 ? 164  LEU A CD1   1 
ATOM   611  C CD2   . LEU A 1 77  ? 1.933   16.580  1.635   1.00 11.19 ? 164  LEU A CD2   1 
ATOM   612  N N     . GLU A 1 78  ? 3.997   21.511  2.935   1.00 11.80 ? 165  GLU A N     1 
ATOM   613  C CA    . GLU A 1 78  ? 3.919   22.953  3.182   1.00 12.36 ? 165  GLU A CA    1 
ATOM   614  C C     . GLU A 1 78  ? 3.225   23.317  4.514   1.00 11.59 ? 165  GLU A C     1 
ATOM   615  O O     . GLU A 1 78  ? 2.558   24.361  4.625   1.00 11.36 ? 165  GLU A O     1 
ATOM   616  C CB    . GLU A 1 78  ? 3.267   23.691  1.992   1.00 12.48 ? 165  GLU A CB    1 
ATOM   617  C CG    . GLU A 1 78  ? 3.594   23.110  0.615   1.00 14.86 ? 165  GLU A CG    1 
ATOM   618  C CD    . GLU A 1 78  ? 3.373   24.096  -0.535  1.00 13.88 ? 165  GLU A CD    1 
ATOM   619  O OE1   . GLU A 1 78  ? 2.539   25.034  -0.410  1.00 15.91 ? 165  GLU A OE1   1 
ATOM   620  O OE2   . GLU A 1 78  ? 4.062   23.936  -1.575  1.00 14.80 ? 165  GLU A OE2   1 
ATOM   621  N N     . GLY A 1 79  ? 3.419   22.453  5.512   1.00 11.41 ? 166  GLY A N     1 
ATOM   622  C CA    . GLY A 1 79  ? 2.878   22.643  6.848   1.00 10.63 ? 166  GLY A CA    1 
ATOM   623  C C     . GLY A 1 79  ? 1.407   22.283  6.938   1.00 10.35 ? 166  GLY A C     1 
ATOM   624  O O     . GLY A 1 79  ? 0.708   22.740  7.861   1.00 10.08 ? 166  GLY A O     1 
ATOM   625  N N     . LYS A 1 80  ? 0.940   21.485  5.965   1.00 10.47 ? 167  LYS A N     1 
ATOM   626  C CA    . LYS A 1 80  ? -0.455  21.044  5.881   1.00 10.21 ? 167  LYS A CA    1 
ATOM   627  C C     . LYS A 1 80  ? -0.482  19.532  5.955   1.00 10.05 ? 167  LYS A C     1 
ATOM   628  O O     . LYS A 1 80  ? 0.556   18.873  5.847   1.00 9.27  ? 167  LYS A O     1 
ATOM   629  C CB    . LYS A 1 80  ? -1.066  21.446  4.540   1.00 10.85 ? 167  LYS A CB    1 
ATOM   630  C CG    . LYS A 1 80  ? -1.853  22.719  4.535   1.00 10.80 ? 167  LYS A CG    1 
ATOM   631  C CD    . LYS A 1 80  ? -2.646  22.807  3.215   1.00 10.46 ? 167  LYS A CD    1 
ATOM   632  C CE    . LYS A 1 80  ? -1.751  23.204  2.010   1.00 11.21 ? 167  LYS A CE    1 
ATOM   633  N NZ    . LYS A 1 80  ? -2.589  23.547  0.808   1.00 9.47  ? 167  LYS A NZ    1 
ATOM   634  N N     . HIS A 1 81  ? -1.668  18.975  6.108   1.00 10.28 ? 168  HIS A N     1 
ATOM   635  C CA    . HIS A 1 81  ? -1.823  17.521  6.089   1.00 10.49 ? 168  HIS A CA    1 
ATOM   636  C C     . HIS A 1 81  ? -2.144  17.007  4.698   1.00 10.70 ? 168  HIS A C     1 
ATOM   637  O O     . HIS A 1 81  ? -2.695  17.724  3.891   1.00 9.12  ? 168  HIS A O     1 
ATOM   638  C CB    . HIS A 1 81  ? -2.897  17.099  7.075   1.00 10.99 ? 168  HIS A CB    1 
ATOM   639  C CG    . HIS A 1 81  ? -2.480  17.278  8.494   1.00 11.80 ? 168  HIS A CG    1 
ATOM   640  N ND1   . HIS A 1 81  ? -2.717  18.442  9.202   1.00 13.36 ? 168  HIS A ND1   1 
ATOM   641  C CD2   . HIS A 1 81  ? -1.799  16.458  9.328   1.00 11.45 ? 168  HIS A CD2   1 
ATOM   642  C CE1   . HIS A 1 81  ? -2.211  18.319  10.416  1.00 13.15 ? 168  HIS A CE1   1 
ATOM   643  N NE2   . HIS A 1 81  ? -1.654  17.122  10.517  1.00 12.54 ? 168  HIS A NE2   1 
ATOM   644  N N     . LEU A 1 82  ? -1.813  15.757  4.443   1.00 11.05 ? 169  LEU A N     1 
ATOM   645  C CA    . LEU A 1 82  ? -2.172  15.116  3.188   1.00 12.52 ? 169  LEU A CA    1 
ATOM   646  C C     . LEU A 1 82  ? -3.382  14.219  3.364   1.00 13.45 ? 169  LEU A C     1 
ATOM   647  O O     . LEU A 1 82  ? -3.316  13.216  4.060   1.00 13.67 ? 169  LEU A O     1 
ATOM   648  C CB    . LEU A 1 82  ? -0.979  14.334  2.617   1.00 12.53 ? 169  LEU A CB    1 
ATOM   649  C CG    . LEU A 1 82  ? -1.112  13.723  1.219   1.00 12.26 ? 169  LEU A CG    1 
ATOM   650  C CD1   . LEU A 1 82  ? -1.306  14.830  0.197   1.00 12.64 ? 169  LEU A CD1   1 
ATOM   651  C CD2   . LEU A 1 82  ? 0.127   12.882  0.906   1.00 12.21 ? 169  LEU A CD2   1 
ATOM   652  N N     . THR A 1 83  ? -4.480  14.581  2.710   1.00 14.53 ? 170  THR A N     1 
ATOM   653  C CA    . THR A 1 83  ? -5.706  13.776  2.730   1.00 15.44 ? 170  THR A CA    1 
ATOM   654  C C     . THR A 1 83  ? -5.859  12.866  1.499   1.00 16.36 ? 170  THR A C     1 
ATOM   655  O O     . THR A 1 83  ? -5.954  13.342  0.365   1.00 16.26 ? 170  THR A O     1 
ATOM   656  C CB    . THR A 1 83  ? -6.950  14.663  2.900   1.00 15.28 ? 170  THR A CB    1 
ATOM   657  O OG1   . THR A 1 83  ? -6.820  15.423  4.112   1.00 15.92 ? 170  THR A OG1   1 
ATOM   658  C CG2   . THR A 1 83  ? -8.218  13.804  2.988   1.00 15.76 ? 170  THR A CG2   1 
ATOM   659  N N     . LEU A 1 84  ? -5.894  11.560  1.755   1.00 17.13 ? 171  LEU A N     1 
ATOM   660  C CA    . LEU A 1 84  ? -6.016  10.533  0.727   1.00 17.80 ? 171  LEU A CA    1 
ATOM   661  C C     . LEU A 1 84  ? -7.434  9.970   0.664   1.00 18.23 ? 171  LEU A C     1 
ATOM   662  O O     . LEU A 1 84  ? -7.821  9.178   1.511   1.00 18.19 ? 171  LEU A O     1 
ATOM   663  C CB    . LEU A 1 84  ? -5.017  9.415   0.989   1.00 18.47 ? 171  LEU A CB    1 
ATOM   664  C CG    . LEU A 1 84  ? -3.540  9.866   0.966   1.00 19.72 ? 171  LEU A CG    1 
ATOM   665  C CD1   . LEU A 1 84  ? -2.577  8.742   1.406   1.00 22.61 ? 171  LEU A CD1   1 
ATOM   666  C CD2   . LEU A 1 84  ? -3.143  10.436  -0.405  1.00 19.77 ? 171  LEU A CD2   1 
ATOM   667  N N     . PRO A 1 85  ? -8.226  10.392  -0.336  1.00 18.29 ? 172  PRO A N     1 
ATOM   668  C CA    . PRO A 1 85  ? -9.563  9.856   -0.459  1.00 17.83 ? 172  PRO A CA    1 
ATOM   669  C C     . PRO A 1 85  ? -9.597  8.554   -1.271  1.00 17.99 ? 172  PRO A C     1 
ATOM   670  O O     . PRO A 1 85  ? -8.989  8.452   -2.341  1.00 18.00 ? 172  PRO A O     1 
ATOM   671  C CB    . PRO A 1 85  ? -10.326 10.980  -1.169  1.00 17.95 ? 172  PRO A CB    1 
ATOM   672  C CG    . PRO A 1 85  ? -9.304  11.974  -1.593  1.00 18.70 ? 172  PRO A CG    1 
ATOM   673  C CD    . PRO A 1 85  ? -7.967  11.383  -1.387  1.00 18.50 ? 172  PRO A CD    1 
ATOM   674  N N     . PHE A 1 86  ? -10.332 7.580   -0.743  1.00 17.83 ? 173  PHE A N     1 
ATOM   675  C CA    . PHE A 1 86  ? -10.437 6.246   -1.340  1.00 17.69 ? 173  PHE A CA    1 
ATOM   676  C C     . PHE A 1 86  ? -11.852 5.978   -1.829  1.00 17.72 ? 173  PHE A C     1 
ATOM   677  O O     . PHE A 1 86  ? -12.816 5.968   -1.052  1.00 16.87 ? 173  PHE A O     1 
ATOM   678  C CB    . PHE A 1 86  ? -9.903  5.199   -0.370  1.00 17.85 ? 173  PHE A CB    1 
ATOM   679  C CG    . PHE A 1 86  ? -8.408  5.276   -0.210  1.00 17.78 ? 173  PHE A CG    1 
ATOM   680  C CD1   . PHE A 1 86  ? -7.561  4.841   -1.249  1.00 17.00 ? 173  PHE A CD1   1 
ATOM   681  C CD2   . PHE A 1 86  ? -7.842  5.836   0.934   1.00 18.03 ? 173  PHE A CD2   1 
ATOM   682  C CE1   . PHE A 1 86  ? -6.172  4.950   -1.141  1.00 16.40 ? 173  PHE A CE1   1 
ATOM   683  C CE2   . PHE A 1 86  ? -6.472  5.940   1.044   1.00 16.99 ? 173  PHE A CE2   1 
ATOM   684  C CZ    . PHE A 1 86  ? -5.632  5.489   -0.012  1.00 16.72 ? 173  PHE A CZ    1 
ATOM   685  N N     . HIS A 1 87  ? -11.978 5.804   -3.140  1.00 17.67 ? 174  HIS A N     1 
ATOM   686  C CA    . HIS A 1 87  ? -13.286 5.855   -3.755  1.00 18.02 ? 174  HIS A CA    1 
ATOM   687  C C     . HIS A 1 87  ? -13.333 4.939   -4.969  1.00 18.05 ? 174  HIS A C     1 
ATOM   688  O O     . HIS A 1 87  ? -12.568 5.129   -5.940  1.00 18.14 ? 174  HIS A O     1 
ATOM   689  C CB    . HIS A 1 87  ? -13.606 7.309   -4.142  1.00 18.01 ? 174  HIS A CB    1 
ATOM   690  C CG    . HIS A 1 87  ? -14.954 7.475   -4.757  1.00 19.11 ? 174  HIS A CG    1 
ATOM   691  N ND1   . HIS A 1 87  ? -15.229 7.095   -6.056  1.00 20.18 ? 174  HIS A ND1   1 
ATOM   692  C CD2   . HIS A 1 87  ? -16.114 7.956   -4.248  1.00 20.61 ? 174  HIS A CD2   1 
ATOM   693  C CE1   . HIS A 1 87  ? -16.503 7.337   -6.320  1.00 20.89 ? 174  HIS A CE1   1 
ATOM   694  N NE2   . HIS A 1 87  ? -17.060 7.866   -5.241  1.00 20.06 ? 174  HIS A NE2   1 
ATOM   695  N N     . GLY A 1 88  ? -14.219 3.942   -4.926  1.00 17.76 ? 175  GLY A N     1 
ATOM   696  C CA    . GLY A 1 88  ? -14.416 3.091   -6.099  1.00 17.36 ? 175  GLY A CA    1 
ATOM   697  C C     . GLY A 1 88  ? -13.317 2.057   -6.263  1.00 16.95 ? 175  GLY A C     1 
ATOM   698  O O     . GLY A 1 88  ? -12.376 2.003   -5.465  1.00 16.80 ? 175  GLY A O     1 
ATOM   699  N N     . ILE A 1 89  ? -13.460 1.242   -7.308  1.00 17.16 ? 176  ILE A N     1 
ATOM   700  C CA    . ILE A 1 89  ? -12.694 0.020   -7.511  1.00 17.13 ? 176  ILE A CA    1 
ATOM   701  C C     . ILE A 1 89  ? -12.024 0.007   -8.888  1.00 16.91 ? 176  ILE A C     1 
ATOM   702  O O     . ILE A 1 89  ? -12.651 0.309   -9.893  1.00 17.00 ? 176  ILE A O     1 
ATOM   703  C CB    . ILE A 1 89  ? -13.613 -1.256  -7.455  1.00 17.31 ? 176  ILE A CB    1 
ATOM   704  C CG1   . ILE A 1 89  ? -14.500 -1.292  -6.202  1.00 17.18 ? 176  ILE A CG1   1 
ATOM   705  C CG2   . ILE A 1 89  ? -12.785 -2.553  -7.630  1.00 16.76 ? 176  ILE A CG2   1 
ATOM   706  C CD1   . ILE A 1 89  ? -13.770 -1.373  -4.906  1.00 18.92 ? 176  ILE A CD1   1 
ATOM   707  N N     . GLY A 1 90  ? -10.755 -0.398  -8.906  1.00 16.83 ? 177  GLY A N     1 
ATOM   708  C CA    . GLY A 1 90  ? -10.007 -0.637  -10.129 1.00 16.93 ? 177  GLY A CA    1 
ATOM   709  C C     . GLY A 1 90  ? -9.305  -1.975  -10.071 1.00 17.17 ? 177  GLY A C     1 
ATOM   710  O O     . GLY A 1 90  ? -9.280  -2.631  -9.030  1.00 17.03 ? 177  GLY A O     1 
ATOM   711  N N     . THR A 1 91  ? -8.758  -2.397  -11.205 1.00 17.64 ? 178  THR A N     1 
ATOM   712  C CA    . THR A 1 91  ? -7.924  -3.599  -11.267 1.00 17.99 ? 178  THR A CA    1 
ATOM   713  C C     . THR A 1 91  ? -6.691  -3.328  -12.136 1.00 18.50 ? 178  THR A C     1 
ATOM   714  O O     . THR A 1 91  ? -6.720  -2.450  -13.018 1.00 19.32 ? 178  THR A O     1 
ATOM   715  C CB    . THR A 1 91  ? -8.686  -4.848  -11.827 1.00 17.48 ? 178  THR A CB    1 
ATOM   716  O OG1   . THR A 1 91  ? -9.011  -4.644  -13.211 1.00 18.20 ? 178  THR A OG1   1 
ATOM   717  C CG2   . THR A 1 91  ? -9.972  -5.094  -11.062 1.00 18.46 ? 178  THR A CG2   1 
ATOM   718  N N     . PHE A 1 92  ? -5.612  -4.067  -11.864 1.00 19.11 ? 179  PHE A N     1 
ATOM   719  C CA    . PHE A 1 92  ? -4.537  -4.224  -12.832 1.00 19.56 ? 179  PHE A CA    1 
ATOM   720  C C     . PHE A 1 92  ? -4.839  -5.507  -13.585 1.00 19.52 ? 179  PHE A C     1 
ATOM   721  O O     . PHE A 1 92  ? -4.629  -6.606  -13.069 1.00 19.31 ? 179  PHE A O     1 
ATOM   722  C CB    . PHE A 1 92  ? -3.153  -4.277  -12.165 1.00 20.09 ? 179  PHE A CB    1 
ATOM   723  C CG    . PHE A 1 92  ? -2.798  -3.020  -11.394 1.00 20.43 ? 179  PHE A CG    1 
ATOM   724  C CD1   . PHE A 1 92  ? -2.688  -1.783  -12.056 1.00 21.35 ? 179  PHE A CD1   1 
ATOM   725  C CD2   . PHE A 1 92  ? -2.576  -3.068  -10.011 1.00 19.32 ? 179  PHE A CD2   1 
ATOM   726  C CE1   . PHE A 1 92  ? -2.369  -0.597  -11.347 1.00 21.97 ? 179  PHE A CE1   1 
ATOM   727  C CE2   . PHE A 1 92  ? -2.256  -1.891  -9.292  1.00 20.13 ? 179  PHE A CE2   1 
ATOM   728  C CZ    . PHE A 1 92  ? -2.151  -0.644  -9.971  1.00 20.33 ? 179  PHE A CZ    1 
ATOM   729  N N     . GLN A 1 93  ? -5.371  -5.342  -14.795 1.00 20.61 ? 180  GLN A N     1 
ATOM   730  C CA    . GLN A 1 93  ? -5.649  -6.441  -15.742 1.00 21.54 ? 180  GLN A CA    1 
ATOM   731  C C     . GLN A 1 93  ? -6.517  -7.583  -15.180 1.00 20.64 ? 180  GLN A C     1 
ATOM   732  O O     . GLN A 1 93  ? -6.325  -8.737  -15.529 1.00 20.60 ? 180  GLN A O     1 
ATOM   733  C CB    . GLN A 1 93  ? -4.343  -6.973  -16.365 1.00 21.52 ? 180  GLN A CB    1 
ATOM   734  C CG    . GLN A 1 93  ? -3.533  -5.908  -17.125 1.00 24.07 ? 180  GLN A CG    1 
ATOM   735  C CD    . GLN A 1 93  ? -2.618  -6.477  -18.243 1.00 24.40 ? 180  GLN A CD    1 
ATOM   736  O OE1   . GLN A 1 93  ? -1.380  -6.403  -18.148 1.00 28.35 ? 180  GLN A OE1   1 
ATOM   737  N NE2   . GLN A 1 93  ? -3.226  -7.024  -19.309 1.00 24.02 ? 180  GLN A NE2   1 
ATOM   738  N N     . GLY A 1 94  ? -7.473  -7.247  -14.319 1.00 20.70 ? 181  GLY A N     1 
ATOM   739  C CA    . GLY A 1 94  ? -8.363  -8.240  -13.679 1.00 20.26 ? 181  GLY A CA    1 
ATOM   740  C C     . GLY A 1 94  ? -7.690  -9.205  -12.689 1.00 19.48 ? 181  GLY A C     1 
ATOM   741  O O     . GLY A 1 94  ? -8.304  -10.183 -12.258 1.00 19.71 ? 181  GLY A O     1 
ATOM   742  N N     . GLN A 1 95  ? -6.436  -8.914  -12.340 1.00 18.34 ? 182  GLN A N     1 
ATOM   743  C CA    . GLN A 1 95  ? -5.583  -9.804  -11.585 1.00 17.98 ? 182  GLN A CA    1 
ATOM   744  C C     . GLN A 1 95  ? -5.384  -9.311  -10.153 1.00 16.92 ? 182  GLN A C     1 
ATOM   745  O O     . GLN A 1 95  ? -5.198  -10.118 -9.248  1.00 16.90 ? 182  GLN A O     1 
ATOM   746  C CB    . GLN A 1 95  ? -4.223  -9.927  -12.271 1.00 18.02 ? 182  GLN A CB    1 
ATOM   747  C CG    . GLN A 1 95  ? -4.250  -10.529 -13.673 1.00 18.90 ? 182  GLN A CG    1 
ATOM   748  C CD    . GLN A 1 95  ? -4.907  -11.890 -13.738 1.00 20.26 ? 182  GLN A CD    1 
ATOM   749  O OE1   . GLN A 1 95  ? -4.619  -12.771 -12.927 1.00 22.65 ? 182  GLN A OE1   1 
ATOM   750  N NE2   . GLN A 1 95  ? -5.792  -12.076 -14.725 1.00 21.40 ? 182  GLN A NE2   1 
ATOM   751  N N     . VAL A 1 96  ? -5.405  -7.990  -9.969  1.00 16.15 ? 183  VAL A N     1 
ATOM   752  C CA    . VAL A 1 96  ? -5.249  -7.347  -8.660  1.00 15.92 ? 183  VAL A CA    1 
ATOM   753  C C     . VAL A 1 96  ? -6.463  -6.437  -8.563  1.00 14.89 ? 183  VAL A C     1 
ATOM   754  O O     . VAL A 1 96  ? -6.799  -5.741  -9.515  1.00 14.52 ? 183  VAL A O     1 
ATOM   755  C CB    . VAL A 1 96  ? -3.939  -6.467  -8.576  1.00 15.86 ? 183  VAL A CB    1 
ATOM   756  C CG1   . VAL A 1 96  ? -3.753  -5.900  -7.204  1.00 14.83 ? 183  VAL A CG1   1 
ATOM   757  C CG2   . VAL A 1 96  ? -2.689  -7.250  -8.960  1.00 17.11 ? 183  VAL A CG2   1 
ATOM   758  N N     . GLY A 1 97  ? -7.142  -6.472  -7.420  1.00 15.04 ? 184  GLY A N     1 
ATOM   759  C CA    . GLY A 1 97  ? -8.277  -5.591  -7.198  1.00 15.36 ? 184  GLY A CA    1 
ATOM   760  C C     . GLY A 1 97  ? -7.893  -4.551  -6.165  1.00 15.77 ? 184  GLY A C     1 
ATOM   761  O O     . GLY A 1 97  ? -7.330  -4.874  -5.141  1.00 16.04 ? 184  GLY A O     1 
ATOM   762  N N     . PHE A 1 98  ? -8.219  -3.293  -6.402  1.00 15.45 ? 185  PHE A N     1 
ATOM   763  C CA    . PHE A 1 98  ? -7.842  -2.283  -5.427  1.00 15.53 ? 185  PHE A CA    1 
ATOM   764  C C     . PHE A 1 98  ? -8.906  -1.201  -5.328  1.00 15.42 ? 185  PHE A C     1 
ATOM   765  O O     . PHE A 1 98  ? -9.689  -1.002  -6.280  1.00 14.76 ? 185  PHE A O     1 
ATOM   766  C CB    . PHE A 1 98  ? -6.482  -1.678  -5.787  1.00 16.21 ? 185  PHE A CB    1 
ATOM   767  C CG    . PHE A 1 98  ? -6.416  -1.105  -7.160  1.00 18.11 ? 185  PHE A CG    1 
ATOM   768  C CD1   . PHE A 1 98  ? -6.973  0.154   -7.441  1.00 18.73 ? 185  PHE A CD1   1 
ATOM   769  C CD2   . PHE A 1 98  ? -5.776  -1.790  -8.181  1.00 16.19 ? 185  PHE A CD2   1 
ATOM   770  C CE1   . PHE A 1 98  ? -6.909  0.683   -8.701  1.00 19.58 ? 185  PHE A CE1   1 
ATOM   771  C CE2   . PHE A 1 98  ? -5.691  -1.249  -9.429  1.00 18.88 ? 185  PHE A CE2   1 
ATOM   772  C CZ    . PHE A 1 98  ? -6.260  -0.016  -9.704  1.00 18.41 ? 185  PHE A CZ    1 
ATOM   773  N N     . VAL A 1 99  ? -8.959  -0.541  -4.176  1.00 15.12 ? 186  VAL A N     1 
ATOM   774  C CA    . VAL A 1 99  ? -9.735  0.692   -4.024  1.00 15.32 ? 186  VAL A CA    1 
ATOM   775  C C     . VAL A 1 99  ? -8.876  1.821   -4.604  1.00 16.12 ? 186  VAL A C     1 
ATOM   776  O O     . VAL A 1 99  ? -7.671  1.894   -4.347  1.00 16.22 ? 186  VAL A O     1 
ATOM   777  C CB    . VAL A 1 99  ? -10.163 0.972   -2.542  1.00 14.64 ? 186  VAL A CB    1 
ATOM   778  C CG1   . VAL A 1 99  ? -10.948 2.253   -2.433  1.00 13.93 ? 186  VAL A CG1   1 
ATOM   779  C CG2   . VAL A 1 99  ? -10.973 -0.201  -2.002  1.00 14.34 ? 186  VAL A CG2   1 
ATOM   780  N N     A LYS A 1 100 ? -9.514  2.705   -5.373  0.50 16.48 ? 187  LYS A N     1 
ATOM   781  N N     B LYS A 1 100 ? -9.501  2.666   -5.413  0.50 16.71 ? 187  LYS A N     1 
ATOM   782  C CA    A LYS A 1 100 ? -8.819  3.755   -6.119  0.50 17.24 ? 187  LYS A CA    1 
ATOM   783  C CA    B LYS A 1 100 ? -8.785  3.736   -6.066  0.50 17.22 ? 187  LYS A CA    1 
ATOM   784  C C     A LYS A 1 100 ? -8.662  5.044   -5.325  0.50 17.48 ? 187  LYS A C     1 
ATOM   785  C C     B LYS A 1 100 ? -8.520  4.863   -5.082  0.50 17.58 ? 187  LYS A C     1 
ATOM   786  O O     A LYS A 1 100 ? -9.631  5.553   -4.734  0.50 17.81 ? 187  LYS A O     1 
ATOM   787  O O     B LYS A 1 100 ? -9.238  5.038   -4.094  0.50 17.66 ? 187  LYS A O     1 
ATOM   788  C CB    A LYS A 1 100 ? -9.571  4.089   -7.418  0.50 16.88 ? 187  LYS A CB    1 
ATOM   789  C CB    B LYS A 1 100 ? -9.568  4.254   -7.290  0.50 17.04 ? 187  LYS A CB    1 
ATOM   790  C CG    A LYS A 1 100 ? -9.901  2.905   -8.325  0.50 17.31 ? 187  LYS A CG    1 
ATOM   791  C CG    B LYS A 1 100 ? -9.757  3.217   -8.409  0.50 17.75 ? 187  LYS A CG    1 
ATOM   792  C CD    A LYS A 1 100 ? -10.792 3.334   -9.493  0.50 17.52 ? 187  LYS A CD    1 
ATOM   793  C CD    B LYS A 1 100 ? -10.450 3.825   -9.627  0.50 17.52 ? 187  LYS A CD    1 
ATOM   794  C CE    A LYS A 1 100 ? -12.148 3.853   -9.012  0.50 18.65 ? 187  LYS A CE    1 
ATOM   795  C CE    B LYS A 1 100 ? -10.359 2.899   -10.829 0.50 19.48 ? 187  LYS A CE    1 
ATOM   796  N NZ    A LYS A 1 100 ? -13.053 4.254   -10.161 0.50 17.72 ? 187  LYS A NZ    1 
ATOM   797  N NZ    B LYS A 1 100 ? -10.941 3.480   -12.083 0.50 19.39 ? 187  LYS A NZ    1 
ATOM   798  N N     . LEU A 1 101 ? -7.449  5.591   -5.352  1.00 18.06 ? 188  LEU A N     1 
ATOM   799  C CA    . LEU A 1 101 ? -7.198  6.894   -4.775  1.00 18.95 ? 188  LEU A CA    1 
ATOM   800  C C     . LEU A 1 101 ? -7.938  7.876   -5.677  1.00 20.23 ? 188  LEU A C     1 
ATOM   801  O O     . LEU A 1 101 ? -7.672  7.918   -6.889  1.00 19.77 ? 188  LEU A O     1 
ATOM   802  C CB    . LEU A 1 101 ? -5.699  7.191   -4.808  1.00 19.49 ? 188  LEU A CB    1 
ATOM   803  C CG    . LEU A 1 101 ? -5.239  8.494   -4.162  1.00 18.13 ? 188  LEU A CG    1 
ATOM   804  C CD1   . LEU A 1 101 ? -5.666  8.585   -2.672  1.00 18.53 ? 188  LEU A CD1   1 
ATOM   805  C CD2   . LEU A 1 101 ? -3.732  8.650   -4.346  1.00 17.90 ? 188  LEU A CD2   1 
ATOM   806  N N     . ALA A 1 102 ? -8.875  8.646   -5.116  1.00 21.01 ? 189  ALA A N     1 
ATOM   807  C CA    . ALA A 1 102 ? -9.597  9.638   -5.903  1.00 22.08 ? 189  ALA A CA    1 
ATOM   808  C C     . ALA A 1 102 ? -8.610  10.659  -6.455  1.00 22.59 ? 189  ALA A C     1 
ATOM   809  O O     . ALA A 1 102 ? -7.474  10.780  -5.955  1.00 22.91 ? 189  ALA A O     1 
ATOM   810  C CB    . ALA A 1 102 ? -10.656 10.332  -5.067  1.00 22.07 ? 189  ALA A CB    1 
ATOM   811  N N     . ASP A 1 103 ? -9.033  11.377  -7.494  1.00 23.90 ? 190  ASP A N     1 
ATOM   812  C CA    . ASP A 1 103 ? -8.200  12.443  -8.037  1.00 24.95 ? 190  ASP A CA    1 
ATOM   813  C C     . ASP A 1 103 ? -8.268  13.684  -7.135  1.00 24.98 ? 190  ASP A C     1 
ATOM   814  O O     . ASP A 1 103 ? -9.282  13.945  -6.460  1.00 25.44 ? 190  ASP A O     1 
ATOM   815  C CB    . ASP A 1 103 ? -8.594  12.788  -9.482  1.00 25.28 ? 190  ASP A CB    1 
ATOM   816  C CG    . ASP A 1 103 ? -7.581  13.728  -10.167 1.00 26.69 ? 190  ASP A CG    1 
ATOM   817  O OD1   . ASP A 1 103 ? -6.349  13.490  -10.054 1.00 27.01 ? 190  ASP A OD1   1 
ATOM   818  O OD2   . ASP A 1 103 ? -8.020  14.709  -10.821 1.00 26.52 ? 190  ASP A OD2   1 
ATOM   819  N N     . GLY A 1 104 ? -7.159  14.418  -7.114  1.00 25.09 ? 191  GLY A N     1 
ATOM   820  C CA    . GLY A 1 104 ? -7.066  15.728  -6.460  1.00 24.64 ? 191  GLY A CA    1 
ATOM   821  C C     . GLY A 1 104 ? -5.621  16.175  -6.416  1.00 24.81 ? 191  GLY A C     1 
ATOM   822  O O     . GLY A 1 104 ? -4.748  15.499  -6.980  1.00 24.38 ? 191  GLY A O     1 
ATOM   823  N N     . ASP A 1 105 ? -5.372  17.304  -5.744  1.00 24.21 ? 192  ASP A N     1 
ATOM   824  C CA    . ASP A 1 105 ? -4.026  17.876  -5.554  1.00 24.04 ? 192  ASP A CA    1 
ATOM   825  C C     . ASP A 1 105 ? -3.085  16.936  -4.811  1.00 23.01 ? 192  ASP A C     1 
ATOM   826  O O     . ASP A 1 105 ? -1.862  16.964  -5.016  1.00 22.79 ? 192  ASP A O     1 
ATOM   827  C CB    . ASP A 1 105 ? -4.122  19.173  -4.756  1.00 24.18 ? 192  ASP A CB    1 
ATOM   828  C CG    . ASP A 1 105 ? -4.959  20.233  -5.449  1.00 25.75 ? 192  ASP A CG    1 
ATOM   829  O OD1   . ASP A 1 105 ? -5.363  20.019  -6.635  1.00 25.99 ? 192  ASP A OD1   1 
ATOM   830  O OD2   . ASP A 1 105 ? -5.199  21.294  -4.809  1.00 26.30 ? 192  ASP A OD2   1 
ATOM   831  N N     . HIS A 1 106 ? -3.678  16.103  -3.947  1.00 22.08 ? 193  HIS A N     1 
ATOM   832  C CA    . HIS A 1 106 ? -2.969  15.143  -3.124  1.00 21.57 ? 193  HIS A CA    1 
ATOM   833  C C     . HIS A 1 106 ? -2.183  14.121  -3.944  1.00 20.91 ? 193  HIS A C     1 
ATOM   834  O O     . HIS A 1 106 ? -1.203  13.531  -3.454  1.00 21.68 ? 193  HIS A O     1 
ATOM   835  C CB    . HIS A 1 106 ? -3.960  14.429  -2.205  1.00 21.28 ? 193  HIS A CB    1 
ATOM   836  C CG    . HIS A 1 106 ? -5.065  13.736  -2.933  1.00 21.39 ? 193  HIS A CG    1 
ATOM   837  N ND1   . HIS A 1 106 ? -6.268  14.350  -3.230  1.00 21.81 ? 193  HIS A ND1   1 
ATOM   838  C CD2   . HIS A 1 106 ? -5.139  12.485  -3.447  1.00 23.09 ? 193  HIS A CD2   1 
ATOM   839  C CE1   . HIS A 1 106 ? -7.032  13.503  -3.898  1.00 21.84 ? 193  HIS A CE1   1 
ATOM   840  N NE2   . HIS A 1 106 ? -6.367  12.367  -4.045  1.00 21.49 ? 193  HIS A NE2   1 
ATOM   841  N N     . VAL A 1 107 ? -2.608  13.932  -5.192  1.00 20.50 ? 194  VAL A N     1 
ATOM   842  C CA    . VAL A 1 107 ? -2.019  12.909  -6.045  1.00 19.94 ? 194  VAL A CA    1 
ATOM   843  C C     . VAL A 1 107 ? -0.587  13.306  -6.421  1.00 19.24 ? 194  VAL A C     1 
ATOM   844  O O     . VAL A 1 107 ? 0.343   12.518  -6.219  1.00 18.79 ? 194  VAL A O     1 
ATOM   845  C CB    . VAL A 1 107 ? -2.917  12.577  -7.301  1.00 20.00 ? 194  VAL A CB    1 
ATOM   846  C CG1   . VAL A 1 107 ? -2.264  11.510  -8.205  1.00 20.08 ? 194  VAL A CG1   1 
ATOM   847  C CG2   . VAL A 1 107 ? -4.305  12.093  -6.868  1.00 19.35 ? 194  VAL A CG2   1 
ATOM   848  N N     . SER A 1 108 ? -0.410  14.519  -6.943  1.00 18.42 ? 195  SER A N     1 
ATOM   849  C CA    . SER A 1 108 ? 0.941   15.048  -7.237  1.00 18.04 ? 195  SER A CA    1 
ATOM   850  C C     . SER A 1 108 ? 1.892   15.130  -6.029  1.00 17.18 ? 195  SER A C     1 
ATOM   851  O O     . SER A 1 108 ? 3.075   14.860  -6.165  1.00 17.04 ? 195  SER A O     1 
ATOM   852  C CB    . SER A 1 108 ? 0.871   16.391  -7.961  1.00 18.27 ? 195  SER A CB    1 
ATOM   853  O OG    . SER A 1 108 ? -0.150  17.239  -7.435  1.00 18.22 ? 195  SER A OG    1 
ATOM   854  N N     . ALA A 1 109 ? 1.364   15.476  -4.854  1.00 16.67 ? 196  ALA A N     1 
ATOM   855  C CA    . ALA A 1 109 ? 2.153   15.534  -3.611  1.00 16.34 ? 196  ALA A CA    1 
ATOM   856  C C     . ALA A 1 109 ? 2.671   14.160  -3.241  1.00 15.76 ? 196  ALA A C     1 
ATOM   857  O O     . ALA A 1 109 ? 3.834   13.981  -2.884  1.00 15.70 ? 196  ALA A O     1 
ATOM   858  C CB    . ALA A 1 109 ? 1.332   16.126  -2.474  1.00 16.30 ? 196  ALA A CB    1 
ATOM   859  N N     . LEU A 1 110 ? 1.780   13.180  -3.364  1.00 17.03 ? 197  LEU A N     1 
ATOM   860  C CA    . LEU A 1 110 ? 2.107   11.781  -3.131  1.00 17.49 ? 197  LEU A CA    1 
ATOM   861  C C     . LEU A 1 110 ? 3.208   11.316  -4.088  1.00 18.35 ? 197  LEU A C     1 
ATOM   862  O O     . LEU A 1 110 ? 4.190   10.715  -3.650  1.00 18.23 ? 197  LEU A O     1 
ATOM   863  C CB    . LEU A 1 110 ? 0.843   10.894  -3.204  1.00 17.67 ? 197  LEU A CB    1 
ATOM   864  C CG    . LEU A 1 110 ? 0.996   9.439   -2.760  1.00 17.39 ? 197  LEU A CG    1 
ATOM   865  C CD1   . LEU A 1 110 ? 1.462   9.379   -1.300  1.00 15.75 ? 197  LEU A CD1   1 
ATOM   866  C CD2   . LEU A 1 110 ? -0.302  8.661   -2.919  1.00 16.58 ? 197  LEU A CD2   1 
ATOM   867  N N     . LEU A 1 111 ? 3.043   11.599  -5.378  1.00 18.96 ? 198  LEU A N     1 
ATOM   868  C CA    . LEU A 1 111 ? 4.098   11.359  -6.379  1.00 19.46 ? 198  LEU A CA    1 
ATOM   869  C C     . LEU A 1 111 ? 5.431   12.032  -6.023  1.00 19.01 ? 198  LEU A C     1 
ATOM   870  O O     . LEU A 1 111 ? 6.483   11.434  -6.154  1.00 18.83 ? 198  LEU A O     1 
ATOM   871  C CB    . LEU A 1 111 ? 3.625   11.815  -7.772  1.00 19.74 ? 198  LEU A CB    1 
ATOM   872  C CG    . LEU A 1 111 ? 2.865   10.899  -8.763  1.00 20.43 ? 198  LEU A CG    1 
ATOM   873  C CD1   . LEU A 1 111 ? 1.923   9.863   -8.123  1.00 21.95 ? 198  LEU A CD1   1 
ATOM   874  C CD2   . LEU A 1 111 ? 2.105   11.741  -9.774  1.00 20.38 ? 198  LEU A CD2   1 
ATOM   875  N N     . GLU A 1 112 ? 5.385   13.287  -5.580  1.00 18.46 ? 199  GLU A N     1 
ATOM   876  C CA    . GLU A 1 112 ? 6.598   13.991  -5.126  1.00 18.91 ? 199  GLU A CA    1 
ATOM   877  C C     . GLU A 1 112 ? 7.253   13.361  -3.897  1.00 18.66 ? 199  GLU A C     1 
ATOM   878  O O     . GLU A 1 112 ? 8.471   13.295  -3.784  1.00 19.32 ? 199  GLU A O     1 
ATOM   879  C CB    . GLU A 1 112 ? 6.295   15.456  -4.849  1.00 18.74 ? 199  GLU A CB    1 
ATOM   880  C CG    . GLU A 1 112 ? 7.529   16.243  -4.453  1.00 20.69 ? 199  GLU A CG    1 
ATOM   881  C CD    . GLU A 1 112 ? 7.369   17.745  -4.603  1.00 20.54 ? 199  GLU A CD    1 
ATOM   882  O OE1   . GLU A 1 112 ? 6.296   18.235  -5.066  1.00 22.55 ? 199  GLU A OE1   1 
ATOM   883  O OE2   . GLU A 1 112 ? 8.350   18.438  -4.255  1.00 20.67 ? 199  GLU A OE2   1 
ATOM   884  N N     . ILE A 1 113 ? 6.437   12.904  -2.958  1.00 18.74 ? 200  ILE A N     1 
ATOM   885  C CA    . ILE A 1 113 ? 6.983   12.168  -1.821  1.00 19.04 ? 200  ILE A CA    1 
ATOM   886  C C     . ILE A 1 113 ? 7.669   10.883  -2.297  1.00 19.04 ? 200  ILE A C     1 
ATOM   887  O O     . ILE A 1 113 ? 8.792   10.578  -1.851  1.00 19.03 ? 200  ILE A O     1 
ATOM   888  C CB    . ILE A 1 113 ? 5.919   11.884  -0.744  1.00 18.85 ? 200  ILE A CB    1 
ATOM   889  C CG1   . ILE A 1 113 ? 5.504   13.221  -0.065  1.00 19.10 ? 200  ILE A CG1   1 
ATOM   890  C CG2   . ILE A 1 113 ? 6.460   10.860  0.271   1.00 18.49 ? 200  ILE A CG2   1 
ATOM   891  C CD1   . ILE A 1 113 ? 4.102   13.206  0.572   1.00 17.28 ? 200  ILE A CD1   1 
ATOM   892  N N     . ALA A 1 114 ? 7.000   10.136  -3.180  1.00 19.15 ? 201  ALA A N     1 
ATOM   893  C CA    . ALA A 1 114 ? 7.551   8.862   -3.677  1.00 20.19 ? 201  ALA A CA    1 
ATOM   894  C C     . ALA A 1 114 ? 8.880   9.106   -4.377  1.00 20.74 ? 201  ALA A C     1 
ATOM   895  O O     . ALA A 1 114 ? 9.864   8.453   -4.085  1.00 20.59 ? 201  ALA A O     1 
ATOM   896  C CB    . ALA A 1 114 ? 6.566   8.172   -4.621  1.00 19.71 ? 201  ALA A CB    1 
ATOM   897  N N     . GLU A 1 115 ? 8.927   10.085  -5.269  1.00 20.92 ? 202  GLU A N     1 
ATOM   898  C CA    . GLU A 1 115 ? 10.178  10.433  -5.950  1.00 21.61 ? 202  GLU A CA    1 
ATOM   899  C C     . GLU A 1 115 ? 11.307  10.916  -5.019  1.00 20.66 ? 202  GLU A C     1 
ATOM   900  O O     . GLU A 1 115 ? 12.475  10.554  -5.205  1.00 20.88 ? 202  GLU A O     1 
ATOM   901  C CB    . GLU A 1 115 ? 9.893   11.437  -7.059  1.00 22.99 ? 202  GLU A CB    1 
ATOM   902  C CG    . GLU A 1 115 ? 11.052  11.672  -8.016  1.00 25.94 ? 202  GLU A CG    1 
ATOM   903  C CD    . GLU A 1 115 ? 11.685  10.377  -8.564  1.00 29.13 ? 202  GLU A CD    1 
ATOM   904  O OE1   . GLU A 1 115 ? 10.928  9.429   -8.930  1.00 27.12 ? 202  GLU A OE1   1 
ATOM   905  O OE2   . GLU A 1 115 ? 12.941  10.334  -8.615  1.00 30.63 ? 202  GLU A OE2   1 
ATOM   906  N N     . THR A 1 116 ? 10.966  11.746  -4.029  1.00 20.02 ? 203  THR A N     1 
ATOM   907  C CA    . THR A 1 116 ? 11.913  12.146  -2.973  1.00 19.03 ? 203  THR A CA    1 
ATOM   908  C C     . THR A 1 116 ? 12.323  10.947  -2.083  1.00 18.49 ? 203  THR A C     1 
ATOM   909  O O     . THR A 1 116 ? 13.464  10.850  -1.641  1.00 17.19 ? 203  THR A O     1 
ATOM   910  C CB    . THR A 1 116 ? 11.342  13.311  -2.133  1.00 19.93 ? 203  THR A CB    1 
ATOM   911  O OG1   . THR A 1 116 ? 11.079  14.413  -3.007  1.00 18.33 ? 203  THR A OG1   1 
ATOM   912  C CG2   . THR A 1 116 ? 12.311  13.769  -1.030  1.00 18.44 ? 203  THR A CG2   1 
ATOM   913  N N     . ALA A 1 117 ? 11.410  10.023  -1.847  1.00 18.11 ? 204  ALA A N     1 
ATOM   914  C CA    . ALA A 1 117 ? 11.799  8.771   -1.173  1.00 18.29 ? 204  ALA A CA    1 
ATOM   915  C C     . ALA A 1 117 ? 12.909  8.015   -1.950  1.00 18.78 ? 204  ALA A C     1 
ATOM   916  O O     . ALA A 1 117 ? 13.927  7.643   -1.368  1.00 18.15 ? 204  ALA A O     1 
ATOM   917  C CB    . ALA A 1 117 ? 10.572  7.878   -0.930  1.00 19.02 ? 204  ALA A CB    1 
ATOM   918  N N     . LYS A 1 118 ? 12.735  7.831   -3.266  1.00 18.74 ? 205  LYS A N     1 
ATOM   919  C CA    . LYS A 1 118 ? 13.699  7.084   -4.081  1.00 19.68 ? 205  LYS A CA    1 
ATOM   920  C C     . LYS A 1 118 ? 15.110  7.674   -4.068  1.00 19.90 ? 205  LYS A C     1 
ATOM   921  O O     . LYS A 1 118 ? 16.101  6.959   -3.871  1.00 18.99 ? 205  LYS A O     1 
ATOM   922  C CB    . LYS A 1 118 ? 13.183  6.970   -5.510  1.00 19.72 ? 205  LYS A CB    1 
ATOM   923  C CG    . LYS A 1 118 ? 14.157  6.369   -6.490  1.00 21.65 ? 205  LYS A CG    1 
ATOM   924  C CD    . LYS A 1 118 ? 13.426  6.007   -7.766  1.00 26.67 ? 205  LYS A CD    1 
ATOM   925  C CE    . LYS A 1 118 ? 14.395  5.785   -8.910  1.00 30.70 ? 205  LYS A CE    1 
ATOM   926  N NZ    . LYS A 1 118 ? 15.329  6.956   -8.967  1.00 32.08 ? 205  LYS A NZ    1 
ATOM   927  N N     . ARG A 1 119 ? 15.180  8.984   -4.291  1.00 21.08 ? 206  ARG A N     1 
ATOM   928  C CA    . ARG A 1 119 ? 16.419  9.764   -4.258  1.00 22.67 ? 206  ARG A CA    1 
ATOM   929  C C     . ARG A 1 119 ? 17.105  9.696   -2.875  1.00 23.38 ? 206  ARG A C     1 
ATOM   930  O O     . ARG A 1 119 ? 18.312  9.525   -2.785  1.00 22.99 ? 206  ARG A O     1 
ATOM   931  C CB    . ARG A 1 119 ? 16.091  11.215  -4.652  1.00 23.29 ? 206  ARG A CB    1 
ATOM   932  C CG    . ARG A 1 119 ? 17.269  12.091  -5.028  1.00 24.49 ? 206  ARG A CG    1 
ATOM   933  C CD    . ARG A 1 119 ? 16.886  13.598  -5.080  1.00 25.03 ? 206  ARG A CD    1 
ATOM   934  N NE    . ARG A 1 119 ? 16.551  14.113  -3.749  1.00 27.83 ? 206  ARG A NE    1 
ATOM   935  C CZ    . ARG A 1 119 ? 15.611  15.025  -3.504  1.00 28.45 ? 206  ARG A CZ    1 
ATOM   936  N NH1   . ARG A 1 119 ? 14.897  15.549  -4.502  1.00 27.44 ? 206  ARG A NH1   1 
ATOM   937  N NH2   . ARG A 1 119 ? 15.384  15.428  -2.258  1.00 28.82 ? 206  ARG A NH2   1 
ATOM   938  N N     . THR A 1 120 ? 16.331  9.831   -1.808  1.00 23.14 ? 207  THR A N     1 
ATOM   939  C CA    . THR A 1 120 ? 16.872  9.791   -0.433  1.00 23.22 ? 207  THR A CA    1 
ATOM   940  C C     . THR A 1 120 ? 17.558  8.439   -0.167  1.00 22.56 ? 207  THR A C     1 
ATOM   941  O O     . THR A 1 120 ? 18.686  8.382   0.343   1.00 23.30 ? 207  THR A O     1 
ATOM   942  C CB    . THR A 1 120 ? 15.742  10.059  0.616   1.00 23.04 ? 207  THR A CB    1 
ATOM   943  O OG1   . THR A 1 120 ? 15.088  11.281  0.267   1.00 22.90 ? 207  THR A OG1   1 
ATOM   944  C CG2   . THR A 1 120 ? 16.283  10.170  2.062   1.00 24.57 ? 207  THR A CG2   1 
ATOM   945  N N     . PHE A 1 121 ? 16.858  7.368   -0.529  1.00 21.14 ? 208  PHE A N     1 
ATOM   946  C CA    . PHE A 1 121 ? 17.347  6.006   -0.348  1.00 19.85 ? 208  PHE A CA    1 
ATOM   947  C C     . PHE A 1 121 ? 18.539  5.663   -1.234  1.00 19.40 ? 208  PHE A C     1 
ATOM   948  O O     . PHE A 1 121 ? 19.505  5.100   -0.742  1.00 18.62 ? 208  PHE A O     1 
ATOM   949  C CB    . PHE A 1 121 ? 16.192  5.010   -0.478  1.00 19.58 ? 208  PHE A CB    1 
ATOM   950  C CG    . PHE A 1 121 ? 15.404  4.855   0.795   1.00 18.31 ? 208  PHE A CG    1 
ATOM   951  C CD1   . PHE A 1 121 ? 14.556  5.868   1.245   1.00 14.99 ? 208  PHE A CD1   1 
ATOM   952  C CD2   . PHE A 1 121 ? 15.533  3.707   1.579   1.00 15.95 ? 208  PHE A CD2   1 
ATOM   953  C CE1   . PHE A 1 121 ? 13.872  5.728   2.420   1.00 13.55 ? 208  PHE A CE1   1 
ATOM   954  C CE2   . PHE A 1 121 ? 14.824  3.584   2.744   1.00 14.02 ? 208  PHE A CE2   1 
ATOM   955  C CZ    . PHE A 1 121 ? 14.003  4.586   3.147   1.00 13.45 ? 208  PHE A CZ    1 
ATOM   956  N N     . GLN A 1 122 ? 18.502  6.058   -2.508  1.00 19.28 ? 209  GLN A N     1 
ATOM   957  C CA    . GLN A 1 122 ? 19.620  5.787   -3.441  1.00 20.07 ? 209  GLN A CA    1 
ATOM   958  C C     . GLN A 1 122 ? 20.937  6.466   -3.015  1.00 19.20 ? 209  GLN A C     1 
ATOM   959  O O     . GLN A 1 122 ? 22.025  5.845   -3.086  1.00 18.57 ? 209  GLN A O     1 
ATOM   960  C CB    . GLN A 1 122 ? 19.271  6.161   -4.889  1.00 19.65 ? 209  GLN A CB    1 
ATOM   961  C CG    . GLN A 1 122 ? 18.183  5.282   -5.528  1.00 20.87 ? 209  GLN A CG    1 
ATOM   962  C CD    . GLN A 1 122 ? 18.269  5.198   -7.071  1.00 22.28 ? 209  GLN A CD    1 
ATOM   963  O OE1   . GLN A 1 122 ? 17.633  4.333   -7.679  1.00 23.50 ? 209  GLN A OE1   1 
ATOM   964  N NE2   . GLN A 1 122 ? 19.070  6.069   -7.691  1.00 25.18 ? 209  GLN A NE2   1 
ATOM   965  N N     . GLU A 1 123 ? 20.816  7.723   -2.574  1.00 19.55 ? 210  GLU A N     1 
ATOM   966  C CA    . GLU A 1 123 ? 21.929  8.512   -2.038  1.00 20.74 ? 210  GLU A CA    1 
ATOM   967  C C     . GLU A 1 123 ? 22.515  7.909   -0.764  1.00 20.21 ? 210  GLU A C     1 
ATOM   968  O O     . GLU A 1 123 ? 23.604  8.287   -0.335  1.00 19.87 ? 210  GLU A O     1 
ATOM   969  C CB    . GLU A 1 123 ? 21.497  9.972   -1.801  1.00 21.12 ? 210  GLU A CB    1 
ATOM   970  C CG    . GLU A 1 123 ? 21.286  10.751  -3.125  1.00 22.75 ? 210  GLU A CG    1 
ATOM   971  C CD    . GLU A 1 123 ? 20.878  12.217  -2.928  1.00 22.79 ? 210  GLU A CD    1 
ATOM   972  O OE1   . GLU A 1 123 ? 20.970  12.719  -1.788  1.00 24.49 ? 210  GLU A OE1   1 
ATOM   973  O OE2   . GLU A 1 123 ? 20.456  12.861  -3.929  1.00 24.56 ? 210  GLU A OE2   1 
ATOM   974  N N     . LYS A 1 124 ? 21.792  6.966   -0.160  1.00 19.76 ? 211  LYS A N     1 
ATOM   975  C CA    . LYS A 1 124 ? 22.356  6.159   0.922   1.00 19.49 ? 211  LYS A CA    1 
ATOM   976  C C     . LYS A 1 124 ? 22.937  4.831   0.426   1.00 18.92 ? 211  LYS A C     1 
ATOM   977  O O     . LYS A 1 124 ? 23.525  4.090   1.200   1.00 19.37 ? 211  LYS A O     1 
ATOM   978  C CB    . LYS A 1 124 ? 21.334  5.950   2.033   1.00 19.91 ? 211  LYS A CB    1 
ATOM   979  C CG    . LYS A 1 124 ? 20.852  7.252   2.671   1.00 21.26 ? 211  LYS A CG    1 
ATOM   980  C CD    . LYS A 1 124 ? 21.786  7.745   3.748   1.00 23.62 ? 211  LYS A CD    1 
ATOM   981  C CE    . LYS A 1 124 ? 21.278  7.391   5.145   1.00 24.07 ? 211  LYS A CE    1 
ATOM   982  N NZ    . LYS A 1 124 ? 22.062  8.236   6.092   1.00 22.70 ? 211  LYS A NZ    1 
ATOM   983  N N     . GLY A 1 125 ? 22.812  4.559   -0.872  1.00 17.91 ? 212  GLY A N     1 
ATOM   984  C CA    . GLY A 1 125 ? 23.417  3.355   -1.472  1.00 16.61 ? 212  GLY A CA    1 
ATOM   985  C C     . GLY A 1 125 ? 22.428  2.204   -1.571  1.00 15.37 ? 212  GLY A C     1 
ATOM   986  O O     . GLY A 1 125 ? 22.826  1.035   -1.661  1.00 15.51 ? 212  GLY A O     1 
ATOM   987  N N     . ILE A 1 126 ? 21.137  2.544   -1.548  1.00 14.63 ? 213  ILE A N     1 
ATOM   988  C CA    . ILE A 1 126 ? 20.039  1.556   -1.611  1.00 14.28 ? 213  ILE A CA    1 
ATOM   989  C C     . ILE A 1 126 ? 19.365  1.569   -2.973  1.00 14.21 ? 213  ILE A C     1 
ATOM   990  O O     . ILE A 1 126 ? 18.884  2.595   -3.448  1.00 13.47 ? 213  ILE A O     1 
ATOM   991  C CB    . ILE A 1 126 ? 18.979  1.757   -0.487  1.00 14.02 ? 213  ILE A CB    1 
ATOM   992  C CG1   . ILE A 1 126 ? 19.600  1.516   0.872   1.00 13.95 ? 213  ILE A CG1   1 
ATOM   993  C CG2   . ILE A 1 126 ? 17.660  0.839   -0.679  1.00 13.59 ? 213  ILE A CG2   1 
ATOM   994  C CD1   . ILE A 1 126 ? 18.809  2.181   1.936   1.00 14.71 ? 213  ILE A CD1   1 
ATOM   995  N N     . LEU A 1 127 ? 19.357  0.400   -3.587  1.00 14.28 ? 214  LEU A N     1 
ATOM   996  C CA    . LEU A 1 127 ? 18.583  0.122   -4.776  1.00 14.62 ? 214  LEU A CA    1 
ATOM   997  C C     . LEU A 1 127 ? 17.080  0.193   -4.435  1.00 15.26 ? 214  LEU A C     1 
ATOM   998  O O     . LEU A 1 127 ? 16.519  -0.704  -3.772  1.00 14.67 ? 214  LEU A O     1 
ATOM   999  C CB    . LEU A 1 127 ? 18.971  -1.261  -5.292  1.00 14.34 ? 214  LEU A CB    1 
ATOM   1000 C CG    . LEU A 1 127 ? 18.413  -1.711  -6.630  1.00 13.53 ? 214  LEU A CG    1 
ATOM   1001 C CD1   . LEU A 1 127 ? 18.730  -0.643  -7.672  1.00 13.79 ? 214  LEU A CD1   1 
ATOM   1002 C CD2   . LEU A 1 127 ? 18.992  -3.075  -7.006  1.00 14.21 ? 214  LEU A CD2   1 
ATOM   1003 N N     . ALA A 1 128 ? 16.453  1.272   -4.895  1.00 16.13 ? 215  ALA A N     1 
ATOM   1004 C CA    . ALA A 1 128 ? 15.101  1.648   -4.536  1.00 17.15 ? 215  ALA A CA    1 
ATOM   1005 C C     . ALA A 1 128 ? 14.378  2.167   -5.769  1.00 18.43 ? 215  ALA A C     1 
ATOM   1006 O O     . ALA A 1 128 ? 15.016  2.701   -6.671  1.00 18.38 ? 215  ALA A O     1 
ATOM   1007 C CB    . ALA A 1 128 ? 15.129  2.727   -3.454  1.00 16.68 ? 215  ALA A CB    1 
ATOM   1008 N N     . GLY A 1 129 ? 13.056  2.026   -5.809  1.00 20.00 ? 216  GLY A N     1 
ATOM   1009 C CA    . GLY A 1 129 ? 12.296  2.515   -6.964  1.00 23.07 ? 216  GLY A CA    1 
ATOM   1010 C C     . GLY A 1 129 ? 12.057  1.503   -8.087  1.00 24.36 ? 216  GLY A C     1 
ATOM   1011 O O     . GLY A 1 129 ? 12.616  0.385   -8.099  1.00 24.27 ? 216  GLY A O     1 
ATOM   1012 N N     . GLU A 1 130 ? 11.194  1.888   -9.021  1.00 26.41 ? 217  GLU A N     1 
ATOM   1013 C CA    . GLU A 1 130 ? 10.805  1.050   -10.158 1.00 28.79 ? 217  GLU A CA    1 
ATOM   1014 C C     . GLU A 1 130 ? 10.855  1.901   -11.421 1.00 28.73 ? 217  GLU A C     1 
ATOM   1015 O O     . GLU A 1 130 ? 10.857  3.145   -11.336 1.00 28.43 ? 217  GLU A O     1 
ATOM   1016 C CB    . GLU A 1 130 ? 9.375   0.508   -9.971  1.00 28.63 ? 217  GLU A CB    1 
ATOM   1017 C CG    . GLU A 1 130 ? 9.247   -0.617  -8.978  1.00 31.61 ? 217  GLU A CG    1 
ATOM   1018 C CD    . GLU A 1 130 ? 7.863   -1.293  -8.947  1.00 32.26 ? 217  GLU A CD    1 
ATOM   1019 O OE1   . GLU A 1 130 ? 6.844   -0.684  -9.350  1.00 37.76 ? 217  GLU A OE1   1 
ATOM   1020 O OE2   . GLU A 1 130 ? 7.798   -2.466  -8.495  1.00 36.52 ? 217  GLU A OE2   1 
ATOM   1021 N N     . SER A 1 131 ? 10.890  1.255   -12.592 1.00 29.52 ? 218  SER A N     1 
ATOM   1022 C CA    . SER A 1 131 ? 10.811  2.009   -13.850 1.00 30.29 ? 218  SER A CA    1 
ATOM   1023 C C     . SER A 1 131 ? 9.348   2.339   -14.163 1.00 30.32 ? 218  SER A C     1 
ATOM   1024 O O     . SER A 1 131 ? 9.043   3.428   -14.657 1.00 30.78 ? 218  SER A O     1 
ATOM   1025 C CB    . SER A 1 131 ? 11.475  1.256   -15.015 1.00 30.74 ? 218  SER A CB    1 
ATOM   1026 O OG    . SER A 1 131 ? 10.959  -0.063  -15.133 1.00 31.38 ? 218  SER A OG    1 
ATOM   1027 N N     . ARG A 1 132 ? 8.459   1.395   -13.844 1.00 30.68 ? 219  ARG A N     1 
ATOM   1028 C CA    . ARG A 1 132 ? 7.003   1.552   -14.008 1.00 30.71 ? 219  ARG A CA    1 
ATOM   1029 C C     . ARG A 1 132 ? 6.470   2.834   -13.346 1.00 30.84 ? 219  ARG A C     1 
ATOM   1030 O O     . ARG A 1 132 ? 6.883   3.167   -12.220 1.00 30.40 ? 219  ARG A O     1 
ATOM   1031 C CB    . ARG A 1 132 ? 6.314   0.330   -13.404 1.00 31.37 ? 219  ARG A CB    1 
ATOM   1032 C CG    . ARG A 1 132 ? 4.824   0.198   -13.680 1.00 31.27 ? 219  ARG A CG    1 
ATOM   1033 C CD    . ARG A 1 132 ? 4.283   -1.130  -13.121 1.00 30.90 ? 219  ARG A CD    1 
ATOM   1034 N NE    . ARG A 1 132 ? 4.668   -1.389  -11.721 1.00 30.85 ? 219  ARG A NE    1 
ATOM   1035 C CZ    . ARG A 1 132 ? 4.650   -2.595  -11.150 1.00 32.53 ? 219  ARG A CZ    1 
ATOM   1036 N NH1   . ARG A 1 132 ? 4.269   -3.655  -11.854 1.00 34.24 ? 219  ARG A NH1   1 
ATOM   1037 N NH2   . ARG A 1 132 ? 5.011   -2.749  -9.875  1.00 34.12 ? 219  ARG A NH2   1 
ATOM   1038 N N     . THR A 1 133 ? 5.565   3.547   -14.031 1.00 29.93 ? 220  THR A N     1 
ATOM   1039 C CA    . THR A 1 133 ? 4.929   4.768   -13.480 1.00 29.56 ? 220  THR A CA    1 
ATOM   1040 C C     . THR A 1 133 ? 4.205   4.460   -12.142 1.00 28.37 ? 220  THR A C     1 
ATOM   1041 O O     . THR A 1 133 ? 3.495   3.453   -12.005 1.00 28.42 ? 220  THR A O     1 
ATOM   1042 C CB    . THR A 1 133 ? 3.961   5.490   -14.518 1.00 29.24 ? 220  THR A CB    1 
ATOM   1043 O OG1   . THR A 1 133 ? 4.656   5.780   -15.738 1.00 30.80 ? 220  THR A OG1   1 
ATOM   1044 C CG2   . THR A 1 133 ? 3.393   6.815   -13.962 1.00 30.03 ? 220  THR A CG2   1 
ATOM   1045 N N     . PHE A 1 134 ? 4.433   5.321   -11.159 1.00 27.48 ? 221  PHE A N     1 
ATOM   1046 C CA    . PHE A 1 134 ? 3.789   5.221   -9.849  1.00 26.68 ? 221  PHE A CA    1 
ATOM   1047 C C     . PHE A 1 134 ? 2.265   5.439   -9.930  1.00 26.31 ? 221  PHE A C     1 
ATOM   1048 O O     . PHE A 1 134 ? 1.786   6.490   -10.348 1.00 25.89 ? 221  PHE A O     1 
ATOM   1049 C CB    . PHE A 1 134 ? 4.448   6.201   -8.886  1.00 26.64 ? 221  PHE A CB    1 
ATOM   1050 C CG    . PHE A 1 134 ? 3.938   6.119   -7.472  1.00 26.32 ? 221  PHE A CG    1 
ATOM   1051 C CD1   . PHE A 1 134 ? 3.858   4.896   -6.805  1.00 26.30 ? 221  PHE A CD1   1 
ATOM   1052 C CD2   . PHE A 1 134 ? 3.559   7.279   -6.797  1.00 24.97 ? 221  PHE A CD2   1 
ATOM   1053 C CE1   . PHE A 1 134 ? 3.407   4.827   -5.486  1.00 27.41 ? 221  PHE A CE1   1 
ATOM   1054 C CE2   . PHE A 1 134 ? 3.101   7.220   -5.476  1.00 25.93 ? 221  PHE A CE2   1 
ATOM   1055 C CZ    . PHE A 1 134 ? 3.025   5.988   -4.822  1.00 26.63 ? 221  PHE A CZ    1 
ATOM   1056 N N     . LYS A 1 135 ? 1.525   4.399   -9.555  1.00 25.60 ? 222  LYS A N     1 
ATOM   1057 C CA    . LYS A 1 135 ? 0.076   4.381   -9.596  1.00 25.96 ? 222  LYS A CA    1 
ATOM   1058 C C     . LYS A 1 135 ? -0.364  3.924   -8.249  1.00 25.13 ? 222  LYS A C     1 
ATOM   1059 O O     . LYS A 1 135 ? -0.564  2.714   -8.048  1.00 24.85 ? 222  LYS A O     1 
ATOM   1060 C CB    . LYS A 1 135 ? -0.423  3.388   -10.658 1.00 26.55 ? 222  LYS A CB    1 
ATOM   1061 C CG    . LYS A 1 135 ? -1.868  3.661   -11.204 1.00 26.86 ? 222  LYS A CG    1 
ATOM   1062 C CD    . LYS A 1 135 ? -2.121  2.869   -12.513 1.00 26.92 ? 222  LYS A CD    1 
ATOM   1063 C CE    . LYS A 1 135 ? -3.612  2.466   -12.687 1.00 27.93 ? 222  LYS A CE    1 
ATOM   1064 N NZ    . LYS A 1 135 ? -3.825  1.390   -13.762 1.00 27.56 ? 222  LYS A NZ    1 
ATOM   1065 N N     . PRO A 1 136 ? -0.456  4.859   -7.281  1.00 23.38 ? 223  PRO A N     1 
ATOM   1066 C CA    . PRO A 1 136 ? -0.890  4.468   -5.935  1.00 22.10 ? 223  PRO A CA    1 
ATOM   1067 C C     . PRO A 1 136 ? -2.288  3.819   -5.915  1.00 20.47 ? 223  PRO A C     1 
ATOM   1068 O O     . PRO A 1 136 ? -3.214  4.250   -6.619  1.00 19.78 ? 223  PRO A O     1 
ATOM   1069 C CB    . PRO A 1 136 ? -0.924  5.801   -5.179  1.00 22.03 ? 223  PRO A CB    1 
ATOM   1070 C CG    . PRO A 1 136 ? -0.959  6.861   -6.254  1.00 22.23 ? 223  PRO A CG    1 
ATOM   1071 C CD    . PRO A 1 136 ? -0.140  6.296   -7.357  1.00 23.46 ? 223  PRO A CD    1 
ATOM   1072 N N     . HIS A 1 137 ? -2.431  2.801   -5.082  1.00 19.52 ? 224  HIS A N     1 
ATOM   1073 C CA    . HIS A 1 137 ? -3.673  2.064   -4.986  1.00 18.53 ? 224  HIS A CA    1 
ATOM   1074 C C     . HIS A 1 137 ? -3.709  1.303   -3.664  1.00 17.75 ? 224  HIS A C     1 
ATOM   1075 O O     . HIS A 1 137 ? -2.664  1.005   -3.063  1.00 17.90 ? 224  HIS A O     1 
ATOM   1076 C CB    . HIS A 1 137 ? -3.730  1.085   -6.147  1.00 18.78 ? 224  HIS A CB    1 
ATOM   1077 C CG    . HIS A 1 137 ? -2.614  0.092   -6.111  1.00 17.09 ? 224  HIS A CG    1 
ATOM   1078 N ND1   . HIS A 1 137 ? -1.346  0.382   -6.569  1.00 16.88 ? 224  HIS A ND1   1 
ATOM   1079 C CD2   . HIS A 1 137 ? -2.560  -1.158  -5.595  1.00 16.80 ? 224  HIS A CD2   1 
ATOM   1080 C CE1   . HIS A 1 137 ? -0.572  -0.667  -6.367  1.00 18.17 ? 224  HIS A CE1   1 
ATOM   1081 N NE2   . HIS A 1 137 ? -1.280  -1.608  -5.766  1.00 17.29 ? 224  HIS A NE2   1 
ATOM   1082 N N     . LEU A 1 138 ? -4.923  0.971   -3.227  1.00 16.66 ? 225  LEU A N     1 
ATOM   1083 C CA    . LEU A 1 138 ? -5.130  0.224   -2.001  1.00 16.41 ? 225  LEU A CA    1 
ATOM   1084 C C     . LEU A 1 138 ? -5.658  -1.157  -2.326  1.00 17.15 ? 225  LEU A C     1 
ATOM   1085 O O     . LEU A 1 138 ? -6.867  -1.334  -2.479  1.00 16.85 ? 225  LEU A O     1 
ATOM   1086 C CB    . LEU A 1 138 ? -6.126  0.970   -1.123  1.00 15.87 ? 225  LEU A CB    1 
ATOM   1087 C CG    . LEU A 1 138 ? -6.502  0.455   0.261   1.00 14.65 ? 225  LEU A CG    1 
ATOM   1088 C CD1   . LEU A 1 138 ? -5.262  0.078   1.060   1.00 12.78 ? 225  LEU A CD1   1 
ATOM   1089 C CD2   . LEU A 1 138 ? -7.337  1.549   0.937   1.00 12.72 ? 225  LEU A CD2   1 
ATOM   1090 N N     . THR A 1 139 ? -4.748  -2.124  -2.424  1.00 16.41 ? 226  THR A N     1 
ATOM   1091 C CA    . THR A 1 139 ? -5.074  -3.517  -2.759  1.00 16.25 ? 226  THR A CA    1 
ATOM   1092 C C     . THR A 1 139 ? -5.981  -4.175  -1.736  1.00 16.29 ? 226  THR A C     1 
ATOM   1093 O O     . THR A 1 139 ? -5.727  -4.086  -0.527  1.00 16.01 ? 226  THR A O     1 
ATOM   1094 C CB    . THR A 1 139 ? -3.782  -4.333  -2.900  1.00 16.78 ? 226  THR A CB    1 
ATOM   1095 O OG1   . THR A 1 139 ? -2.953  -3.676  -3.861  1.00 16.55 ? 226  THR A OG1   1 
ATOM   1096 C CG2   . THR A 1 139 ? -4.053  -5.764  -3.378  1.00 15.12 ? 226  THR A CG2   1 
ATOM   1097 N N     . PHE A 1 140 ? -7.033  -4.831  -2.216  1.00 15.71 ? 227  PHE A N     1 
ATOM   1098 C CA    . PHE A 1 140 ? -7.854  -5.690  -1.339  1.00 14.99 ? 227  PHE A CA    1 
ATOM   1099 C C     . PHE A 1 140 ? -7.759  -7.171  -1.752  1.00 15.84 ? 227  PHE A C     1 
ATOM   1100 O O     . PHE A 1 140 ? -8.161  -8.033  -1.001  1.00 15.05 ? 227  PHE A O     1 
ATOM   1101 C CB    . PHE A 1 140 ? -9.325  -5.224  -1.216  1.00 15.01 ? 227  PHE A CB    1 
ATOM   1102 C CG    . PHE A 1 140 ? -10.102 -5.222  -2.530  1.00 14.27 ? 227  PHE A CG    1 
ATOM   1103 C CD1   . PHE A 1 140 ? -10.790 -6.375  -2.960  1.00 14.12 ? 227  PHE A CD1   1 
ATOM   1104 C CD2   . PHE A 1 140 ? -10.165 -4.065  -3.325  1.00 13.07 ? 227  PHE A CD2   1 
ATOM   1105 C CE1   . PHE A 1 140 ? -11.507 -6.382  -4.146  1.00 13.04 ? 227  PHE A CE1   1 
ATOM   1106 C CE2   . PHE A 1 140 ? -10.890 -4.061  -4.538  1.00 12.04 ? 227  PHE A CE2   1 
ATOM   1107 C CZ    . PHE A 1 140 ? -11.567 -5.228  -4.951  1.00 13.74 ? 227  PHE A CZ    1 
ATOM   1108 N N     . MET A 1 141 ? -7.234  -7.462  -2.934  1.00 15.06 ? 228  MET A N     1 
ATOM   1109 C CA    . MET A 1 141 ? -7.080  -8.849  -3.367  1.00 15.70 ? 228  MET A CA    1 
ATOM   1110 C C     . MET A 1 141 ? -6.090  -8.965  -4.520  1.00 15.99 ? 228  MET A C     1 
ATOM   1111 O O     . MET A 1 141 ? -5.929  -8.045  -5.328  1.00 15.86 ? 228  MET A O     1 
ATOM   1112 C CB    . MET A 1 141 ? -8.432  -9.527  -3.715  1.00 15.35 ? 228  MET A CB    1 
ATOM   1113 C CG    . MET A 1 141 ? -9.114  -9.029  -5.000  1.00 15.50 ? 228  MET A CG    1 
ATOM   1114 S SD    . MET A 1 141 ? -10.762 -9.713  -5.369  1.00 16.07 ? 228  MET A SD    1 
ATOM   1115 C CE    . MET A 1 141 ? -10.386 -11.447 -5.522  1.00 15.44 ? 228  MET A CE    1 
ATOM   1116 N N     . LYS A 1 142 ? -5.423  -10.097 -4.592  1.00 16.47 ? 229  LYS A N     1 
ATOM   1117 C CA    . LYS A 1 142 ? -4.497  -10.346 -5.692  1.00 17.24 ? 229  LYS A CA    1 
ATOM   1118 C C     . LYS A 1 142 ? -4.469  -11.837 -5.987  1.00 16.81 ? 229  LYS A C     1 
ATOM   1119 O O     . LYS A 1 142 ? -4.191  -12.650 -5.125  1.00 16.65 ? 229  LYS A O     1 
ATOM   1120 C CB    . LYS A 1 142 ? -3.109  -9.693  -5.441  1.00 18.00 ? 229  LYS A CB    1 
ATOM   1121 C CG    . LYS A 1 142 ? -2.436  -10.043 -4.108  1.00 19.79 ? 229  LYS A CG    1 
ATOM   1122 C CD    . LYS A 1 142 ? -1.381  -9.025  -3.618  1.00 19.67 ? 229  LYS A CD    1 
ATOM   1123 C CE    . LYS A 1 142 ? -0.820  -9.479  -2.257  1.00 22.35 ? 229  LYS A CE    1 
ATOM   1124 N NZ    . LYS A 1 142 ? 0.070   -8.468  -1.588  1.00 21.72 ? 229  LYS A NZ    1 
ATOM   1125 N N     . LEU A 1 143 ? -4.828  -12.209 -7.210  1.00 16.98 ? 230  LEU A N     1 
ATOM   1126 C CA    . LEU A 1 143 ? -4.910  -13.626 -7.608  1.00 16.95 ? 230  LEU A CA    1 
ATOM   1127 C C     . LEU A 1 143 ? -3.573  -14.362 -7.479  1.00 16.85 ? 230  LEU A C     1 
ATOM   1128 O O     . LEU A 1 143 ? -3.555  -15.569 -7.241  1.00 16.33 ? 230  LEU A O     1 
ATOM   1129 C CB    . LEU A 1 143 ? -5.446  -13.763 -9.038  1.00 16.91 ? 230  LEU A CB    1 
ATOM   1130 C CG    . LEU A 1 143 ? -6.865  -13.281 -9.359  1.00 16.70 ? 230  LEU A CG    1 
ATOM   1131 C CD1   . LEU A 1 143 ? -7.161  -13.583 -10.807 1.00 16.52 ? 230  LEU A CD1   1 
ATOM   1132 C CD2   . LEU A 1 143 ? -7.915  -13.907 -8.470  1.00 16.32 ? 230  LEU A CD2   1 
ATOM   1133 N N     . SER A 1 144 ? -2.464  -13.633 -7.628  1.00 18.01 ? 231  SER A N     1 
ATOM   1134 C CA    . SER A 1 144 ? -1.128  -14.245 -7.455  1.00 18.50 ? 231  SER A CA    1 
ATOM   1135 C C     . SER A 1 144 ? -0.906  -14.811 -6.031  1.00 19.58 ? 231  SER A C     1 
ATOM   1136 O O     . SER A 1 144 ? -0.041  -15.636 -5.836  1.00 19.41 ? 231  SER A O     1 
ATOM   1137 C CB    . SER A 1 144 ? -0.026  -13.254 -7.824  1.00 18.78 ? 231  SER A CB    1 
ATOM   1138 O OG    . SER A 1 144 ? 0.036   -12.213 -6.873  1.00 20.38 ? 231  SER A OG    1 
ATOM   1139 N N     . LYS A 1 145 ? -1.702  -14.353 -5.060  1.00 19.54 ? 232  LYS A N     1 
ATOM   1140 C CA    . LYS A 1 145 ? -1.681  -14.864 -3.687  1.00 20.40 ? 232  LYS A CA    1 
ATOM   1141 C C     . LYS A 1 145 ? -2.225  -16.311 -3.574  1.00 20.68 ? 232  LYS A C     1 
ATOM   1142 O O     . LYS A 1 145 ? -1.828  -17.065 -2.682  1.00 20.93 ? 232  LYS A O     1 
ATOM   1143 C CB    . LYS A 1 145 ? -2.461  -13.891 -2.787  1.00 20.58 ? 232  LYS A CB    1 
ATOM   1144 C CG    . LYS A 1 145 ? -2.104  -13.929 -1.310  1.00 21.43 ? 232  LYS A CG    1 
ATOM   1145 C CD    . LYS A 1 145 ? -2.665  -12.735 -0.527  1.00 22.14 ? 232  LYS A CD    1 
ATOM   1146 C CE    . LYS A 1 145 ? -2.603  -13.028 1.003   1.00 23.07 ? 232  LYS A CE    1 
ATOM   1147 N NZ    . LYS A 1 145 ? -3.695  -13.950 1.456   1.00 24.60 ? 232  LYS A NZ    1 
ATOM   1148 N N     . ALA A 1 146 ? -3.118  -16.687 -4.498  1.00 21.38 ? 233  ALA A N     1 
ATOM   1149 C CA    . ALA A 1 146 ? -3.756  -18.006 -4.535  1.00 21.98 ? 233  ALA A CA    1 
ATOM   1150 C C     . ALA A 1 146 ? -3.438  -18.690 -5.869  1.00 22.75 ? 233  ALA A C     1 
ATOM   1151 O O     . ALA A 1 146 ? -4.279  -18.745 -6.786  1.00 23.03 ? 233  ALA A O     1 
ATOM   1152 C CB    . ALA A 1 146 ? -5.255  -17.884 -4.326  1.00 21.59 ? 233  ALA A CB    1 
ATOM   1153 N N     . PRO A 1 147 ? -2.210  -19.232 -5.978  1.00 23.83 ? 234  PRO A N     1 
ATOM   1154 C CA    . PRO A 1 147 ? -1.703  -19.768 -7.242  1.00 24.44 ? 234  PRO A CA    1 
ATOM   1155 C C     . PRO A 1 147 ? -2.483  -20.985 -7.761  1.00 25.64 ? 234  PRO A C     1 
ATOM   1156 O O     . PRO A 1 147 ? -2.268  -21.400 -8.908  1.00 24.80 ? 234  PRO A O     1 
ATOM   1157 C CB    . PRO A 1 147 ? -0.252  -20.136 -6.907  1.00 24.53 ? 234  PRO A CB    1 
ATOM   1158 C CG    . PRO A 1 147 ? -0.270  -20.430 -5.449  1.00 23.75 ? 234  PRO A CG    1 
ATOM   1159 C CD    . PRO A 1 147 ? -1.233  -19.403 -4.885  1.00 23.84 ? 234  PRO A CD    1 
ATOM   1160 N N     . MET A 1 148 ? -3.385  -21.521 -6.936  1.00 26.11 ? 235  MET A N     1 
ATOM   1161 C CA    . MET A 1 148 ? -4.214  -22.691 -7.268  1.00 26.95 ? 235  MET A CA    1 
ATOM   1162 C C     . MET A 1 148 ? -5.447  -22.314 -8.062  1.00 26.52 ? 235  MET A C     1 
ATOM   1163 O O     . MET A 1 148 ? -6.088  -23.176 -8.655  1.00 26.63 ? 235  MET A O     1 
ATOM   1164 C CB    . MET A 1 148 ? -4.734  -23.330 -5.990  1.00 27.96 ? 235  MET A CB    1 
ATOM   1165 C CG    . MET A 1 148 ? -4.696  -24.781 -5.975  1.00 29.92 ? 235  MET A CG    1 
ATOM   1166 S SD    . MET A 1 148 ? -3.068  -25.238 -5.386  1.00 36.14 ? 235  MET A SD    1 
ATOM   1167 C CE    . MET A 1 148 ? -3.309  -24.855 -3.623  1.00 34.06 ? 235  MET A CE    1 
ATOM   1168 N N     . LEU A 1 149 ? -5.819  -21.038 -8.008  1.00 26.90 ? 236  LEU A N     1 
ATOM   1169 C CA    . LEU A 1 149 ? -6.925  -20.533 -8.811  1.00 27.22 ? 236  LEU A CA    1 
ATOM   1170 C C     . LEU A 1 149 ? -6.566  -20.564 -10.313 1.00 28.05 ? 236  LEU A C     1 
ATOM   1171 O O     . LEU A 1 149 ? -7.408  -20.876 -11.151 1.00 28.27 ? 236  LEU A O     1 
ATOM   1172 C CB    . LEU A 1 149 ? -7.307  -19.111 -8.366  1.00 26.42 ? 236  LEU A CB    1 
ATOM   1173 C CG    . LEU A 1 149 ? -8.003  -18.923 -7.010  1.00 25.70 ? 236  LEU A CG    1 
ATOM   1174 C CD1   . LEU A 1 149 ? -8.008  -17.450 -6.650  1.00 26.29 ? 236  LEU A CD1   1 
ATOM   1175 C CD2   . LEU A 1 149 ? -9.417  -19.495 -6.994  1.00 25.59 ? 236  LEU A CD2   1 
ATOM   1176 N N     . TRP A 1 150 ? -5.315  -20.209 -10.636 1.00 29.38 ? 237  TRP A N     1 
ATOM   1177 C CA    . TRP A 1 150 ? -4.845  -20.232 -12.024 1.00 30.43 ? 237  TRP A CA    1 
ATOM   1178 C C     . TRP A 1 150 ? -5.120  -21.597 -12.601 1.00 30.68 ? 237  TRP A C     1 
ATOM   1179 O O     . TRP A 1 150 ? -5.761  -21.705 -13.646 1.00 31.43 ? 237  TRP A O     1 
ATOM   1180 C CB    . TRP A 1 150 ? -3.357  -19.903 -12.098 1.00 30.52 ? 237  TRP A CB    1 
ATOM   1181 N N     . LYS A 1 151 ? -4.671  -22.636 -11.885 1.00 30.88 ? 238  LYS A N     1 
ATOM   1182 C CA    . LYS A 1 151 ? -4.905  -24.038 -12.267 1.00 31.16 ? 238  LYS A CA    1 
ATOM   1183 C C     . LYS A 1 151 ? -6.388  -24.452 -12.263 1.00 31.11 ? 238  LYS A C     1 
ATOM   1184 O O     . LYS A 1 151 ? -6.794  -25.332 -13.016 1.00 31.42 ? 238  LYS A O     1 
ATOM   1185 C CB    . LYS A 1 151 ? -4.058  -24.983 -11.389 1.00 31.16 ? 238  LYS A CB    1 
ATOM   1186 N N     . LYS A 1 152 ? -7.174  -23.803 -11.402 1.00 31.19 ? 239  LYS A N     1 
ATOM   1187 C CA    . LYS A 1 152 ? -8.604  -24.040 -11.248 1.00 31.41 ? 239  LYS A CA    1 
ATOM   1188 C C     . LYS A 1 152 ? -9.368  -23.197 -12.291 1.00 31.08 ? 239  LYS A C     1 
ATOM   1189 O O     . LYS A 1 152 ? -8.758  -22.660 -13.237 1.00 31.23 ? 239  LYS A O     1 
ATOM   1190 C CB    . LYS A 1 152 ? -9.008  -23.657 -9.815  1.00 31.35 ? 239  LYS A CB    1 
ATOM   1191 C CG    . LYS A 1 152 ? -10.142 -24.457 -9.199  1.00 32.21 ? 239  LYS A CG    1 
ATOM   1192 C CD    . LYS A 1 152 ? -10.252 -24.240 -7.688  1.00 32.35 ? 239  LYS A CD    1 
ATOM   1193 C CE    . LYS A 1 152 ? -9.181  -25.038 -6.888  1.00 33.29 ? 239  LYS A CE    1 
ATOM   1194 N NZ    . LYS A 1 152 ? -8.828  -24.275 -5.565  1.00 33.72 ? 239  LYS A NZ    1 
ATOM   1195 N N     . GLY A 1 153 ? -10.693 -23.061 -12.113 1.00 30.93 ? 240  GLY A N     1 
ATOM   1196 C CA    . GLY A 1 153 ? -11.520 -22.303 -13.062 1.00 30.00 ? 240  GLY A CA    1 
ATOM   1197 C C     . GLY A 1 153 ? -11.541 -20.772 -12.971 1.00 29.22 ? 240  GLY A C     1 
ATOM   1198 O O     . GLY A 1 153 ? -12.469 -20.149 -13.522 1.00 29.24 ? 240  GLY A O     1 
ATOM   1199 N N     . VAL A 1 154 ? -10.539 -20.162 -12.315 1.00 27.74 ? 241  VAL A N     1 
ATOM   1200 C CA    . VAL A 1 154 ? -10.548 -18.708 -11.994 1.00 26.17 ? 241  VAL A CA    1 
ATOM   1201 C C     . VAL A 1 154 ? -9.290  -17.918 -12.462 1.00 25.69 ? 241  VAL A C     1 
ATOM   1202 O O     . VAL A 1 154 ? -8.262  -17.901 -11.776 1.00 25.68 ? 241  VAL A O     1 
ATOM   1203 C CB    . VAL A 1 154 ? -10.793 -18.471 -10.465 1.00 25.99 ? 241  VAL A CB    1 
ATOM   1204 C CG1   . VAL A 1 154 ? -11.162 -17.012 -10.183 1.00 25.44 ? 241  VAL A CG1   1 
ATOM   1205 C CG2   . VAL A 1 154 ? -11.893 -19.392 -9.937  1.00 26.00 ? 241  VAL A CG2   1 
ATOM   1206 N N     . ARG A 1 155 ? -9.380  -17.232 -13.601 1.00 24.78 ? 242  ARG A N     1 
ATOM   1207 C CA    . ARG A 1 155 ? -8.205  -16.542 -14.157 1.00 24.02 ? 242  ARG A CA    1 
ATOM   1208 C C     . ARG A 1 155 ? -8.309  -15.024 -14.221 1.00 21.96 ? 242  ARG A C     1 
ATOM   1209 O O     . ARG A 1 155 ? -7.438  -14.374 -14.784 1.00 21.37 ? 242  ARG A O     1 
ATOM   1210 C CB    . ARG A 1 155 ? -7.831  -17.106 -15.543 1.00 24.44 ? 242  ARG A CB    1 
ATOM   1211 C CG    . ARG A 1 155 ? -7.288  -18.542 -15.476 1.00 25.85 ? 242  ARG A CG    1 
ATOM   1212 C CD    . ARG A 1 155 ? -6.525  -18.965 -16.707 1.00 25.86 ? 242  ARG A CD    1 
ATOM   1213 N NE    . ARG A 1 155 ? -5.671  -20.118 -16.392 1.00 28.90 ? 242  ARG A NE    1 
ATOM   1214 C CZ    . ARG A 1 155 ? -5.827  -21.344 -16.892 1.00 30.38 ? 242  ARG A CZ    1 
ATOM   1215 N NH1   . ARG A 1 155 ? -6.792  -21.612 -17.777 1.00 31.58 ? 242  ARG A NH1   1 
ATOM   1216 N NH2   . ARG A 1 155 ? -4.991  -22.305 -16.515 1.00 29.81 ? 242  ARG A NH2   1 
ATOM   1217 N N     . LYS A 1 156 ? -9.381  -14.471 -13.656 1.00 20.83 ? 243  LYS A N     1 
ATOM   1218 C CA    . LYS A 1 156 ? -9.525  -13.030 -13.509 1.00 20.33 ? 243  LYS A CA    1 
ATOM   1219 C C     . LYS A 1 156 ? -10.580 -12.758 -12.455 1.00 19.41 ? 243  LYS A C     1 
ATOM   1220 O O     . LYS A 1 156 ? -11.398 -13.634 -12.136 1.00 18.85 ? 243  LYS A O     1 
ATOM   1221 C CB    . LYS A 1 156 ? -9.916  -12.350 -14.833 1.00 20.47 ? 243  LYS A CB    1 
ATOM   1222 C CG    . LYS A 1 156 ? -11.384 -12.434 -15.150 1.00 22.49 ? 243  LYS A CG    1 
ATOM   1223 C CD    . LYS A 1 156 ? -11.734 -11.598 -16.351 1.00 24.65 ? 243  LYS A CD    1 
ATOM   1224 C CE    . LYS A 1 156 ? -13.222 -11.724 -16.660 1.00 26.26 ? 243  LYS A CE    1 
ATOM   1225 N NZ    . LYS A 1 156 ? -13.548 -13.072 -17.245 1.00 25.11 ? 243  LYS A NZ    1 
ATOM   1226 N N     . ILE A 1 157 ? -10.572 -11.548 -11.917 1.00 19.33 ? 244  ILE A N     1 
ATOM   1227 C CA    . ILE A 1 157 ? -11.619 -11.147 -11.002 1.00 19.04 ? 244  ILE A CA    1 
ATOM   1228 C C     . ILE A 1 157 ? -12.833 -10.704 -11.830 1.00 18.69 ? 244  ILE A C     1 
ATOM   1229 O O     . ILE A 1 157 ? -12.739 -9.740  -12.619 1.00 18.31 ? 244  ILE A O     1 
ATOM   1230 C CB    . ILE A 1 157 ? -11.143 -10.041 -10.021 1.00 19.18 ? 244  ILE A CB    1 
ATOM   1231 C CG1   . ILE A 1 157 ? -9.853  -10.482 -9.311  1.00 19.48 ? 244  ILE A CG1   1 
ATOM   1232 C CG2   . ILE A 1 157 ? -12.233 -9.729  -8.986  1.00 18.23 ? 244  ILE A CG2   1 
ATOM   1233 C CD1   . ILE A 1 157 ? -8.981  -9.333  -8.770  1.00 18.43 ? 244  ILE A CD1   1 
ATOM   1234 N N     . GLU A 1 158 ? -13.947 -11.437 -11.689 1.00 18.55 ? 245  GLU A N     1 
ATOM   1235 C CA    . GLU A 1 158 ? -15.213 -11.056 -12.351 1.00 18.38 ? 245  GLU A CA    1 
ATOM   1236 C C     . GLU A 1 158 ? -15.717 -9.682  -11.845 1.00 18.27 ? 245  GLU A C     1 
ATOM   1237 O O     . GLU A 1 158 ? -16.021 -9.534  -10.662 1.00 18.38 ? 245  GLU A O     1 
ATOM   1238 C CB    . GLU A 1 158 ? -16.294 -12.148 -12.200 1.00 18.53 ? 245  GLU A CB    1 
ATOM   1239 C CG    . GLU A 1 158 ? -15.986 -13.463 -12.916 1.00 19.12 ? 245  GLU A CG    1 
ATOM   1240 C CD    . GLU A 1 158 ? -16.022 -13.324 -14.429 1.00 20.24 ? 245  GLU A CD    1 
ATOM   1241 O OE1   . GLU A 1 158 ? -16.800 -12.464 -14.908 1.00 21.39 ? 245  GLU A OE1   1 
ATOM   1242 O OE2   . GLU A 1 158 ? -15.284 -14.073 -15.131 1.00 21.39 ? 245  GLU A OE2   1 
ATOM   1243 N N     . PRO A 1 159 ? -15.802 -8.675  -12.743 1.00 18.04 ? 246  PRO A N     1 
ATOM   1244 C CA    . PRO A 1 159 ? -16.228 -7.328  -12.330 1.00 17.47 ? 246  PRO A CA    1 
ATOM   1245 C C     . PRO A 1 159 ? -17.623 -7.303  -11.677 1.00 17.66 ? 246  PRO A C     1 
ATOM   1246 O O     . PRO A 1 159 ? -17.902 -6.422  -10.855 1.00 17.70 ? 246  PRO A O     1 
ATOM   1247 C CB    . PRO A 1 159 ? -16.238 -6.542  -13.649 1.00 17.27 ? 246  PRO A CB    1 
ATOM   1248 C CG    . PRO A 1 159 ? -15.346 -7.302  -14.544 1.00 17.10 ? 246  PRO A CG    1 
ATOM   1249 C CD    . PRO A 1 159 ? -15.549 -8.733  -14.198 1.00 17.91 ? 246  PRO A CD    1 
ATOM   1250 N N     . GLY A 1 160 ? -18.472 -8.270  -12.030 1.00 17.18 ? 247  GLY A N     1 
ATOM   1251 C CA    . GLY A 1 160 ? -19.777 -8.461  -11.396 1.00 17.54 ? 247  GLY A CA    1 
ATOM   1252 C C     . GLY A 1 160 ? -19.739 -8.695  -9.890  1.00 17.68 ? 247  GLY A C     1 
ATOM   1253 O O     . GLY A 1 160 ? -20.715 -8.396  -9.185  1.00 17.94 ? 247  GLY A O     1 
ATOM   1254 N N     . LEU A 1 161 ? -18.613 -9.216  -9.392  1.00 17.57 ? 248  LEU A N     1 
ATOM   1255 C CA    . LEU A 1 161 ? -18.456 -9.497  -7.976  1.00 17.15 ? 248  LEU A CA    1 
ATOM   1256 C C     . LEU A 1 161 ? -18.421 -8.226  -7.109  1.00 18.05 ? 248  LEU A C     1 
ATOM   1257 O O     . LEU A 1 161 ? -18.805 -8.257  -5.928  1.00 17.45 ? 248  LEU A O     1 
ATOM   1258 C CB    . LEU A 1 161 ? -17.200 -10.300 -7.737  1.00 16.97 ? 248  LEU A CB    1 
ATOM   1259 C CG    . LEU A 1 161 ? -17.079 -11.729 -8.259  1.00 15.30 ? 248  LEU A CG    1 
ATOM   1260 C CD1   . LEU A 1 161 ? -15.645 -12.197 -8.096  1.00 15.36 ? 248  LEU A CD1   1 
ATOM   1261 C CD2   . LEU A 1 161 ? -18.083 -12.692 -7.597  1.00 16.60 ? 248  LEU A CD2   1 
ATOM   1262 N N     . TYR A 1 162 ? -17.968 -7.119  -7.696  1.00 19.16 ? 249  TYR A N     1 
ATOM   1263 C CA    . TYR A 1 162 ? -17.831 -5.886  -6.958  1.00 20.08 ? 249  TYR A CA    1 
ATOM   1264 C C     . TYR A 1 162 ? -18.652 -4.693  -7.518  1.00 20.71 ? 249  TYR A C     1 
ATOM   1265 O O     . TYR A 1 162 ? -18.518 -3.570  -7.049  1.00 20.33 ? 249  TYR A O     1 
ATOM   1266 C CB    . TYR A 1 162 ? -16.350 -5.541  -6.811  1.00 20.36 ? 249  TYR A CB    1 
ATOM   1267 C CG    . TYR A 1 162 ? -15.570 -5.407  -8.103  1.00 20.53 ? 249  TYR A CG    1 
ATOM   1268 C CD1   . TYR A 1 162 ? -15.698 -4.269  -8.914  1.00 20.75 ? 249  TYR A CD1   1 
ATOM   1269 C CD2   . TYR A 1 162 ? -14.682 -6.399  -8.500  1.00 21.05 ? 249  TYR A CD2   1 
ATOM   1270 C CE1   . TYR A 1 162 ? -14.958 -4.132  -10.083 1.00 19.62 ? 249  TYR A CE1   1 
ATOM   1271 C CE2   . TYR A 1 162 ? -13.936 -6.274  -9.680  1.00 20.70 ? 249  TYR A CE2   1 
ATOM   1272 C CZ    . TYR A 1 162 ? -14.075 -5.146  -10.457 1.00 20.90 ? 249  TYR A CZ    1 
ATOM   1273 O OH    . TYR A 1 162 ? -13.349 -5.039  -11.626 1.00 21.07 ? 249  TYR A OH    1 
ATOM   1274 N N     . GLU A 1 163 ? -19.487 -4.968  -8.515  1.00 21.49 ? 250  GLU A N     1 
ATOM   1275 C CA    . GLU A 1 163 ? -20.346 -3.988  -9.183  1.00 22.24 ? 250  GLU A CA    1 
ATOM   1276 C C     . GLU A 1 163 ? -21.038 -3.020  -8.218  1.00 22.66 ? 250  GLU A C     1 
ATOM   1277 O O     . GLU A 1 163 ? -21.130 -1.844  -8.502  1.00 22.23 ? 250  GLU A O     1 
ATOM   1278 C CB    . GLU A 1 163 ? -21.382 -4.723  -10.055 1.00 21.94 ? 250  GLU A CB    1 
ATOM   1279 C CG    . GLU A 1 163 ? -22.262 -3.834  -10.941 1.00 22.25 ? 250  GLU A CG    1 
ATOM   1280 C CD    . GLU A 1 163 ? -22.937 -4.617  -12.065 1.00 23.12 ? 250  GLU A CD    1 
ATOM   1281 O OE1   . GLU A 1 163 ? -22.276 -5.510  -12.656 1.00 24.23 ? 250  GLU A OE1   1 
ATOM   1282 O OE2   . GLU A 1 163 ? -24.126 -4.340  -12.373 1.00 21.99 ? 250  GLU A OE2   1 
ATOM   1283 N N     . GLN A 1 164 ? -21.516 -3.513  -7.078  1.00 22.91 ? 251  GLN A N     1 
ATOM   1284 C CA    . GLN A 1 164 ? -22.175 -2.665  -6.072  1.00 23.86 ? 251  GLN A CA    1 
ATOM   1285 C C     . GLN A 1 164 ? -21.258 -1.618  -5.403  1.00 23.09 ? 251  GLN A C     1 
ATOM   1286 O O     . GLN A 1 164 ? -21.761 -0.663  -4.843  1.00 21.66 ? 251  GLN A O     1 
ATOM   1287 C CB    . GLN A 1 164 ? -22.904 -3.523  -5.017  1.00 24.02 ? 251  GLN A CB    1 
ATOM   1288 C CG    . GLN A 1 164 ? -24.192 -4.177  -5.551  1.00 25.93 ? 251  GLN A CG    1 
ATOM   1289 C CD    . GLN A 1 164 ? -25.046 -4.827  -4.461  1.00 26.73 ? 251  GLN A CD    1 
ATOM   1290 O OE1   . GLN A 1 164 ? -24.865 -6.004  -4.149  1.00 29.07 ? 251  GLN A OE1   1 
ATOM   1291 N NE2   . GLN A 1 164 ? -25.982 -4.066  -3.887  1.00 27.31 ? 251  GLN A NE2   1 
ATOM   1292 N N     . PHE A 1 165 ? -19.939 -1.785  -5.497  1.00 22.74 ? 252  PHE A N     1 
ATOM   1293 C CA    . PHE A 1 165 ? -18.960 -0.904  -4.832  1.00 23.06 ? 252  PHE A CA    1 
ATOM   1294 C C     . PHE A 1 165 ? -18.099 -0.044  -5.769  1.00 23.34 ? 252  PHE A C     1 
ATOM   1295 O O     . PHE A 1 165 ? -17.178 0.624   -5.302  1.00 23.32 ? 252  PHE A O     1 
ATOM   1296 C CB    . PHE A 1 165 ? -18.010 -1.729  -3.925  1.00 22.53 ? 252  PHE A CB    1 
ATOM   1297 C CG    . PHE A 1 165 ? -18.691 -2.377  -2.759  1.00 23.14 ? 252  PHE A CG    1 
ATOM   1298 C CD1   . PHE A 1 165 ? -18.813 -1.696  -1.542  1.00 25.25 ? 252  PHE A CD1   1 
ATOM   1299 C CD2   . PHE A 1 165 ? -19.229 -3.659  -2.874  1.00 22.60 ? 252  PHE A CD2   1 
ATOM   1300 C CE1   . PHE A 1 165 ? -19.474 -2.285  -0.457  1.00 24.65 ? 252  PHE A CE1   1 
ATOM   1301 C CE2   . PHE A 1 165 ? -19.881 -4.265  -1.804  1.00 21.38 ? 252  PHE A CE2   1 
ATOM   1302 C CZ    . PHE A 1 165 ? -20.011 -3.582  -0.591  1.00 23.13 ? 252  PHE A CZ    1 
ATOM   1303 N N     . ILE A 1 166 ? -18.384 -0.056  -7.076  1.00 24.23 ? 253  ILE A N     1 
ATOM   1304 C CA    . ILE A 1 166 ? -17.518 0.620   -8.072  1.00 25.03 ? 253  ILE A CA    1 
ATOM   1305 C C     . ILE A 1 166 ? -17.537 2.129   -7.960  1.00 25.02 ? 253  ILE A C     1 
ATOM   1306 O O     . ILE A 1 166 ? -16.643 2.810   -8.469  1.00 24.61 ? 253  ILE A O     1 
ATOM   1307 C CB    . ILE A 1 166 ? -17.868 0.263   -9.542  1.00 25.08 ? 253  ILE A CB    1 
ATOM   1308 C CG1   . ILE A 1 166 ? -19.375 0.218   -9.737  1.00 27.58 ? 253  ILE A CG1   1 
ATOM   1309 C CG2   . ILE A 1 166 ? -17.191 -1.038  -9.947  1.00 25.61 ? 253  ILE A CG2   1 
ATOM   1310 C CD1   . ILE A 1 166 ? -19.796 0.192   -11.180 1.00 30.31 ? 253  ILE A CD1   1 
ATOM   1311 N N     . ASP A 1 167 ? -18.570 2.646   -7.313  1.00 24.57 ? 254  ASP A N     1 
ATOM   1312 C CA    . ASP A 1 167 ? -18.695 4.063   -7.070  1.00 24.86 ? 254  ASP A CA    1 
ATOM   1313 C C     . ASP A 1 167 ? -18.626 4.394   -5.589  1.00 24.20 ? 254  ASP A C     1 
ATOM   1314 O O     . ASP A 1 167 ? -18.958 5.501   -5.200  1.00 24.35 ? 254  ASP A O     1 
ATOM   1315 C CB    . ASP A 1 167 ? -20.041 4.546   -7.638  1.00 24.82 ? 254  ASP A CB    1 
ATOM   1316 C CG    . ASP A 1 167 ? -20.094 4.486   -9.159  1.00 25.78 ? 254  ASP A CG    1 
ATOM   1317 O OD1   . ASP A 1 167 ? -19.009 4.614   -9.796  1.00 26.57 ? 254  ASP A OD1   1 
ATOM   1318 O OD2   . ASP A 1 167 ? -21.215 4.305   -9.715  1.00 26.80 ? 254  ASP A OD2   1 
ATOM   1319 N N     . HIS A 1 168 ? -18.191 3.446   -4.757  1.00 22.76 ? 255  HIS A N     1 
ATOM   1320 C CA    . HIS A 1 168 ? -18.389 3.568   -3.320  1.00 22.29 ? 255  HIS A CA    1 
ATOM   1321 C C     . HIS A 1 168 ? -17.288 4.385   -2.640  1.00 21.58 ? 255  HIS A C     1 
ATOM   1322 O O     . HIS A 1 168 ? -16.104 4.144   -2.841  1.00 21.46 ? 255  HIS A O     1 
ATOM   1323 C CB    . HIS A 1 168 ? -18.535 2.169   -2.709  1.00 21.52 ? 255  HIS A CB    1 
ATOM   1324 C CG    . HIS A 1 168 ? -18.633 2.149   -1.212  1.00 21.68 ? 255  HIS A CG    1 
ATOM   1325 N ND1   . HIS A 1 168 ? -19.779 2.496   -0.531  1.00 20.58 ? 255  HIS A ND1   1 
ATOM   1326 C CD2   . HIS A 1 168 ? -17.735 1.781   -0.269  1.00 19.40 ? 255  HIS A CD2   1 
ATOM   1327 C CE1   . HIS A 1 168 ? -19.578 2.357   0.767   1.00 20.98 ? 255  HIS A CE1   1 
ATOM   1328 N NE2   . HIS A 1 168 ? -18.345 1.920   0.950   1.00 20.65 ? 255  HIS A NE2   1 
ATOM   1329 N N     . ARG A 1 169 ? -17.689 5.372   -1.844  1.00 21.71 ? 256  ARG A N     1 
ATOM   1330 C CA    . ARG A 1 169 ? -16.720 6.159   -1.066  1.00 21.25 ? 256  ARG A CA    1 
ATOM   1331 C C     . ARG A 1 169 ? -16.365 5.344   0.170   1.00 20.58 ? 256  ARG A C     1 
ATOM   1332 O O     . ARG A 1 169 ? -17.197 5.150   1.065   1.00 19.98 ? 256  ARG A O     1 
ATOM   1333 C CB    . ARG A 1 169 ? -17.283 7.560   -0.713  1.00 21.61 ? 256  ARG A CB    1 
ATOM   1334 C CG    . ARG A 1 169 ? -16.396 8.477   0.195   1.00 23.05 ? 256  ARG A CG    1 
ATOM   1335 C CD    . ARG A 1 169 ? -15.029 8.883   -0.404  1.00 28.32 ? 256  ARG A CD    1 
ATOM   1336 N NE    . ARG A 1 169 ? -15.105 9.463   -1.755  1.00 28.50 ? 256  ARG A NE    1 
ATOM   1337 C CZ    . ARG A 1 169 ? -14.720 10.696  -2.086  1.00 29.72 ? 256  ARG A CZ    1 
ATOM   1338 N NH1   . ARG A 1 169 ? -14.228 11.524  -1.166  1.00 29.09 ? 256  ARG A NH1   1 
ATOM   1339 N NH2   . ARG A 1 169 ? -14.825 11.111  -3.344  1.00 29.60 ? 256  ARG A NH2   1 
ATOM   1340 N N     . PHE A 1 170 ? -15.149 4.810   0.172   1.00 19.81 ? 257  PHE A N     1 
ATOM   1341 C CA    . PHE A 1 170 ? -14.636 4.037   1.296   1.00 19.28 ? 257  PHE A CA    1 
ATOM   1342 C C     . PHE A 1 170 ? -14.254 4.958   2.451   1.00 19.06 ? 257  PHE A C     1 
ATOM   1343 O O     . PHE A 1 170 ? -14.489 4.633   3.607   1.00 18.79 ? 257  PHE A O     1 
ATOM   1344 C CB    . PHE A 1 170 ? -13.480 3.120   0.853   1.00 19.37 ? 257  PHE A CB    1 
ATOM   1345 C CG    . PHE A 1 170 ? -13.945 1.946   0.011   1.00 18.58 ? 257  PHE A CG    1 
ATOM   1346 C CD1   . PHE A 1 170 ? -14.164 0.704   0.590   1.00 18.66 ? 257  PHE A CD1   1 
ATOM   1347 C CD2   . PHE A 1 170 ? -14.231 2.112   -1.353  1.00 18.10 ? 257  PHE A CD2   1 
ATOM   1348 C CE1   . PHE A 1 170 ? -14.628 -0.386  -0.178  1.00 18.33 ? 257  PHE A CE1   1 
ATOM   1349 C CE2   . PHE A 1 170 ? -14.681 1.038   -2.140  1.00 17.57 ? 257  PHE A CE2   1 
ATOM   1350 C CZ    . PHE A 1 170 ? -14.882 -0.225  -1.545  1.00 18.37 ? 257  PHE A CZ    1 
ATOM   1351 N N     . GLY A 1 171 ? -13.727 6.135   2.139   1.00 18.96 ? 258  GLY A N     1 
ATOM   1352 C CA    . GLY A 1 171 ? -13.382 7.078   3.185   1.00 19.63 ? 258  GLY A CA    1 
ATOM   1353 C C     . GLY A 1 171 ? -12.109 7.798   2.862   1.00 19.81 ? 258  GLY A C     1 
ATOM   1354 O O     . GLY A 1 171 ? -11.546 7.598   1.781   1.00 19.42 ? 258  GLY A O     1 
ATOM   1355 N N     . GLU A 1 172 ? -11.686 8.659   3.802   1.00 20.34 ? 259  GLU A N     1 
ATOM   1356 C CA    . GLU A 1 172 ? -10.455 9.438   3.658   1.00 20.99 ? 259  GLU A CA    1 
ATOM   1357 C C     . GLU A 1 172 ? -9.454  9.081   4.753   1.00 20.67 ? 259  GLU A C     1 
ATOM   1358 O O     . GLU A 1 172 ? -9.833  8.969   5.917   1.00 20.45 ? 259  GLU A O     1 
ATOM   1359 C CB    . GLU A 1 172 ? -10.739 10.947  3.695   1.00 21.18 ? 259  GLU A CB    1 
ATOM   1360 C CG    . GLU A 1 172 ? -12.020 11.432  2.993   1.00 22.52 ? 259  GLU A CG    1 
ATOM   1361 C CD    . GLU A 1 172 ? -12.370 12.880  3.379   1.00 22.64 ? 259  GLU A CD    1 
ATOM   1362 O OE1   . GLU A 1 172 ? -11.456 13.620  3.842   1.00 25.01 ? 259  GLU A OE1   1 
ATOM   1363 O OE2   . GLU A 1 172 ? -13.554 13.290  3.227   1.00 23.56 ? 259  GLU A OE2   1 
ATOM   1364 N N     . GLU A 1 173 ? -8.187  8.897   4.362   1.00 20.46 ? 260  GLU A N     1 
ATOM   1365 C CA    . GLU A 1 173 ? -7.054  8.718   5.275   1.00 20.95 ? 260  GLU A CA    1 
ATOM   1366 C C     . GLU A 1 173 ? -6.194  9.961   5.226   1.00 20.13 ? 260  GLU A C     1 
ATOM   1367 O O     . GLU A 1 173 ? -5.784  10.377  4.151   1.00 20.48 ? 260  GLU A O     1 
ATOM   1368 C CB    . GLU A 1 173 ? -6.167  7.534   4.831   1.00 20.93 ? 260  GLU A CB    1 
ATOM   1369 C CG    . GLU A 1 173 ? -5.044  7.133   5.812   1.00 23.35 ? 260  GLU A CG    1 
ATOM   1370 C CD    . GLU A 1 173 ? -5.581  6.514   7.098   1.00 28.81 ? 260  GLU A CD    1 
ATOM   1371 O OE1   . GLU A 1 173 ? -6.065  5.374   7.054   1.00 30.75 ? 260  GLU A OE1   1 
ATOM   1372 O OE2   . GLU A 1 173 ? -5.560  7.195   8.175   1.00 30.00 ? 260  GLU A OE2   1 
ATOM   1373 N N     . ILE A 1 174 ? -5.896  10.544  6.382   1.00 19.41 ? 261  ILE A N     1 
ATOM   1374 C CA    . ILE A 1 174 ? -4.852  11.564  6.458   1.00 18.99 ? 261  ILE A CA    1 
ATOM   1375 C C     . ILE A 1 174 ? -3.555  10.831  6.685   1.00 18.91 ? 261  ILE A C     1 
ATOM   1376 O O     . ILE A 1 174 ? -3.511  9.910   7.503   1.00 18.35 ? 261  ILE A O     1 
ATOM   1377 C CB    . ILE A 1 174 ? -5.129  12.605  7.578   1.00 18.80 ? 261  ILE A CB    1 
ATOM   1378 C CG1   . ILE A 1 174 ? -6.404  13.362  7.243   1.00 20.24 ? 261  ILE A CG1   1 
ATOM   1379 C CG2   . ILE A 1 174 ? -3.948  13.557  7.775   1.00 19.18 ? 261  ILE A CG2   1 
ATOM   1380 C CD1   . ILE A 1 174 ? -6.919  14.260  8.358   1.00 18.27 ? 261  ILE A CD1   1 
ATOM   1381 N N     . LEU A 1 175 ? -2.518  11.215  5.931   1.00 19.06 ? 262  LEU A N     1 
ATOM   1382 C CA    . LEU A 1 175 ? -1.191  10.634  6.066   1.00 19.11 ? 262  LEU A CA    1 
ATOM   1383 C C     . LEU A 1 175 ? -0.662  10.906  7.454   1.00 19.28 ? 262  LEU A C     1 
ATOM   1384 O O     . LEU A 1 175 ? -0.433  12.058  7.835   1.00 19.49 ? 262  LEU A O     1 
ATOM   1385 C CB    . LEU A 1 175 ? -0.204  11.189  5.019   1.00 18.84 ? 262  LEU A CB    1 
ATOM   1386 C CG    . LEU A 1 175 ? 1.265   10.738  5.075   1.00 17.96 ? 262  LEU A CG    1 
ATOM   1387 C CD1   . LEU A 1 175 ? 1.424   9.232   4.939   1.00 14.53 ? 262  LEU A CD1   1 
ATOM   1388 C CD2   . LEU A 1 175 ? 2.098   11.408  3.988   1.00 18.41 ? 262  LEU A CD2   1 
ATOM   1389 N N     . TYR A 1 176 ? -0.458  9.830   8.211   1.00 20.39 ? 263  TYR A N     1 
ATOM   1390 C CA    . TYR A 1 176 ? 0.062   9.959   9.580   1.00 21.53 ? 263  TYR A CA    1 
ATOM   1391 C C     . TYR A 1 176 ? 1.339   9.161   9.846   1.00 20.76 ? 263  TYR A C     1 
ATOM   1392 O O     . TYR A 1 176 ? 2.022   9.431   10.800  1.00 20.57 ? 263  TYR A O     1 
ATOM   1393 C CB    . TYR A 1 176 ? -1.021  9.580   10.601  1.00 23.19 ? 263  TYR A CB    1 
ATOM   1394 C CG    . TYR A 1 176 ? -1.344  8.099   10.618  1.00 25.81 ? 263  TYR A CG    1 
ATOM   1395 C CD1   . TYR A 1 176 ? -0.761  7.235   11.564  1.00 29.15 ? 263  TYR A CD1   1 
ATOM   1396 C CD2   . TYR A 1 176 ? -2.219  7.554   9.674   1.00 26.73 ? 263  TYR A CD2   1 
ATOM   1397 C CE1   . TYR A 1 176 ? -1.058  5.855   11.562  1.00 30.06 ? 263  TYR A CE1   1 
ATOM   1398 C CE2   . TYR A 1 176 ? -2.529  6.196   9.669   1.00 28.98 ? 263  TYR A CE2   1 
ATOM   1399 C CZ    . TYR A 1 176 ? -1.955  5.353   10.604  1.00 28.74 ? 263  TYR A CZ    1 
ATOM   1400 O OH    . TYR A 1 176 ? -2.293  4.019   10.555  1.00 29.16 ? 263  TYR A OH    1 
ATOM   1401 N N     . GLN A 1 177 ? 1.667   8.168   9.026   1.00 19.60 ? 264  GLN A N     1 
ATOM   1402 C CA    . GLN A 1 177 ? 2.824   7.330   9.343   1.00 18.77 ? 264  GLN A CA    1 
ATOM   1403 C C     . GLN A 1 177 ? 3.438   6.831   8.065   1.00 17.58 ? 264  GLN A C     1 
ATOM   1404 O O     . GLN A 1 177 ? 2.745   6.654   7.052   1.00 18.62 ? 264  GLN A O     1 
ATOM   1405 C CB    . GLN A 1 177 ? 2.426   6.156   10.251  1.00 18.13 ? 264  GLN A CB    1 
ATOM   1406 C CG    . GLN A 1 177 ? 3.578   5.354   10.855  1.00 19.22 ? 264  GLN A CG    1 
ATOM   1407 C CD    . GLN A 1 177 ? 3.170   4.594   12.091  1.00 18.98 ? 264  GLN A CD    1 
ATOM   1408 O OE1   . GLN A 1 177 ? 2.473   5.133   12.943  1.00 17.94 ? 264  GLN A OE1   1 
ATOM   1409 N NE2   . GLN A 1 177 ? 3.605   3.330   12.207  1.00 18.33 ? 264  GLN A NE2   1 
ATOM   1410 N N     . ILE A 1 178 ? 4.759   6.679   8.073   1.00 16.07 ? 265  ILE A N     1 
ATOM   1411 C CA    . ILE A 1 178 ? 5.406   5.899   7.012   1.00 14.69 ? 265  ILE A CA    1 
ATOM   1412 C C     . ILE A 1 178 ? 6.245   4.816   7.652   1.00 14.96 ? 265  ILE A C     1 
ATOM   1413 O O     . ILE A 1 178 ? 7.059   5.091   8.522   1.00 13.74 ? 265  ILE A O     1 
ATOM   1414 C CB    . ILE A 1 178 ? 6.228   6.747   5.986   1.00 15.15 ? 265  ILE A CB    1 
ATOM   1415 C CG1   . ILE A 1 178 ? 5.377   7.885   5.398   1.00 14.28 ? 265  ILE A CG1   1 
ATOM   1416 C CG2   . ILE A 1 178 ? 6.794   5.818   4.834   1.00 13.50 ? 265  ILE A CG2   1 
ATOM   1417 C CD1   . ILE A 1 178 ? 6.117   8.847   4.489   1.00 12.95 ? 265  ILE A CD1   1 
ATOM   1418 N N     . ASP A 1 179 ? 6.028   3.580   7.200   1.00 14.22 ? 266  ASP A N     1 
ATOM   1419 C CA    . ASP A 1 179 ? 6.733   2.413   7.718   1.00 14.39 ? 266  ASP A CA    1 
ATOM   1420 C C     . ASP A 1 179 ? 7.754   1.856   6.715   1.00 14.49 ? 266  ASP A C     1 
ATOM   1421 O O     . ASP A 1 179 ? 7.530   1.873   5.512   1.00 14.32 ? 266  ASP A O     1 
ATOM   1422 C CB    . ASP A 1 179 ? 5.731   1.300   8.065   1.00 14.05 ? 266  ASP A CB    1 
ATOM   1423 C CG    . ASP A 1 179 ? 4.709   1.712   9.126   1.00 14.57 ? 266  ASP A CG    1 
ATOM   1424 O OD1   . ASP A 1 179 ? 5.082   2.272   10.163  1.00 13.32 ? 266  ASP A OD1   1 
ATOM   1425 O OD2   . ASP A 1 179 ? 3.527   1.401   8.932   1.00 15.31 ? 266  ASP A OD2   1 
ATOM   1426 N N     . LEU A 1 180 ? 8.874   1.365   7.233   1.00 14.33 ? 267  LEU A N     1 
ATOM   1427 C CA    . LEU A 1 180 ? 9.796   0.520   6.456   1.00 14.31 ? 267  LEU A CA    1 
ATOM   1428 C C     . LEU A 1 180 ? 9.449   -0.953  6.758   1.00 14.07 ? 267  LEU A C     1 
ATOM   1429 O O     . LEU A 1 180 ? 9.643   -1.426  7.872   1.00 13.45 ? 267  LEU A O     1 
ATOM   1430 C CB    . LEU A 1 180 ? 11.260  0.815   6.821   1.00 14.42 ? 267  LEU A CB    1 
ATOM   1431 C CG    . LEU A 1 180 ? 12.288  -0.108  6.158   1.00 14.65 ? 267  LEU A CG    1 
ATOM   1432 C CD1   . LEU A 1 180 ? 12.257  -0.086  4.622   1.00 13.59 ? 267  LEU A CD1   1 
ATOM   1433 C CD2   . LEU A 1 180 ? 13.715  0.099   6.706   1.00 15.20 ? 267  LEU A CD2   1 
ATOM   1434 N N     . CYS A 1 181 ? 8.927   -1.655  5.755   1.00 14.73 ? 268  CYS A N     1 
ATOM   1435 C CA    . CYS A 1 181 ? 8.406   -3.007  5.976   1.00 15.04 ? 268  CYS A CA    1 
ATOM   1436 C C     . CYS A 1 181 ? 9.141   -4.060  5.162   1.00 14.70 ? 268  CYS A C     1 
ATOM   1437 O O     . CYS A 1 181 ? 9.546   -3.813  4.026   1.00 14.11 ? 268  CYS A O     1 
ATOM   1438 C CB    . CYS A 1 181 ? 6.925   -3.086  5.626   1.00 15.63 ? 268  CYS A CB    1 
ATOM   1439 S SG    . CYS A 1 181 ? 5.823   -2.096  6.624   1.00 15.05 ? 268  CYS A SG    1 
ATOM   1440 N N     . SER A 1 182 ? 9.274   -5.236  5.766   1.00 14.88 ? 269  SER A N     1 
ATOM   1441 C CA    . SER A 1 182 ? 9.761   -6.435  5.093   1.00 14.47 ? 269  SER A CA    1 
ATOM   1442 C C     . SER A 1 182 ? 8.622   -7.044  4.300   1.00 14.93 ? 269  SER A C     1 
ATOM   1443 O O     . SER A 1 182 ? 7.531   -7.215  4.831   1.00 14.21 ? 269  SER A O     1 
ATOM   1444 C CB    . SER A 1 182 ? 10.312  -7.424  6.122   1.00 15.20 ? 269  SER A CB    1 
ATOM   1445 O OG    . SER A 1 182 ? 10.690  -8.646  5.501   1.00 15.10 ? 269  SER A OG    1 
ATOM   1446 N N     . MET A 1 183 ? 8.853   -7.328  3.027   1.00 13.79 ? 270  MET A N     1 
ATOM   1447 C CA    . MET A 1 183 ? 7.863   -8.030  2.238   1.00 14.38 ? 270  MET A CA    1 
ATOM   1448 C C     . MET A 1 183 ? 7.742   -9.506  2.628   1.00 14.53 ? 270  MET A C     1 
ATOM   1449 O O     . MET A 1 183 ? 6.638   -10.098 2.492   1.00 14.14 ? 270  MET A O     1 
ATOM   1450 C CB    . MET A 1 183 ? 8.221   -7.971  0.762   1.00 14.17 ? 270  MET A CB    1 
ATOM   1451 C CG    . MET A 1 183 ? 8.020   -6.657  0.121   1.00 13.85 ? 270  MET A CG    1 
ATOM   1452 S SD    . MET A 1 183 ? 8.431   -6.802  -1.592  1.00 15.18 ? 270  MET A SD    1 
ATOM   1453 C CE    . MET A 1 183 ? 7.992   -5.122  -2.063  1.00 15.91 ? 270  MET A CE    1 
ATOM   1454 N N     . LEU A 1 184 ? 8.863   -10.090 3.088   1.00 15.11 ? 271  LEU A N     1 
ATOM   1455 C CA    . LEU A 1 184 ? 8.981   -11.556 3.273   1.00 15.78 ? 271  LEU A CA    1 
ATOM   1456 C C     . LEU A 1 184 ? 9.034   -12.136 4.678   1.00 16.99 ? 271  LEU A C     1 
ATOM   1457 O O     . LEU A 1 184 ? 8.804   -13.319 4.833   1.00 17.14 ? 271  LEU A O     1 
ATOM   1458 C CB    . LEU A 1 184 ? 10.146  -12.123 2.467   1.00 15.86 ? 271  LEU A CB    1 
ATOM   1459 C CG    . LEU A 1 184 ? 10.172  -11.688 1.006   1.00 14.65 ? 271  LEU A CG    1 
ATOM   1460 C CD1   . LEU A 1 184 ? 11.361  -12.299 0.353   1.00 14.99 ? 271  LEU A CD1   1 
ATOM   1461 C CD2   . LEU A 1 184 ? 8.834   -12.015 0.246   1.00 15.68 ? 271  LEU A CD2   1 
ATOM   1462 N N     . LYS A 1 185 ? 9.330   -11.330 5.699   1.00 17.65 ? 272  LYS A N     1 
ATOM   1463 C CA    . LYS A 1 185 ? 9.305   -11.841 7.071   1.00 19.09 ? 272  LYS A CA    1 
ATOM   1464 C C     . LYS A 1 185 ? 7.869   -12.032 7.557   1.00 19.31 ? 272  LYS A C     1 
ATOM   1465 O O     . LYS A 1 185 ? 6.927   -11.513 6.957   1.00 18.86 ? 272  LYS A O     1 
ATOM   1466 C CB    . LYS A 1 185 ? 10.050  -10.921 8.029   1.00 18.88 ? 272  LYS A CB    1 
ATOM   1467 C CG    . LYS A 1 185 ? 11.574  -10.897 7.862   1.00 20.79 ? 272  LYS A CG    1 
ATOM   1468 C CD    . LYS A 1 185 ? 12.142  -9.827  8.811   1.00 25.96 ? 272  LYS A CD    1 
ATOM   1469 C CE    . LYS A 1 185 ? 13.642  -9.876  8.900   1.00 27.71 ? 272  LYS A CE    1 
ATOM   1470 N NZ    . LYS A 1 185 ? 14.122  -8.834  9.866   1.00 27.89 ? 272  LYS A NZ    1 
ATOM   1471 N N     . LYS A 1 186 ? 7.722   -12.775 8.651   1.00 20.91 ? 273  LYS A N     1 
ATOM   1472 C CA    . LYS A 1 186 ? 6.418   -13.119 9.187   1.00 21.94 ? 273  LYS A CA    1 
ATOM   1473 C C     . LYS A 1 186 ? 5.703   -11.854 9.580   1.00 22.43 ? 273  LYS A C     1 
ATOM   1474 O O     . LYS A 1 186 ? 6.329   -10.934 10.109  1.00 21.79 ? 273  LYS A O     1 
ATOM   1475 C CB    . LYS A 1 186 ? 6.538   -14.043 10.407  1.00 22.64 ? 273  LYS A CB    1 
ATOM   1476 C CG    . LYS A 1 186 ? 6.652   -15.485 10.023  1.00 24.52 ? 273  LYS A CG    1 
ATOM   1477 C CD    . LYS A 1 186 ? 6.557   -16.427 11.230  1.00 26.25 ? 273  LYS A CD    1 
ATOM   1478 C CE    . LYS A 1 186 ? 7.271   -17.767 10.959  1.00 28.27 ? 273  LYS A CE    1 
ATOM   1479 N NZ    . LYS A 1 186 ? 6.645   -18.923 11.741  1.00 31.30 ? 273  LYS A NZ    1 
ATOM   1480 N N     . LYS A 1 187 ? 4.396   -11.820 9.340   1.00 22.83 ? 274  LYS A N     1 
ATOM   1481 C CA    . LYS A 1 187 ? 3.594   -10.655 9.681   1.00 23.91 ? 274  LYS A CA    1 
ATOM   1482 C C     . LYS A 1 187 ? 3.487   -10.489 11.186  1.00 23.58 ? 274  LYS A C     1 
ATOM   1483 O O     . LYS A 1 187 ? 3.664   -11.449 11.923  1.00 23.75 ? 274  LYS A O     1 
ATOM   1484 C CB    . LYS A 1 187 ? 2.206   -10.785 9.086   1.00 24.55 ? 274  LYS A CB    1 
ATOM   1485 C CG    . LYS A 1 187 ? 2.189   -10.777 7.592   1.00 27.80 ? 274  LYS A CG    1 
ATOM   1486 C CD    . LYS A 1 187 ? 1.294   -9.657  7.109   1.00 31.95 ? 274  LYS A CD    1 
ATOM   1487 C CE    . LYS A 1 187 ? 0.731   -9.954  5.730   1.00 31.90 ? 274  LYS A CE    1 
ATOM   1488 N NZ    . LYS A 1 187 ? 1.736   -10.693 4.919   1.00 33.84 ? 274  LYS A NZ    1 
ATOM   1489 N N     . GLN A 1 188 ? 3.206   -9.272  11.645  1.00 23.31 ? 275  GLN A N     1 
ATOM   1490 C CA    . GLN A 1 188 ? 2.829   -9.067  13.047  1.00 23.05 ? 275  GLN A CA    1 
ATOM   1491 C C     . GLN A 1 188 ? 1.524   -9.805  13.368  1.00 21.89 ? 275  GLN A C     1 
ATOM   1492 O O     . GLN A 1 188 ? 0.761   -10.115 12.456  1.00 21.40 ? 275  GLN A O     1 
ATOM   1493 C CB    . GLN A 1 188 ? 2.655   -7.583  13.338  1.00 22.82 ? 275  GLN A CB    1 
ATOM   1494 C CG    . GLN A 1 188 ? 3.946   -6.747  13.201  1.00 25.32 ? 275  GLN A CG    1 
ATOM   1495 C CD    . GLN A 1 188 ? 3.657   -5.242  13.165  1.00 25.54 ? 275  GLN A CD    1 
ATOM   1496 O OE1   . GLN A 1 188 ? 2.547   -4.792  13.487  1.00 29.84 ? 275  GLN A OE1   1 
ATOM   1497 N NE2   . GLN A 1 188 ? 4.660   -4.459  12.766  1.00 28.25 ? 275  GLN A NE2   1 
ATOM   1498 N N     . SER A 1 189 ? 1.279   -10.074 14.655  1.00 21.93 ? 276  SER A N     1 
ATOM   1499 C CA    . SER A 1 189 ? 0.043   -10.706 15.118  1.00 22.07 ? 276  SER A CA    1 
ATOM   1500 C C     . SER A 1 189 ? -1.226  -9.916  14.748  1.00 21.99 ? 276  SER A C     1 
ATOM   1501 O O     . SER A 1 189 ? -2.294  -10.500 14.567  1.00 22.07 ? 276  SER A O     1 
ATOM   1502 C CB    . SER A 1 189 ? 0.086   -10.970 16.622  1.00 22.74 ? 276  SER A CB    1 
ATOM   1503 O OG    . SER A 1 189 ? 0.492   -9.797  17.314  1.00 22.90 ? 276  SER A OG    1 
ATOM   1504 N N     . ASN A 1 190 ? -1.105  -8.601  14.603  1.00 21.40 ? 277  ASN A N     1 
ATOM   1505 C CA    . ASN A 1 190 ? -2.234  -7.792  14.169  1.00 20.68 ? 277  ASN A CA    1 
ATOM   1506 C C     . ASN A 1 190 ? -2.501  -7.837  12.633  1.00 19.27 ? 277  ASN A C     1 
ATOM   1507 O O     . ASN A 1 190 ? -3.442  -7.243  12.122  1.00 19.40 ? 277  ASN A O     1 
ATOM   1508 C CB    . ASN A 1 190 ? -2.101  -6.360  14.726  1.00 20.52 ? 277  ASN A CB    1 
ATOM   1509 C CG    . ASN A 1 190 ? -1.078  -5.530  13.963  1.00 20.25 ? 277  ASN A CG    1 
ATOM   1510 O OD1   . ASN A 1 190 ? -0.322  -6.060  13.164  1.00 20.55 ? 277  ASN A OD1   1 
ATOM   1511 N ND2   . ASN A 1 190 ? -1.086  -4.235  14.182  1.00 20.67 ? 277  ASN A ND2   1 
ATOM   1512 N N     . GLY A 1 191 ? -1.688  -8.588  11.911  1.00 18.55 ? 278  GLY A N     1 
ATOM   1513 C CA    . GLY A 1 191 ? -1.880  -8.753  10.473  1.00 17.85 ? 278  GLY A CA    1 
ATOM   1514 C C     . GLY A 1 191 ? -1.080  -7.806  9.606   1.00 17.64 ? 278  GLY A C     1 
ATOM   1515 O O     . GLY A 1 191 ? -1.052  -7.948  8.379   1.00 17.82 ? 278  GLY A O     1 
ATOM   1516 N N     . TYR A 1 192 ? -0.403  -6.848  10.218  1.00 17.73 ? 279  TYR A N     1 
ATOM   1517 C CA    . TYR A 1 192 ? 0.443   -5.928  9.432   1.00 17.27 ? 279  TYR A CA    1 
ATOM   1518 C C     . TYR A 1 192 ? 1.784   -6.569  9.115   1.00 17.11 ? 279  TYR A C     1 
ATOM   1519 O O     . TYR A 1 192 ? 2.190   -7.530  9.763   1.00 17.31 ? 279  TYR A O     1 
ATOM   1520 C CB    . TYR A 1 192 ? 0.620   -4.606  10.184  1.00 16.95 ? 279  TYR A CB    1 
ATOM   1521 C CG    . TYR A 1 192 ? 1.142   -3.452  9.368   1.00 16.26 ? 279  TYR A CG    1 
ATOM   1522 C CD1   . TYR A 1 192 ? 0.400   -2.957  8.301   1.00 16.98 ? 279  TYR A CD1   1 
ATOM   1523 C CD2   . TYR A 1 192 ? 2.348   -2.815  9.696   1.00 14.30 ? 279  TYR A CD2   1 
ATOM   1524 C CE1   . TYR A 1 192 ? 0.840   -1.906  7.561   1.00 17.63 ? 279  TYR A CE1   1 
ATOM   1525 C CE2   . TYR A 1 192 ? 2.801   -1.752  8.952   1.00 15.84 ? 279  TYR A CE2   1 
ATOM   1526 C CZ    . TYR A 1 192 ? 2.036   -1.295  7.887   1.00 15.93 ? 279  TYR A CZ    1 
ATOM   1527 O OH    . TYR A 1 192 ? 2.417   -0.201  7.124   1.00 17.15 ? 279  TYR A OH    1 
ATOM   1528 N N     . TYR A 1 193 ? 2.452   -6.059  8.095   1.00 17.58 ? 280  TYR A N     1 
ATOM   1529 C CA    . TYR A 1 193 ? 3.786   -6.517  7.734   1.00 17.49 ? 280  TYR A CA    1 
ATOM   1530 C C     . TYR A 1 193 ? 4.833   -6.282  8.827   1.00 17.46 ? 280  TYR A C     1 
ATOM   1531 O O     . TYR A 1 193 ? 4.678   -5.415  9.716   1.00 16.44 ? 280  TYR A O     1 
ATOM   1532 C CB    . TYR A 1 193 ? 4.229   -5.871  6.417   1.00 19.21 ? 280  TYR A CB    1 
ATOM   1533 C CG    . TYR A 1 193 ? 3.252   -6.183  5.310   1.00 20.41 ? 280  TYR A CG    1 
ATOM   1534 C CD1   . TYR A 1 193 ? 3.354   -7.355  4.571   1.00 22.70 ? 280  TYR A CD1   1 
ATOM   1535 C CD2   . TYR A 1 193 ? 2.185   -5.306  5.032   1.00 22.16 ? 280  TYR A CD2   1 
ATOM   1536 C CE1   . TYR A 1 193 ? 2.410   -7.644  3.541   1.00 23.21 ? 280  TYR A CE1   1 
ATOM   1537 C CE2   . TYR A 1 193 ? 1.247   -5.588  4.033   1.00 22.31 ? 280  TYR A CE2   1 
ATOM   1538 C CZ    . TYR A 1 193 ? 1.367   -6.737  3.283   1.00 23.96 ? 280  TYR A CZ    1 
ATOM   1539 O OH    . TYR A 1 193 ? 0.408   -6.989  2.311   1.00 23.21 ? 280  TYR A OH    1 
ATOM   1540 N N     . HIS A 1 194 ? 5.898   -7.065  8.750   1.00 17.53 ? 281  HIS A N     1 
ATOM   1541 C CA    . HIS A 1 194 ? 6.986   -6.893  9.666   1.00 17.54 ? 281  HIS A CA    1 
ATOM   1542 C C     . HIS A 1 194 ? 7.587   -5.518  9.403   1.00 17.40 ? 281  HIS A C     1 
ATOM   1543 O O     . HIS A 1 194 ? 7.983   -5.225  8.293   1.00 17.01 ? 281  HIS A O     1 
ATOM   1544 C CB    . HIS A 1 194 ? 8.006   -8.008  9.508   1.00 17.84 ? 281  HIS A CB    1 
ATOM   1545 C CG    . HIS A 1 194 ? 9.237   -7.794  10.319  1.00 18.94 ? 281  HIS A CG    1 
ATOM   1546 N ND1   . HIS A 1 194 ? 10.241  -6.930  9.930   1.00 20.22 ? 281  HIS A ND1   1 
ATOM   1547 C CD2   . HIS A 1 194 ? 9.624   -8.316  11.500  1.00 19.77 ? 281  HIS A CD2   1 
ATOM   1548 C CE1   . HIS A 1 194 ? 11.198  -6.938  10.837  1.00 21.25 ? 281  HIS A CE1   1 
ATOM   1549 N NE2   . HIS A 1 194 ? 10.845  -7.767  11.803  1.00 20.96 ? 281  HIS A NE2   1 
ATOM   1550 N N     . CYS A 1 195 ? 7.667   -4.727  10.473  1.00 17.87 ? 282  CYS A N     1 
ATOM   1551 C CA    A CYS A 1 195 ? 8.056   -3.342  10.403  0.50 17.88 ? 282  CYS A CA    1 
ATOM   1552 C CA    B CYS A 1 195 ? 8.047   -3.323  10.446  0.50 18.64 ? 282  CYS A CA    1 
ATOM   1553 C C     . CYS A 1 195 ? 9.435   -3.125  11.035  1.00 18.30 ? 282  CYS A C     1 
ATOM   1554 O O     . CYS A 1 195 ? 9.644   -3.302  12.241  1.00 18.68 ? 282  CYS A O     1 
ATOM   1555 C CB    A CYS A 1 195 ? 6.986   -2.498  11.096  0.50 18.22 ? 282  CYS A CB    1 
ATOM   1556 C CB    B CYS A 1 195 ? 7.073   -2.518  11.307  0.50 18.82 ? 282  CYS A CB    1 
ATOM   1557 S SG    A CYS A 1 195 ? 7.193   -0.732  10.941  0.50 17.85 ? 282  CYS A SG    1 
ATOM   1558 S SG    B CYS A 1 195 ? 5.710   -1.735  10.464  0.50 20.46 ? 282  CYS A SG    1 
ATOM   1559 N N     . GLU A 1 196 ? 10.381  -2.727  10.201  1.00 19.16 ? 283  GLU A N     1 
ATOM   1560 C CA    . GLU A 1 196 ? 11.686  -2.480  10.707  1.00 19.53 ? 283  GLU A CA    1 
ATOM   1561 C C     . GLU A 1 196 ? 11.732  -1.149  11.481  1.00 19.37 ? 283  GLU A C     1 
ATOM   1562 O O     . GLU A 1 196 ? 12.327  -1.069  12.571  1.00 18.64 ? 283  GLU A O     1 
ATOM   1563 C CB    . GLU A 1 196 ? 12.690  -2.482  9.566   1.00 20.40 ? 283  GLU A CB    1 
ATOM   1564 C CG    . GLU A 1 196 ? 14.097  -2.458  10.076  1.00 23.00 ? 283  GLU A CG    1 
ATOM   1565 C CD    . GLU A 1 196 ? 14.403  -3.693  10.920  1.00 25.58 ? 283  GLU A CD    1 
ATOM   1566 O OE1   . GLU A 1 196 ? 13.814  -4.774  10.621  1.00 26.53 ? 283  GLU A OE1   1 
ATOM   1567 O OE2   . GLU A 1 196 ? 15.220  -3.567  11.862  1.00 28.11 ? 283  GLU A OE2   1 
ATOM   1568 N N     . SER A 1 197 ? 11.132  -0.108  10.904  1.00 18.68 ? 284  SER A N     1 
ATOM   1569 C CA    . SER A 1 197 ? 11.120  1.205   11.531  1.00 18.38 ? 284  SER A CA    1 
ATOM   1570 C C     . SER A 1 197 ? 9.927   2.009   11.016  1.00 17.94 ? 284  SER A C     1 
ATOM   1571 O O     . SER A 1 197 ? 9.249   1.565   10.082  1.00 17.00 ? 284  SER A O     1 
ATOM   1572 C CB    . SER A 1 197 ? 12.458  1.938   11.347  1.00 18.22 ? 284  SER A CB    1 
ATOM   1573 O OG    . SER A 1 197 ? 12.874  1.958   9.990   1.00 18.57 ? 284  SER A OG    1 
ATOM   1574 N N     . SER A 1 198 ? 9.670   3.157   11.659  1.00 18.05 ? 285  SER A N     1 
ATOM   1575 C CA    . SER A 1 198 ? 8.543   4.024   11.340  1.00 18.45 ? 285  SER A CA    1 
ATOM   1576 C C     . SER A 1 198 ? 8.864   5.478   11.617  1.00 17.56 ? 285  SER A C     1 
ATOM   1577 O O     . SER A 1 198 ? 9.627   5.772   12.517  1.00 17.86 ? 285  SER A O     1 
ATOM   1578 C CB    . SER A 1 198 ? 7.301   3.649   12.163  1.00 19.13 ? 285  SER A CB    1 
ATOM   1579 O OG    . SER A 1 198 ? 6.968   2.273   11.982  1.00 20.94 ? 285  SER A OG    1 
ATOM   1580 N N     . ILE A 1 199 ? 8.241   6.382   10.858  1.00 17.58 ? 286  ILE A N     1 
ATOM   1581 C CA    . ILE A 1 199 ? 8.246   7.813   11.177  1.00 17.02 ? 286  ILE A CA    1 
ATOM   1582 C C     . ILE A 1 199 ? 6.806   8.323   11.201  1.00 17.50 ? 286  ILE A C     1 
ATOM   1583 O O     . ILE A 1 199 ? 5.918   7.778   10.518  1.00 17.06 ? 286  ILE A O     1 
ATOM   1584 C CB    . ILE A 1 199 ? 9.097   8.660   10.153  1.00 16.84 ? 286  ILE A CB    1 
ATOM   1585 C CG1   . ILE A 1 199 ? 8.599   8.409   8.715   1.00 15.92 ? 286  ILE A CG1   1 
ATOM   1586 C CG2   . ILE A 1 199 ? 10.609  8.367   10.346  1.00 16.16 ? 286  ILE A CG2   1 
ATOM   1587 C CD1   . ILE A 1 199 ? 9.212   9.279   7.611   1.00 15.73 ? 286  ILE A CD1   1 
ATOM   1588 N N     . VAL A 1 200 ? 6.585   9.386   11.963  1.00 17.92 ? 287  VAL A N     1 
ATOM   1589 C CA    . VAL A 1 200 ? 5.273   10.009  12.056  1.00 18.72 ? 287  VAL A CA    1 
ATOM   1590 C C     . VAL A 1 200 ? 5.162   11.134  11.043  1.00 18.63 ? 287  VAL A C     1 
ATOM   1591 O O     . VAL A 1 200 ? 6.125   11.866  10.780  1.00 17.90 ? 287  VAL A O     1 
ATOM   1592 C CB    . VAL A 1 200 ? 4.978   10.532  13.465  1.00 19.48 ? 287  VAL A CB    1 
ATOM   1593 C CG1   . VAL A 1 200 ? 3.562   11.195  13.546  1.00 21.30 ? 287  VAL A CG1   1 
ATOM   1594 C CG2   . VAL A 1 200 ? 5.049   9.403   14.433  1.00 20.40 ? 287  VAL A CG2   1 
ATOM   1595 N N     . ILE A 1 201 ? 3.970   11.225  10.451  1.00 19.09 ? 288  ILE A N     1 
ATOM   1596 C CA    . ILE A 1 201 ? 3.596   12.381  9.618   1.00 18.59 ? 288  ILE A CA    1 
ATOM   1597 C C     . ILE A 1 201 ? 2.375   13.124  10.222  1.00 19.34 ? 288  ILE A C     1 
ATOM   1598 O O     . ILE A 1 201 ? 1.487   12.498  10.823  1.00 18.91 ? 288  ILE A O     1 
ATOM   1599 C CB    . ILE A 1 201 ? 3.361   11.957  8.122   1.00 17.87 ? 288  ILE A CB    1 
ATOM   1600 C CG1   . ILE A 1 201 ? 4.545   11.108  7.599   1.00 16.74 ? 288  ILE A CG1   1 
ATOM   1601 C CG2   . ILE A 1 201 ? 3.099   13.189  7.233   1.00 18.03 ? 288  ILE A CG2   1 
ATOM   1602 C CD1   . ILE A 1 201 ? 5.899   11.895  7.405   1.00 15.83 ? 288  ILE A CD1   1 
ATOM   1603 N N     . GLY A 1 202 ? 2.360   14.447  10.101  1.00 20.41 ? 289  GLY A N     1 
ATOM   1604 C CA    . GLY A 1 202 ? 1.160   15.211  10.406  1.00 22.44 ? 289  GLY A CA    1 
ATOM   1605 C C     . GLY A 1 202 ? 0.855   15.536  11.873  1.00 24.04 ? 289  GLY A C     1 
ATOM   1606 O O     . GLY A 1 202 ? -0.279  15.880  12.211  1.00 24.08 ? 289  GLY A O     1 
ATOM   1607 N N     . GLU A 1 203 ? 1.849   15.439  12.746  1.00 25.18 ? 290  GLU A N     1 
ATOM   1608 C CA    . GLU A 1 203 ? 1.648   15.732  14.169  1.00 27.19 ? 290  GLU A CA    1 
ATOM   1609 C C     . GLU A 1 203 ? 2.681   16.727  14.662  1.00 27.21 ? 290  GLU A C     1 
ATOM   1610 O O     . GLU A 1 203 ? 3.782   16.845  14.110  1.00 27.90 ? 290  GLU A O     1 
ATOM   1611 C CB    . GLU A 1 203 ? 1.771   14.455  15.008  1.00 26.78 ? 290  GLU A CB    1 
ATOM   1612 C CG    . GLU A 1 203 ? 0.490   13.720  15.365  1.00 29.26 ? 290  GLU A CG    1 
ATOM   1613 C CD    . GLU A 1 203 ? 0.741   12.680  16.492  1.00 29.25 ? 290  GLU A CD    1 
ATOM   1614 O OE1   . GLU A 1 203 ? 1.851   12.685  17.097  1.00 32.29 ? 290  GLU A OE1   1 
ATOM   1615 O OE2   . GLU A 1 203 ? -0.167  11.854  16.781  1.00 31.47 ? 290  GLU A OE2   1 
ATOM   1616 N N     . LYS A 1 204 ? 2.310   17.432  15.715  1.00 28.04 ? 291  LYS A N     1 
ATOM   1617 C CA    . LYS A 1 204 ? 3.207   18.305  16.451  1.00 28.46 ? 291  LYS A CA    1 
ATOM   1618 C C     . LYS A 1 204 ? 4.370   17.469  16.997  1.00 29.72 ? 291  LYS A C     1 
ATOM   1619 O O     . LYS A 1 204 ? 4.179   16.318  17.390  1.00 30.02 ? 291  LYS A O     1 
ATOM   1620 C CB    . LYS A 1 204 ? 2.422   18.902  17.603  1.00 27.90 ? 291  LYS A CB    1 
ATOM   1621 C CG    . LYS A 1 204 ? 2.584   20.373  17.800  1.00 25.71 ? 291  LYS A CG    1 
ATOM   1622 C CD    . LYS A 1 204 ? 1.378   20.926  18.521  1.00 21.26 ? 291  LYS A CD    1 
ATOM   1623 C CE    . LYS A 1 204 ? 1.460   20.683  20.000  1.00 17.82 ? 291  LYS A CE    1 
ATOM   1624 N NZ    . LYS A 1 204 ? 0.367   21.331  20.754  1.00 14.72 ? 291  LYS A NZ    1 
ATOM   1625 N N     . ASP A 1 205 ? 5.571   18.041  17.005  1.00 31.04 ? 292  ASP A N     1 
ATOM   1626 C CA    . ASP A 1 205 ? 6.750   17.365  17.557  1.00 32.18 ? 292  ASP A CA    1 
ATOM   1627 C C     . ASP A 1 205 ? 7.075   17.906  18.949  1.00 32.12 ? 292  ASP A C     1 
ATOM   1628 O O     . ASP A 1 205 ? 6.192   18.030  19.808  1.00 32.46 ? 292  ASP A O     1 
ATOM   1629 C CB    . ASP A 1 205 ? 7.965   17.511  16.628  1.00 32.75 ? 292  ASP A CB    1 
ATOM   1630 C CG    . ASP A 1 205 ? 8.166   16.308  15.704  1.00 35.09 ? 292  ASP A CG    1 
ATOM   1631 O OD1   . ASP A 1 205 ? 7.180   15.633  15.312  1.00 38.19 ? 292  ASP A OD1   1 
ATOM   1632 O OD2   . ASP A 1 205 ? 9.339   16.046  15.342  1.00 36.46 ? 292  ASP A OD2   1 
HETATM 1633 O O3P   . C5P B 2 .   ? -0.728  -3.784  -2.294  1.00 27.47 ? 1293 C5P A O3P   1 
HETATM 1634 P P     . C5P B 2 .   ? 0.416   -3.770  -3.285  1.00 25.75 ? 1293 C5P A P     1 
HETATM 1635 O O1P   . C5P B 2 .   ? 1.147   -2.448  -3.455  1.00 24.78 ? 1293 C5P A O1P   1 
HETATM 1636 O O2P   . C5P B 2 .   ? 1.442   -4.786  -2.948  1.00 24.84 ? 1293 C5P A O2P   1 
HETATM 1637 O "O5'" . C5P B 2 .   ? -0.354  -4.191  -4.642  1.00 27.92 ? 1293 C5P A "O5'" 1 
HETATM 1638 C "C5'" . C5P B 2 .   ? -0.389  -5.500  -5.230  1.00 29.82 ? 1293 C5P A "C5'" 1 
HETATM 1639 C "C4'" . C5P B 2 .   ? 0.498   -5.179  -6.425  1.00 33.81 ? 1293 C5P A "C4'" 1 
HETATM 1640 O "O4'" . C5P B 2 .   ? -0.095  -4.992  -7.728  1.00 32.89 ? 1293 C5P A "O4'" 1 
HETATM 1641 C "C3'" . C5P B 2 .   ? 1.858   -5.890  -6.593  1.00 34.21 ? 1293 C5P A "C3'" 1 
HETATM 1642 O "O3'" . C5P B 2 .   ? 1.810   -7.272  -6.231  1.00 37.71 ? 1293 C5P A "O3'" 1 
HETATM 1643 C "C2'" . C5P B 2 .   ? 2.191   -5.601  -8.051  1.00 34.53 ? 1293 C5P A "C2'" 1 
HETATM 1644 O "O2'" . C5P B 2 .   ? 1.843   -6.726  -8.853  1.00 36.04 ? 1293 C5P A "O2'" 1 
HETATM 1645 C "C1'" . C5P B 2 .   ? 1.165   -4.481  -8.177  1.00 34.67 ? 1293 C5P A "C1'" 1 
HETATM 1646 N N1    . C5P B 2 .   ? 1.210   -3.394  -9.159  1.00 34.83 ? 1293 C5P A N1    1 
HETATM 1647 C C2    . C5P B 2 .   ? 0.814   -3.438  -10.530 1.00 34.42 ? 1293 C5P A C2    1 
HETATM 1648 N N3    . C5P B 2 .   ? 0.908   -2.297  -11.256 1.00 34.28 ? 1293 C5P A N3    1 
HETATM 1649 C C4    . C5P B 2 .   ? 1.346   -1.141  -10.685 1.00 34.17 ? 1293 C5P A C4    1 
HETATM 1650 C C5    . C5P B 2 .   ? 1.723   -1.094  -9.356  1.00 34.05 ? 1293 C5P A C5    1 
HETATM 1651 C C6    . C5P B 2 .   ? 1.635   -2.249  -8.607  1.00 33.21 ? 1293 C5P A C6    1 
HETATM 1652 O O2    . C5P B 2 .   ? 0.395   -4.490  -11.075 1.00 34.51 ? 1293 C5P A O2    1 
HETATM 1653 N N4    . C5P B 2 .   ? 1.437   -0.002  -11.393 1.00 34.95 ? 1293 C5P A N4    1 
HETATM 1654 O O     . HOH C 3 .   ? 13.762  -4.517  -13.574 1.00 26.39 ? 2001 HOH A O     1 
HETATM 1655 O O     . HOH C 3 .   ? 16.709  -8.960  -8.012  1.00 16.42 ? 2002 HOH A O     1 
HETATM 1656 O O     . HOH C 3 .   ? -1.180  6.823   7.162   1.00 20.09 ? 2003 HOH A O     1 
HETATM 1657 O O     . HOH C 3 .   ? -9.046  -19.533 -2.169  1.00 12.14 ? 2004 HOH A O     1 
HETATM 1658 O O     . HOH C 3 .   ? -2.378  -10.002 3.496   1.00 21.94 ? 2005 HOH A O     1 
HETATM 1659 O O     . HOH C 3 .   ? 0.713   1.967   -4.234  1.00 9.71  ? 2006 HOH A O     1 
HETATM 1660 O O     . HOH C 3 .   ? 26.523  -0.088  7.672   1.00 29.07 ? 2007 HOH A O     1 
HETATM 1661 O O     . HOH C 3 .   ? 10.877  20.082  7.085   1.00 17.25 ? 2008 HOH A O     1 
HETATM 1662 O O     . HOH C 3 .   ? 5.841   14.434  10.714  1.00 30.36 ? 2009 HOH A O     1 
HETATM 1663 O O     . HOH C 3 .   ? 3.480   19.599  6.321   1.00 17.74 ? 2010 HOH A O     1 
HETATM 1664 O O     . HOH C 3 .   ? 11.300  18.481  0.221   1.00 22.04 ? 2011 HOH A O     1 
HETATM 1665 O O     . HOH C 3 .   ? 1.523   23.761  10.056  1.00 4.03  ? 2012 HOH A O     1 
HETATM 1666 O O     . HOH C 3 .   ? 1.438   16.484  7.367   1.00 12.50 ? 2013 HOH A O     1 
HETATM 1667 O O     . HOH C 3 .   ? -4.513  20.489  8.541   1.00 11.54 ? 2014 HOH A O     1 
HETATM 1668 O O     . HOH C 3 .   ? -0.376  14.392  6.232   1.00 9.28  ? 2015 HOH A O     1 
HETATM 1669 O O     . HOH C 3 .   ? -4.832  16.822  0.702   1.00 7.58  ? 2016 HOH A O     1 
HETATM 1670 O O     . HOH C 3 .   ? -6.912  -20.988 -3.464  1.00 17.44 ? 2017 HOH A O     1 
HETATM 1671 O O     . HOH C 3 .   ? -9.125  7.371   -8.987  1.00 22.91 ? 2018 HOH A O     1 
HETATM 1672 O O     . HOH C 3 .   ? -0.321  10.118  -6.828  1.00 24.60 ? 2019 HOH A O     1 
HETATM 1673 O O     . HOH C 3 .   ? 7.020   9.266   -8.176  1.00 25.65 ? 2020 HOH A O     1 
HETATM 1674 O O     . HOH C 3 .   ? -0.218  0.192   -2.914  1.00 5.94  ? 2021 HOH A O     1 
HETATM 1675 O O     . HOH C 3 .   ? -3.428  -3.383  0.921   1.00 7.87  ? 2022 HOH A O     1 
HETATM 1676 O O     . HOH C 3 .   ? -2.404  -11.195 -9.101  1.00 15.87 ? 2023 HOH A O     1 
HETATM 1677 O O     . HOH C 3 .   ? -4.060  -21.357 -3.922  1.00 14.94 ? 2024 HOH A O     1 
HETATM 1678 O O     . HOH C 3 .   ? -3.980  -18.042 -9.631  1.00 22.28 ? 2025 HOH A O     1 
HETATM 1679 O O     . HOH C 3 .   ? -5.587  -16.895 -11.712 1.00 19.70 ? 2026 HOH A O     1 
HETATM 1680 O O     . HOH C 3 .   ? -11.851 -7.392  -12.738 1.00 18.54 ? 2027 HOH A O     1 
HETATM 1681 O O     . HOH C 3 .   ? -13.842 -13.961 -10.411 1.00 11.79 ? 2028 HOH A O     1 
HETATM 1682 O O     . HOH C 3 .   ? -18.068 -3.866  -11.483 1.00 12.50 ? 2029 HOH A O     1 
HETATM 1683 O O     . HOH C 3 .   ? -21.508 -6.669  -6.070  1.00 14.61 ? 2030 HOH A O     1 
HETATM 1684 O O     . HOH C 3 .   ? -18.678 7.126   -8.516  1.00 29.57 ? 2031 HOH A O     1 
HETATM 1685 O O     . HOH C 3 .   ? -10.577 13.760  6.361   1.00 27.41 ? 2032 HOH A O     1 
HETATM 1686 O O     . HOH C 3 .   ? -4.630  9.988   10.138  1.00 25.58 ? 2033 HOH A O     1 
HETATM 1687 O O     . HOH C 3 .   ? 10.194  -13.583 10.400  1.00 26.95 ? 2034 HOH A O     1 
HETATM 1688 O O     . HOH C 3 .   ? 6.111   -8.895  6.706   1.00 7.23  ? 2035 HOH A O     1 
HETATM 1689 O O     . HOH C 3 .   ? 2.636   -1.645  -5.704  1.00 24.80 ? 2036 HOH A O     1 
# 
